data_7FE3
#
_entry.id   7FE3
#
_cell.length_a   122.830
_cell.length_b   193.970
_cell.length_c   111.735
_cell.angle_alpha   90.000
_cell.angle_beta   116.601
_cell.angle_gamma   90.000
#
_symmetry.space_group_name_H-M   'C 1 2 1'
#
loop_
_entity.id
_entity.type
_entity.pdbx_description
1 polymer 'Candidate alpha glycoside phosphorylase Glycoside hydrolase family 65'
2 non-polymer 1,2-ETHANEDIOL
3 water water
#
_entity_poly.entity_id   1
_entity_poly.type   'polypeptide(L)'
_entity_poly.pdbx_seq_one_letter_code
;MGSSHHHHHHSSGLVPRGSHQDPWKLSADKPDSNNYYGETVANGMIGIISSPEPLKVKEVVLAGTYDIYKRGRVSSFIPN
YNLLNMKLAFNGESVQTYNINNYKQELDMRNGAFTGSFQFKDLATVTYSYYALRHLPHCIMMVVNINTQKDTEINVENLL
ETPSSLNNQQNYFQNITNTHVNIPLLTSVAFTPTGRSKIAVSNTFLFDEGKKLQPEILHRMNDADMHAMSFDKKIKAGKT
YSFALIGSLISSDHINDPYNEAERLTIYAALEGKSRLLNRHMQEWNSLWQSDIQVEGDPQAQQDIRSMLYHLYSFTRKST
SLSPSPMGLSGLGYNGHVFWDTEIWMFPPMLLLHPEIAKSMIEYRYQRLDAARKKAAIYGYDGAMFPWESADSGAEETPV
NALTGAFEHHVTGDVAIAAWQYYLVTGDKEWLKEKGWPILKATAEFWASRVEKNDKGEYEIKNVVAADEWAENIDNNAYT
NGTAIRNLQYASKCATVLGVIAPKEWTLIADKILISKMSNGVTREHDSYTDQNIKQADANLLAYPLKLITDKEQIERDLK
YYQTKIPQSDTPAMTQAIFSLLYSRLEDSDQAYHWFKDAYQPNLNPPFRVISECKGGTNPYFSTGAGGVLQAVIMGFGGL
DIDAAGGIKQVKSVLPKNWKKLTITGIGIEKKTFVLTH
;
_entity_poly.pdbx_strand_id   A,B,C
#
# COMPACT_ATOMS: atom_id res chain seq x y z
N HIS A 20 -45.02 16.24 -21.96
CA HIS A 20 -43.75 15.60 -21.52
C HIS A 20 -43.13 16.42 -20.37
N GLN A 21 -43.95 17.05 -19.51
CA GLN A 21 -43.51 17.94 -18.39
C GLN A 21 -44.04 17.44 -17.05
N ASP A 22 -44.10 16.13 -16.89
CA ASP A 22 -44.27 15.44 -15.59
C ASP A 22 -43.12 15.88 -14.70
N PRO A 23 -43.39 16.29 -13.43
CA PRO A 23 -42.33 16.81 -12.57
C PRO A 23 -41.37 15.71 -12.06
N TRP A 24 -41.70 14.43 -12.28
CA TRP A 24 -40.88 13.29 -11.78
C TRP A 24 -40.38 12.41 -12.94
N LYS A 25 -40.90 12.56 -14.14
CA LYS A 25 -40.62 11.60 -15.25
C LYS A 25 -40.20 12.36 -16.50
N LEU A 26 -39.12 11.91 -17.13
CA LEU A 26 -38.75 12.41 -18.48
C LEU A 26 -39.25 11.36 -19.47
N SER A 27 -39.94 11.75 -20.54
N SER A 27 -39.93 11.79 -20.53
CA SER A 27 -40.57 10.79 -21.47
CA SER A 27 -40.64 10.89 -21.49
C SER A 27 -40.29 11.19 -22.92
C SER A 27 -40.20 11.20 -22.93
N ALA A 28 -40.14 10.17 -23.78
CA ALA A 28 -39.86 10.33 -25.23
C ALA A 28 -40.76 9.34 -25.96
N ASP A 29 -41.59 9.82 -26.87
CA ASP A 29 -42.40 8.96 -27.78
C ASP A 29 -41.57 8.66 -29.03
N LYS A 30 -41.60 7.43 -29.51
CA LYS A 30 -40.93 6.99 -30.76
C LYS A 30 -39.56 7.65 -30.87
N PRO A 31 -38.61 7.24 -30.02
CA PRO A 31 -37.22 7.68 -30.15
C PRO A 31 -36.73 7.77 -31.61
N ASP A 32 -36.14 8.90 -31.99
CA ASP A 32 -35.56 9.15 -33.33
C ASP A 32 -34.05 8.96 -33.22
N SER A 33 -33.52 7.83 -33.71
CA SER A 33 -32.08 7.48 -33.61
C SER A 33 -31.21 8.52 -34.32
N ASN A 34 -31.77 9.30 -35.26
CA ASN A 34 -30.98 10.34 -35.99
C ASN A 34 -30.82 11.61 -35.14
N ASN A 35 -31.50 11.69 -33.99
CA ASN A 35 -31.49 12.92 -33.14
C ASN A 35 -31.81 12.53 -31.70
N TYR A 36 -30.96 11.70 -31.11
CA TYR A 36 -31.22 11.07 -29.80
C TYR A 36 -29.97 11.11 -28.96
N TYR A 37 -30.10 11.68 -27.76
CA TYR A 37 -29.04 11.69 -26.72
C TYR A 37 -29.62 10.94 -25.52
N GLY A 38 -29.06 9.74 -25.26
CA GLY A 38 -29.57 8.85 -24.22
C GLY A 38 -29.47 9.46 -22.83
N GLU A 39 -30.35 8.99 -21.95
CA GLU A 39 -30.36 9.36 -20.53
C GLU A 39 -29.62 8.27 -19.73
N THR A 40 -29.24 8.60 -18.52
CA THR A 40 -28.40 7.72 -17.67
C THR A 40 -29.20 7.29 -16.46
N VAL A 41 -29.11 6.02 -16.09
CA VAL A 41 -29.43 5.57 -14.72
C VAL A 41 -28.11 5.14 -14.09
N ALA A 42 -27.90 5.50 -12.83
CA ALA A 42 -26.61 5.25 -12.17
C ALA A 42 -26.80 5.21 -10.67
N ASN A 43 -25.87 4.56 -9.98
CA ASN A 43 -25.90 4.43 -8.52
C ASN A 43 -24.60 5.00 -7.95
N GLY A 44 -23.86 5.85 -8.70
CA GLY A 44 -22.58 6.39 -8.26
C GLY A 44 -21.42 5.44 -8.54
N MET A 45 -21.72 4.21 -9.00
CA MET A 45 -20.68 3.22 -9.32
C MET A 45 -20.80 2.80 -10.79
N ILE A 46 -21.99 2.42 -11.21
CA ILE A 46 -22.25 2.05 -12.62
C ILE A 46 -23.21 3.06 -13.20
N GLY A 47 -22.90 3.49 -14.42
CA GLY A 47 -23.82 4.28 -15.24
C GLY A 47 -24.20 3.51 -16.49
N ILE A 48 -25.49 3.52 -16.82
CA ILE A 48 -26.06 2.89 -18.03
C ILE A 48 -26.77 3.96 -18.83
N ILE A 49 -26.32 4.15 -20.06
CA ILE A 49 -26.83 5.21 -20.94
C ILE A 49 -27.73 4.57 -21.99
N SER A 50 -28.91 5.17 -22.19
CA SER A 50 -29.98 4.53 -22.99
C SER A 50 -29.65 4.57 -24.49
N SER A 51 -30.18 3.58 -25.18
CA SER A 51 -30.21 3.42 -26.64
C SER A 51 -31.62 3.77 -27.13
N PRO A 52 -31.75 4.33 -28.34
CA PRO A 52 -33.07 4.51 -28.92
C PRO A 52 -33.71 3.16 -29.30
N GLU A 53 -32.87 2.12 -29.41
CA GLU A 53 -33.33 0.76 -29.81
C GLU A 53 -33.92 0.06 -28.60
N PRO A 54 -35.06 -0.66 -28.75
CA PRO A 54 -35.67 -1.36 -27.63
C PRO A 54 -34.75 -2.47 -27.11
N LEU A 55 -34.70 -2.65 -25.79
CA LEU A 55 -34.03 -3.76 -25.07
C LEU A 55 -32.51 -3.70 -25.29
N LYS A 56 -31.97 -2.53 -25.62
CA LYS A 56 -30.51 -2.33 -25.76
C LYS A 56 -30.09 -1.17 -24.88
N VAL A 57 -28.81 -1.12 -24.53
CA VAL A 57 -28.24 0.08 -23.89
C VAL A 57 -27.07 0.55 -24.77
N LYS A 58 -26.77 1.84 -24.72
CA LYS A 58 -25.77 2.41 -25.64
C LYS A 58 -24.39 2.22 -25.02
N GLU A 59 -24.23 2.55 -23.74
CA GLU A 59 -22.89 2.55 -23.11
C GLU A 59 -23.09 2.28 -21.63
N VAL A 60 -22.10 1.62 -21.05
CA VAL A 60 -22.01 1.30 -19.60
C VAL A 60 -20.63 1.73 -19.14
N VAL A 61 -20.59 2.47 -18.03
CA VAL A 61 -19.35 3.04 -17.44
C VAL A 61 -19.28 2.60 -15.99
N LEU A 62 -18.10 2.10 -15.62
CA LEU A 62 -17.82 1.75 -14.22
C LEU A 62 -16.90 2.81 -13.62
N ALA A 63 -17.34 3.45 -12.53
CA ALA A 63 -16.51 4.39 -11.76
C ALA A 63 -15.23 3.71 -11.25
N GLY A 64 -14.15 4.48 -11.12
CA GLY A 64 -12.89 4.06 -10.48
C GLY A 64 -12.04 3.13 -11.34
N THR A 65 -12.48 2.82 -12.55
CA THR A 65 -11.68 1.98 -13.48
C THR A 65 -11.11 2.88 -14.58
N TYR A 66 -9.81 3.05 -14.56
CA TYR A 66 -9.11 3.95 -15.50
C TYR A 66 -7.98 3.20 -16.17
N ASP A 67 -7.80 3.46 -17.47
CA ASP A 67 -6.61 2.96 -18.20
C ASP A 67 -6.36 3.90 -19.36
N ILE A 68 -5.16 3.84 -19.92
CA ILE A 68 -4.85 4.57 -21.17
C ILE A 68 -5.80 4.10 -22.27
N TYR A 69 -6.47 5.05 -22.90
CA TYR A 69 -7.54 4.81 -23.87
C TYR A 69 -7.92 6.15 -24.53
N LYS A 70 -7.82 6.15 -25.83
CA LYS A 70 -8.19 7.23 -26.77
C LYS A 70 -7.73 8.60 -26.25
N ARG A 71 -8.69 9.48 -26.04
CA ARG A 71 -8.43 10.93 -25.82
C ARG A 71 -7.30 11.20 -24.82
N GLY A 72 -6.36 12.05 -25.20
CA GLY A 72 -5.50 12.74 -24.24
C GLY A 72 -4.27 11.94 -23.88
N ARG A 73 -4.18 10.66 -24.28
CA ARG A 73 -2.99 9.81 -24.03
C ARG A 73 -2.79 9.61 -22.51
N VAL A 74 -3.84 9.82 -21.74
CA VAL A 74 -3.83 9.69 -20.26
C VAL A 74 -4.91 8.72 -19.86
N SER A 75 -4.99 8.42 -18.57
CA SER A 75 -5.97 7.44 -18.07
C SER A 75 -7.37 7.90 -18.44
N SER A 76 -8.29 6.96 -18.59
CA SER A 76 -9.68 7.25 -18.97
C SER A 76 -10.59 6.20 -18.39
N PHE A 77 -11.83 6.58 -18.19
CA PHE A 77 -12.95 5.64 -18.11
C PHE A 77 -12.95 4.85 -19.42
N ILE A 78 -13.48 3.65 -19.33
CA ILE A 78 -13.45 2.65 -20.40
C ILE A 78 -14.87 2.24 -20.72
N PRO A 79 -15.31 2.27 -22.00
CA PRO A 79 -16.61 1.71 -22.33
C PRO A 79 -16.65 0.24 -21.88
N ASN A 80 -17.73 -0.15 -21.21
CA ASN A 80 -17.77 -1.48 -20.56
C ASN A 80 -18.83 -2.34 -21.22
N TYR A 81 -19.06 -3.53 -20.68
CA TYR A 81 -20.04 -4.46 -21.24
C TYR A 81 -21.44 -3.84 -21.22
N ASN A 82 -22.11 -3.86 -22.38
CA ASN A 82 -23.52 -3.45 -22.54
C ASN A 82 -24.35 -4.63 -22.03
N LEU A 83 -24.32 -4.85 -20.73
CA LEU A 83 -24.60 -6.20 -20.15
C LEU A 83 -26.11 -6.49 -20.23
N LEU A 84 -26.95 -5.48 -20.46
CA LEU A 84 -28.43 -5.68 -20.50
C LEU A 84 -28.92 -6.03 -21.90
N ASN A 85 -28.06 -6.00 -22.90
CA ASN A 85 -28.47 -6.17 -24.31
C ASN A 85 -29.25 -7.48 -24.47
N MET A 86 -30.44 -7.36 -25.05
N MET A 86 -30.47 -7.37 -24.98
CA MET A 86 -31.41 -8.46 -25.16
CA MET A 86 -31.38 -8.55 -25.13
C MET A 86 -31.95 -8.51 -26.59
C MET A 86 -32.07 -8.51 -26.50
N LYS A 87 -32.29 -9.71 -27.06
CA LYS A 87 -33.02 -9.93 -28.34
C LYS A 87 -34.29 -10.69 -27.98
N LEU A 88 -35.43 -10.19 -28.44
CA LEU A 88 -36.76 -10.81 -28.18
C LEU A 88 -37.35 -11.17 -29.54
N ALA A 89 -37.84 -12.41 -29.67
CA ALA A 89 -38.56 -12.89 -30.87
C ALA A 89 -39.90 -13.49 -30.44
N PHE A 90 -40.92 -13.33 -31.29
CA PHE A 90 -42.25 -13.99 -31.15
C PHE A 90 -42.39 -15.00 -32.30
N ASN A 91 -42.49 -16.30 -32.00
CA ASN A 91 -42.58 -17.38 -33.01
C ASN A 91 -41.46 -17.21 -34.04
N GLY A 92 -40.24 -16.90 -33.60
CA GLY A 92 -39.04 -16.84 -34.47
C GLY A 92 -38.88 -15.49 -35.15
N GLU A 93 -39.81 -14.56 -34.95
CA GLU A 93 -39.77 -13.21 -35.56
C GLU A 93 -39.21 -12.21 -34.56
N SER A 94 -37.98 -11.75 -34.80
CA SER A 94 -37.24 -10.80 -33.93
C SER A 94 -37.93 -9.44 -33.95
N VAL A 95 -38.02 -8.82 -32.78
CA VAL A 95 -38.50 -7.42 -32.58
C VAL A 95 -37.57 -6.48 -33.35
N GLN A 96 -38.13 -5.67 -34.24
CA GLN A 96 -37.42 -4.62 -35.01
C GLN A 96 -38.23 -3.33 -34.95
N THR A 97 -37.68 -2.22 -35.44
CA THR A 97 -38.38 -0.92 -35.62
C THR A 97 -39.66 -1.17 -36.43
N TYR A 98 -39.53 -1.88 -37.56
CA TYR A 98 -40.57 -1.98 -38.61
C TYR A 98 -41.77 -2.82 -38.12
N ASN A 99 -41.66 -3.56 -37.01
CA ASN A 99 -42.77 -4.43 -36.57
C ASN A 99 -43.24 -4.10 -35.15
N ILE A 100 -42.83 -2.97 -34.58
CA ILE A 100 -43.40 -2.48 -33.29
C ILE A 100 -44.14 -1.16 -33.52
N ASN A 101 -44.96 -0.77 -32.55
CA ASN A 101 -45.72 0.50 -32.56
C ASN A 101 -45.95 0.93 -31.11
N ASN A 102 -46.40 2.18 -30.91
CA ASN A 102 -46.61 2.85 -29.59
C ASN A 102 -45.36 2.68 -28.72
N TYR A 103 -44.18 2.74 -29.35
CA TYR A 103 -42.87 2.62 -28.67
C TYR A 103 -42.62 3.93 -27.92
N LYS A 104 -42.43 3.83 -26.59
CA LYS A 104 -42.19 4.98 -25.68
C LYS A 104 -41.01 4.65 -24.76
N GLN A 105 -40.26 5.67 -24.35
CA GLN A 105 -39.28 5.54 -23.25
C GLN A 105 -39.64 6.53 -22.15
N GLU A 106 -39.31 6.16 -20.93
CA GLU A 106 -39.53 7.02 -19.75
C GLU A 106 -38.40 6.81 -18.75
N LEU A 107 -37.89 7.91 -18.21
CA LEU A 107 -37.03 7.89 -17.02
C LEU A 107 -37.84 8.39 -15.84
N ASP A 108 -38.00 7.53 -14.84
CA ASP A 108 -38.64 7.89 -13.56
C ASP A 108 -37.54 8.34 -12.63
N MET A 109 -37.46 9.63 -12.42
CA MET A 109 -36.42 10.26 -11.58
C MET A 109 -36.61 9.89 -10.11
N ARG A 110 -37.81 9.45 -9.68
CA ARG A 110 -38.02 9.07 -8.27
C ARG A 110 -37.14 7.89 -7.92
N ASN A 111 -36.92 6.97 -8.87
CA ASN A 111 -36.15 5.74 -8.53
C ASN A 111 -35.14 5.39 -9.62
N GLY A 112 -34.81 6.31 -10.53
CA GLY A 112 -33.85 6.01 -11.60
C GLY A 112 -34.23 4.77 -12.40
N ALA A 113 -35.51 4.58 -12.67
CA ALA A 113 -35.99 3.48 -13.53
C ALA A 113 -36.08 3.97 -14.96
N PHE A 114 -35.41 3.30 -15.88
CA PHE A 114 -35.52 3.62 -17.31
C PHE A 114 -36.43 2.55 -17.89
N THR A 115 -37.56 2.97 -18.46
CA THR A 115 -38.57 2.03 -18.98
C THR A 115 -38.79 2.24 -20.46
N GLY A 116 -38.80 1.15 -21.21
CA GLY A 116 -39.31 1.15 -22.60
C GLY A 116 -40.59 0.33 -22.66
N SER A 117 -41.50 0.70 -23.56
CA SER A 117 -42.75 -0.05 -23.75
C SER A 117 -43.17 0.04 -25.21
N PHE A 118 -43.72 -1.04 -25.74
CA PHE A 118 -44.08 -1.14 -27.17
C PHE A 118 -45.05 -2.30 -27.36
N GLN A 119 -45.79 -2.22 -28.45
CA GLN A 119 -46.67 -3.31 -28.91
C GLN A 119 -45.96 -3.98 -30.07
N PHE A 120 -45.86 -5.30 -30.02
CA PHE A 120 -45.34 -6.11 -31.15
C PHE A 120 -46.55 -6.42 -32.03
N LYS A 121 -46.57 -5.85 -33.24
CA LYS A 121 -47.69 -5.94 -34.21
C LYS A 121 -48.98 -5.64 -33.45
N ASP A 122 -49.95 -6.55 -33.50
CA ASP A 122 -51.23 -6.52 -32.75
C ASP A 122 -51.25 -7.69 -31.78
N LEU A 123 -50.10 -8.31 -31.52
CA LEU A 123 -50.00 -9.62 -30.82
C LEU A 123 -49.76 -9.41 -29.32
N ALA A 124 -48.82 -8.55 -28.95
CA ALA A 124 -48.33 -8.52 -27.56
C ALA A 124 -47.83 -7.12 -27.18
N THR A 125 -47.95 -6.80 -25.89
CA THR A 125 -47.34 -5.59 -25.26
C THR A 125 -46.13 -6.04 -24.44
N VAL A 126 -45.05 -5.27 -24.53
CA VAL A 126 -43.75 -5.52 -23.85
C VAL A 126 -43.40 -4.26 -23.09
N THR A 127 -43.11 -4.38 -21.80
CA THR A 127 -42.45 -3.32 -20.99
C THR A 127 -41.13 -3.90 -20.45
N TYR A 128 -40.10 -3.06 -20.39
CA TYR A 128 -38.81 -3.40 -19.75
C TYR A 128 -38.37 -2.18 -18.95
N SER A 129 -38.05 -2.39 -17.67
CA SER A 129 -37.51 -1.34 -16.78
C SER A 129 -36.15 -1.81 -16.31
N TYR A 130 -35.15 -0.94 -16.32
CA TYR A 130 -33.82 -1.30 -15.77
C TYR A 130 -33.37 -0.23 -14.78
N TYR A 131 -32.46 -0.68 -13.94
CA TYR A 131 -32.06 -0.03 -12.68
C TYR A 131 -30.57 -0.28 -12.44
N ALA A 132 -29.84 0.73 -12.00
CA ALA A 132 -28.52 0.61 -11.35
C ALA A 132 -28.80 0.53 -9.84
N LEU A 133 -28.78 -0.67 -9.28
CA LEU A 133 -29.43 -0.88 -7.97
C LEU A 133 -28.75 0.06 -6.97
N ARG A 134 -29.55 0.80 -6.21
CA ARG A 134 -29.00 1.93 -5.43
C ARG A 134 -28.22 1.40 -4.22
N HIS A 135 -28.61 0.26 -3.66
CA HIS A 135 -27.89 -0.29 -2.50
C HIS A 135 -26.75 -1.23 -2.86
N LEU A 136 -26.71 -1.78 -4.10
CA LEU A 136 -25.67 -2.74 -4.53
C LEU A 136 -24.89 -2.06 -5.64
N PRO A 137 -23.73 -1.46 -5.31
CA PRO A 137 -23.02 -0.59 -6.24
C PRO A 137 -22.67 -1.30 -7.55
N HIS A 138 -22.40 -2.62 -7.48
CA HIS A 138 -21.98 -3.38 -8.68
C HIS A 138 -23.12 -4.18 -9.33
N CYS A 139 -24.38 -3.96 -8.98
CA CYS A 139 -25.50 -4.80 -9.50
C CYS A 139 -26.52 -3.96 -10.29
N ILE A 140 -26.94 -4.50 -11.42
CA ILE A 140 -27.94 -3.95 -12.37
C ILE A 140 -29.10 -4.94 -12.43
N MET A 141 -30.32 -4.46 -12.67
CA MET A 141 -31.44 -5.38 -12.94
C MET A 141 -32.32 -4.80 -14.06
N MET A 142 -32.75 -5.67 -14.97
CA MET A 142 -33.81 -5.31 -15.92
C MET A 142 -34.98 -6.27 -15.71
N VAL A 143 -36.18 -5.73 -15.58
CA VAL A 143 -37.42 -6.53 -15.42
C VAL A 143 -38.23 -6.42 -16.72
N VAL A 144 -38.63 -7.56 -17.29
CA VAL A 144 -39.34 -7.61 -18.59
C VAL A 144 -40.72 -8.21 -18.33
N ASN A 145 -41.75 -7.57 -18.86
CA ASN A 145 -43.15 -8.07 -18.77
C ASN A 145 -43.75 -8.12 -20.18
N ILE A 146 -44.32 -9.28 -20.54
CA ILE A 146 -44.87 -9.55 -21.89
C ILE A 146 -46.31 -10.01 -21.71
N ASN A 147 -47.25 -9.30 -22.31
CA ASN A 147 -48.68 -9.68 -22.26
C ASN A 147 -49.09 -9.98 -23.70
N THR A 148 -49.57 -11.19 -23.95
CA THR A 148 -49.96 -11.66 -25.31
C THR A 148 -51.48 -11.79 -25.35
N GLN A 149 -52.06 -11.49 -26.51
CA GLN A 149 -53.54 -11.53 -26.74
C GLN A 149 -53.88 -12.90 -27.36
N LYS A 150 -52.87 -13.64 -27.83
CA LYS A 150 -53.02 -15.01 -28.36
C LYS A 150 -51.89 -15.88 -27.79
N ASP A 151 -52.11 -17.19 -27.73
CA ASP A 151 -51.04 -18.18 -27.42
C ASP A 151 -49.83 -17.84 -28.30
N THR A 152 -48.62 -17.85 -27.75
CA THR A 152 -47.41 -17.42 -28.49
C THR A 152 -46.18 -18.04 -27.82
N GLU A 153 -45.08 -18.12 -28.56
CA GLU A 153 -43.78 -18.54 -28.00
C GLU A 153 -42.79 -17.37 -28.13
N ILE A 154 -42.17 -16.98 -27.02
CA ILE A 154 -41.08 -15.98 -27.06
C ILE A 154 -39.74 -16.70 -27.11
N ASN A 155 -38.79 -16.14 -27.85
CA ASN A 155 -37.37 -16.52 -27.68
C ASN A 155 -36.67 -15.29 -27.11
N VAL A 156 -35.92 -15.50 -26.03
CA VAL A 156 -35.20 -14.39 -25.34
C VAL A 156 -33.72 -14.72 -25.38
N GLU A 157 -32.90 -13.74 -25.77
CA GLU A 157 -31.44 -13.89 -25.75
C GLU A 157 -30.83 -12.72 -24.97
N ASN A 158 -29.92 -12.98 -24.04
CA ASN A 158 -29.05 -11.94 -23.42
C ASN A 158 -27.65 -12.13 -23.99
N LEU A 159 -27.10 -11.06 -24.57
CA LEU A 159 -25.79 -11.05 -25.26
C LEU A 159 -24.78 -10.37 -24.36
N LEU A 160 -23.63 -11.00 -24.19
CA LEU A 160 -22.46 -10.34 -23.56
C LEU A 160 -21.42 -10.16 -24.65
N GLU A 161 -21.44 -8.97 -25.26
CA GLU A 161 -20.46 -8.58 -26.31
C GLU A 161 -19.30 -7.85 -25.64
N THR A 162 -18.07 -8.36 -25.85
CA THR A 162 -16.89 -7.66 -25.33
C THR A 162 -16.69 -6.41 -26.17
N PRO A 163 -16.74 -5.21 -25.57
CA PRO A 163 -16.47 -4.01 -26.36
C PRO A 163 -15.02 -3.97 -26.80
N SER A 164 -14.76 -3.25 -27.88
CA SER A 164 -13.42 -3.22 -28.50
C SER A 164 -12.46 -2.42 -27.61
N SER A 165 -12.96 -1.77 -26.56
CA SER A 165 -12.14 -1.13 -25.53
C SER A 165 -11.41 -2.16 -24.67
N LEU A 166 -11.88 -3.41 -24.68
CA LEU A 166 -11.30 -4.46 -23.81
C LEU A 166 -10.63 -5.53 -24.66
N ASN A 167 -9.81 -6.35 -24.01
CA ASN A 167 -9.03 -7.37 -24.73
C ASN A 167 -8.91 -8.65 -23.90
N ASN A 168 -8.46 -9.71 -24.55
CA ASN A 168 -8.08 -10.97 -23.85
C ASN A 168 -9.30 -11.53 -23.13
N GLN A 169 -10.46 -11.33 -23.71
CA GLN A 169 -11.73 -11.76 -23.10
C GLN A 169 -11.81 -13.29 -23.01
N GLN A 170 -12.59 -13.72 -22.03
CA GLN A 170 -13.01 -15.13 -21.88
C GLN A 170 -14.50 -15.14 -21.60
N ASN A 171 -15.19 -16.12 -22.21
CA ASN A 171 -16.66 -16.22 -22.21
C ASN A 171 -17.05 -17.56 -21.57
N TYR A 172 -17.68 -17.48 -20.41
CA TYR A 172 -18.05 -18.66 -19.57
C TYR A 172 -19.56 -18.77 -19.40
N PHE A 173 -19.98 -19.97 -19.04
CA PHE A 173 -21.37 -20.25 -18.70
C PHE A 173 -21.39 -21.44 -17.75
N GLN A 174 -22.17 -21.36 -16.67
CA GLN A 174 -22.35 -22.53 -15.78
C GLN A 174 -23.68 -22.43 -15.05
N ASN A 175 -24.04 -23.55 -14.46
CA ASN A 175 -25.24 -23.69 -13.63
C ASN A 175 -24.83 -23.79 -12.16
N ILE A 176 -25.36 -22.92 -11.34
CA ILE A 176 -25.24 -22.99 -9.87
C ILE A 176 -26.52 -23.62 -9.36
N THR A 177 -26.42 -24.78 -8.73
CA THR A 177 -27.64 -25.52 -8.36
C THR A 177 -27.60 -25.96 -6.90
N ASN A 178 -28.81 -26.18 -6.39
CA ASN A 178 -29.06 -26.96 -5.15
C ASN A 178 -30.44 -27.59 -5.37
N THR A 179 -31.02 -28.20 -4.34
CA THR A 179 -32.32 -28.91 -4.55
C THR A 179 -33.39 -27.89 -4.95
N HIS A 180 -33.20 -26.61 -4.63
CA HIS A 180 -34.25 -25.57 -4.76
C HIS A 180 -34.03 -24.71 -6.01
N VAL A 181 -32.79 -24.54 -6.49
CA VAL A 181 -32.51 -23.51 -7.54
C VAL A 181 -31.61 -24.06 -8.66
N ASN A 182 -31.75 -23.48 -9.85
CA ASN A 182 -30.79 -23.57 -10.98
C ASN A 182 -30.57 -22.13 -11.44
N ILE A 183 -29.41 -21.57 -11.07
CA ILE A 183 -29.02 -20.17 -11.39
C ILE A 183 -28.02 -20.26 -12.55
N PRO A 184 -28.45 -20.01 -13.79
CA PRO A 184 -27.49 -20.08 -14.90
C PRO A 184 -26.74 -18.76 -15.01
N LEU A 185 -25.42 -18.83 -14.95
CA LEU A 185 -24.53 -17.65 -14.97
C LEU A 185 -23.87 -17.52 -16.34
N LEU A 186 -24.09 -16.37 -16.97
CA LEU A 186 -23.37 -15.97 -18.21
C LEU A 186 -22.28 -14.97 -17.80
N THR A 187 -21.02 -15.37 -17.89
CA THR A 187 -19.92 -14.56 -17.34
C THR A 187 -18.90 -14.23 -18.42
N SER A 188 -18.38 -13.02 -18.39
CA SER A 188 -17.20 -12.65 -19.19
C SER A 188 -16.16 -12.01 -18.31
N VAL A 189 -14.90 -12.24 -18.62
CA VAL A 189 -13.76 -11.59 -17.96
C VAL A 189 -12.86 -11.02 -19.05
N ALA A 190 -12.45 -9.78 -18.92
CA ALA A 190 -11.60 -9.15 -19.96
C ALA A 190 -10.71 -8.08 -19.32
N PHE A 191 -9.85 -7.46 -20.10
CA PHE A 191 -8.86 -6.51 -19.57
C PHE A 191 -9.00 -5.18 -20.30
N THR A 192 -8.70 -4.12 -19.58
CA THR A 192 -8.54 -2.75 -20.12
C THR A 192 -7.30 -2.73 -21.02
N PRO A 193 -7.17 -1.70 -21.90
CA PRO A 193 -6.16 -1.73 -22.96
C PRO A 193 -4.71 -2.10 -22.57
N THR A 194 -4.16 -1.60 -21.47
CA THR A 194 -2.76 -1.85 -21.07
C THR A 194 -2.70 -3.06 -20.13
N GLY A 195 -3.83 -3.68 -19.83
CA GLY A 195 -3.89 -4.79 -18.87
C GLY A 195 -3.99 -4.30 -17.43
N ARG A 196 -4.18 -3.00 -17.23
CA ARG A 196 -4.14 -2.35 -15.88
C ARG A 196 -5.25 -2.91 -14.99
N SER A 197 -6.40 -3.19 -15.59
N SER A 197 -6.43 -3.11 -15.56
CA SER A 197 -7.61 -3.57 -14.83
CA SER A 197 -7.60 -3.59 -14.80
C SER A 197 -8.28 -4.78 -15.46
C SER A 197 -8.20 -4.82 -15.47
N LYS A 198 -8.66 -5.75 -14.62
CA LYS A 198 -9.42 -6.93 -15.02
C LYS A 198 -10.87 -6.65 -14.70
N ILE A 199 -11.74 -6.82 -15.67
CA ILE A 199 -13.19 -6.59 -15.56
C ILE A 199 -13.88 -7.94 -15.58
N ALA A 200 -14.85 -8.13 -14.70
CA ALA A 200 -15.73 -9.31 -14.75
C ALA A 200 -17.17 -8.86 -14.74
N VAL A 201 -17.97 -9.54 -15.54
CA VAL A 201 -19.45 -9.32 -15.61
C VAL A 201 -20.10 -10.69 -15.52
N SER A 202 -21.17 -10.79 -14.72
CA SER A 202 -21.92 -12.07 -14.57
C SER A 202 -23.42 -11.80 -14.51
N ASN A 203 -24.15 -12.43 -15.41
CA ASN A 203 -25.60 -12.21 -15.61
C ASN A 203 -26.38 -13.50 -15.33
N THR A 204 -27.62 -13.35 -14.88
CA THR A 204 -28.53 -14.50 -14.71
C THR A 204 -29.94 -14.03 -15.00
N PHE A 205 -30.79 -15.00 -15.34
CA PHE A 205 -32.25 -14.76 -15.48
C PHE A 205 -32.95 -15.21 -14.20
N LEU A 206 -33.88 -14.39 -13.72
CA LEU A 206 -34.78 -14.76 -12.61
C LEU A 206 -36.18 -15.03 -13.15
N PHE A 207 -36.76 -16.13 -12.72
CA PHE A 207 -38.12 -16.56 -13.08
C PHE A 207 -38.95 -16.69 -11.81
N ASP A 208 -40.25 -16.50 -11.95
CA ASP A 208 -41.22 -16.72 -10.84
C ASP A 208 -41.59 -18.20 -10.74
N GLU A 209 -41.57 -18.97 -11.83
CA GLU A 209 -42.25 -20.31 -11.87
C GLU A 209 -41.47 -21.40 -11.12
N GLY A 210 -40.22 -21.20 -10.70
CA GLY A 210 -39.52 -22.19 -9.85
C GLY A 210 -38.72 -23.20 -10.67
N LYS A 211 -37.80 -23.93 -10.03
CA LYS A 211 -36.75 -24.73 -10.71
C LYS A 211 -37.34 -25.70 -11.74
N LYS A 212 -38.39 -26.45 -11.40
CA LYS A 212 -38.85 -27.55 -12.29
C LYS A 212 -39.47 -26.97 -13.58
N LEU A 213 -40.14 -25.82 -13.51
CA LEU A 213 -40.96 -25.28 -14.62
C LEU A 213 -40.22 -24.19 -15.39
N GLN A 214 -39.15 -23.64 -14.82
CA GLN A 214 -38.41 -22.56 -15.50
C GLN A 214 -37.85 -23.09 -16.82
N PRO A 215 -37.65 -22.17 -17.79
CA PRO A 215 -37.13 -22.56 -19.09
C PRO A 215 -35.69 -23.05 -19.03
N GLU A 216 -35.34 -24.02 -19.88
CA GLU A 216 -33.94 -24.46 -20.05
C GLU A 216 -33.15 -23.29 -20.66
N ILE A 217 -31.95 -23.04 -20.14
CA ILE A 217 -31.10 -21.93 -20.66
C ILE A 217 -30.01 -22.53 -21.55
N LEU A 218 -29.97 -22.12 -22.82
CA LEU A 218 -28.93 -22.52 -23.77
C LEU A 218 -27.84 -21.45 -23.79
N HIS A 219 -26.63 -21.91 -24.10
CA HIS A 219 -25.47 -21.03 -24.23
C HIS A 219 -24.86 -21.16 -25.62
N ARG A 220 -24.60 -20.05 -26.29
CA ARG A 220 -23.90 -20.03 -27.59
C ARG A 220 -22.65 -19.14 -27.47
N MET A 221 -21.58 -19.56 -28.11
CA MET A 221 -20.26 -18.87 -28.16
C MET A 221 -19.85 -18.76 -29.63
N ASN A 222 -20.60 -18.04 -30.44
CA ASN A 222 -20.38 -18.20 -31.89
C ASN A 222 -19.34 -17.22 -32.39
N ASP A 223 -19.04 -16.17 -31.62
CA ASP A 223 -18.11 -15.09 -32.05
C ASP A 223 -16.91 -15.00 -31.10
N ALA A 224 -15.82 -14.37 -31.52
CA ALA A 224 -14.67 -14.16 -30.63
C ALA A 224 -15.04 -13.19 -29.51
N ASP A 225 -15.93 -12.25 -29.79
CA ASP A 225 -16.23 -11.15 -28.86
C ASP A 225 -17.69 -11.18 -28.40
N MET A 226 -18.38 -12.30 -28.53
CA MET A 226 -19.76 -12.33 -28.03
C MET A 226 -20.19 -13.76 -27.75
N HIS A 227 -20.84 -13.93 -26.61
CA HIS A 227 -21.59 -15.14 -26.26
C HIS A 227 -22.95 -14.73 -25.70
N ALA A 228 -23.86 -15.69 -25.55
CA ALA A 228 -25.23 -15.36 -25.22
C ALA A 228 -25.90 -16.53 -24.52
N MET A 229 -26.88 -16.21 -23.70
CA MET A 229 -27.73 -17.26 -23.12
C MET A 229 -29.15 -16.97 -23.59
N SER A 230 -29.94 -18.03 -23.77
CA SER A 230 -31.25 -17.87 -24.41
C SER A 230 -32.21 -18.92 -23.85
N PHE A 231 -33.48 -18.62 -24.03
CA PHE A 231 -34.56 -19.58 -23.73
C PHE A 231 -35.75 -19.28 -24.63
N ASP A 232 -36.60 -20.31 -24.71
CA ASP A 232 -37.97 -20.22 -25.26
C ASP A 232 -38.98 -20.34 -24.12
N LYS A 233 -40.13 -19.67 -24.29
CA LYS A 233 -41.25 -19.81 -23.35
C LYS A 233 -42.56 -19.64 -24.10
N LYS A 234 -43.44 -20.62 -23.93
CA LYS A 234 -44.86 -20.52 -24.35
C LYS A 234 -45.59 -19.64 -23.34
N ILE A 235 -46.30 -18.64 -23.84
CA ILE A 235 -47.20 -17.75 -23.05
C ILE A 235 -48.60 -17.96 -23.58
N LYS A 236 -49.57 -18.07 -22.67
CA LYS A 236 -50.98 -18.32 -23.07
C LYS A 236 -51.70 -16.97 -23.22
N ALA A 237 -52.69 -16.94 -24.12
CA ALA A 237 -53.53 -15.78 -24.45
C ALA A 237 -53.97 -15.09 -23.15
N GLY A 238 -53.80 -13.77 -23.07
CA GLY A 238 -54.27 -12.93 -21.95
C GLY A 238 -53.46 -13.08 -20.67
N LYS A 239 -52.38 -13.86 -20.68
CA LYS A 239 -51.45 -14.04 -19.53
C LYS A 239 -50.25 -13.08 -19.70
N THR A 240 -49.75 -12.53 -18.58
CA THR A 240 -48.47 -11.77 -18.52
C THR A 240 -47.38 -12.74 -18.06
N TYR A 241 -46.26 -12.75 -18.79
CA TYR A 241 -45.06 -13.51 -18.39
C TYR A 241 -44.00 -12.48 -18.01
N SER A 242 -43.43 -12.64 -16.82
CA SER A 242 -42.42 -11.73 -16.24
C SER A 242 -41.10 -12.48 -16.07
N PHE A 243 -39.99 -11.83 -16.39
CA PHE A 243 -38.67 -12.39 -16.03
C PHE A 243 -37.73 -11.22 -15.79
N ALA A 244 -36.65 -11.48 -15.06
CA ALA A 244 -35.67 -10.42 -14.76
C ALA A 244 -34.31 -10.92 -15.25
N LEU A 245 -33.48 -9.95 -15.60
CA LEU A 245 -32.05 -10.13 -15.89
C LEU A 245 -31.32 -9.39 -14.79
N ILE A 246 -30.42 -10.09 -14.10
CA ILE A 246 -29.56 -9.45 -13.07
C ILE A 246 -28.13 -9.54 -13.58
N GLY A 247 -27.38 -8.46 -13.48
CA GLY A 247 -25.95 -8.45 -13.83
C GLY A 247 -25.13 -7.78 -12.77
N SER A 248 -23.93 -8.30 -12.54
CA SER A 248 -22.93 -7.69 -11.65
C SER A 248 -21.69 -7.38 -12.50
N LEU A 249 -21.15 -6.20 -12.29
CA LEU A 249 -20.02 -5.65 -13.07
C LEU A 249 -19.03 -5.06 -12.11
N ILE A 250 -17.82 -5.61 -12.07
CA ILE A 250 -16.83 -5.22 -11.06
C ILE A 250 -15.44 -5.41 -11.67
N SER A 251 -14.44 -4.76 -11.12
CA SER A 251 -13.06 -4.81 -11.64
C SER A 251 -12.05 -5.02 -10.53
N SER A 252 -10.80 -5.28 -10.92
CA SER A 252 -9.63 -5.36 -10.01
C SER A 252 -9.37 -4.02 -9.31
N ASP A 253 -9.95 -2.91 -9.78
CA ASP A 253 -9.82 -1.61 -9.07
C ASP A 253 -10.70 -1.63 -7.82
N HIS A 254 -11.72 -2.50 -7.81
CA HIS A 254 -12.71 -2.56 -6.71
C HIS A 254 -12.51 -3.77 -5.80
N ILE A 255 -11.92 -4.84 -6.30
CA ILE A 255 -11.81 -6.10 -5.54
C ILE A 255 -10.67 -6.90 -6.15
N ASN A 256 -9.95 -7.70 -5.36
CA ASN A 256 -8.74 -8.43 -5.83
C ASN A 256 -9.17 -9.48 -6.88
N ASP A 257 -10.33 -10.12 -6.67
CA ASP A 257 -10.78 -11.26 -7.52
C ASP A 257 -12.12 -10.95 -8.14
N PRO A 258 -12.18 -10.10 -9.17
CA PRO A 258 -13.46 -9.71 -9.75
C PRO A 258 -14.24 -10.84 -10.42
N TYR A 259 -13.56 -11.82 -10.98
CA TYR A 259 -14.24 -12.96 -11.64
C TYR A 259 -15.15 -13.65 -10.62
N ASN A 260 -14.54 -14.09 -9.53
CA ASN A 260 -15.35 -14.83 -8.50
C ASN A 260 -16.35 -13.85 -7.85
N GLU A 261 -15.95 -12.61 -7.58
CA GLU A 261 -16.85 -11.68 -6.89
C GLU A 261 -18.07 -11.38 -7.77
N ALA A 262 -17.91 -11.28 -9.10
CA ALA A 262 -19.05 -10.99 -10.00
C ALA A 262 -20.06 -12.15 -9.91
N GLU A 263 -19.58 -13.40 -9.98
CA GLU A 263 -20.50 -14.57 -9.90
C GLU A 263 -21.13 -14.62 -8.51
N ARG A 264 -20.34 -14.42 -7.47
CA ARG A 264 -20.87 -14.38 -6.08
C ARG A 264 -22.01 -13.36 -5.97
N LEU A 265 -21.80 -12.16 -6.48
CA LEU A 265 -22.78 -11.06 -6.37
C LEU A 265 -24.05 -11.44 -7.12
N THR A 266 -23.92 -12.03 -8.31
CA THR A 266 -25.12 -12.33 -9.11
C THR A 266 -25.90 -13.46 -8.42
N ILE A 267 -25.19 -14.44 -7.88
CA ILE A 267 -25.85 -15.52 -7.10
C ILE A 267 -26.57 -14.88 -5.92
N TYR A 268 -25.87 -14.04 -5.17
CA TYR A 268 -26.46 -13.33 -4.01
C TYR A 268 -27.75 -12.59 -4.44
N ALA A 269 -27.66 -11.79 -5.50
CA ALA A 269 -28.79 -10.96 -5.94
C ALA A 269 -29.95 -11.87 -6.38
N ALA A 270 -29.66 -12.96 -7.09
CA ALA A 270 -30.68 -13.92 -7.54
C ALA A 270 -31.44 -14.48 -6.34
N LEU A 271 -30.74 -14.82 -5.26
CA LEU A 271 -31.40 -15.44 -4.08
C LEU A 271 -31.97 -14.39 -3.12
N GLU A 272 -31.60 -13.11 -3.24
CA GLU A 272 -32.38 -12.00 -2.62
C GLU A 272 -33.72 -11.89 -3.36
N GLY A 273 -33.67 -11.95 -4.70
CA GLY A 273 -34.87 -11.89 -5.56
C GLY A 273 -35.29 -10.47 -5.92
N LYS A 274 -36.02 -10.34 -7.02
CA LYS A 274 -36.45 -9.04 -7.58
C LYS A 274 -37.12 -8.16 -6.53
N SER A 275 -38.06 -8.72 -5.76
N SER A 275 -38.04 -8.70 -5.73
CA SER A 275 -38.86 -7.93 -4.80
CA SER A 275 -38.85 -7.84 -4.82
C SER A 275 -37.92 -7.22 -3.80
C SER A 275 -37.94 -7.21 -3.76
N ARG A 276 -37.11 -8.02 -3.11
CA ARG A 276 -36.23 -7.52 -2.03
C ARG A 276 -35.26 -6.51 -2.64
N LEU A 277 -34.75 -6.80 -3.83
CA LEU A 277 -33.78 -5.88 -4.50
C LEU A 277 -34.47 -4.54 -4.76
N LEU A 278 -35.68 -4.55 -5.33
CA LEU A 278 -36.34 -3.28 -5.73
C LEU A 278 -36.78 -2.53 -4.48
N ASN A 279 -37.17 -3.24 -3.43
CA ASN A 279 -37.54 -2.57 -2.15
C ASN A 279 -36.34 -1.80 -1.55
N ARG A 280 -35.17 -2.43 -1.48
N ARG A 280 -35.16 -2.42 -1.50
CA ARG A 280 -33.93 -1.79 -0.97
CA ARG A 280 -33.95 -1.76 -0.96
C ARG A 280 -33.65 -0.58 -1.86
C ARG A 280 -33.60 -0.58 -1.87
N HIS A 281 -33.75 -0.77 -3.18
CA HIS A 281 -33.44 0.27 -4.20
C HIS A 281 -34.32 1.48 -3.90
N MET A 282 -35.62 1.23 -3.74
CA MET A 282 -36.65 2.27 -3.49
C MET A 282 -36.34 2.99 -2.19
N GLN A 283 -35.96 2.26 -1.14
CA GLN A 283 -35.69 2.88 0.19
C GLN A 283 -34.55 3.90 0.07
N GLU A 284 -33.50 3.56 -0.67
CA GLU A 284 -32.32 4.43 -0.78
C GLU A 284 -32.69 5.65 -1.64
N TRP A 285 -33.46 5.45 -2.71
CA TRP A 285 -33.94 6.58 -3.56
C TRP A 285 -34.90 7.48 -2.76
N ASN A 286 -35.78 6.90 -1.96
CA ASN A 286 -36.71 7.74 -1.15
C ASN A 286 -35.89 8.66 -0.24
N SER A 287 -34.80 8.15 0.32
N SER A 287 -34.81 8.14 0.34
CA SER A 287 -33.95 8.89 1.28
CA SER A 287 -33.94 8.90 1.28
C SER A 287 -33.24 10.05 0.55
C SER A 287 -33.30 10.06 0.52
N LEU A 288 -32.78 9.80 -0.67
CA LEU A 288 -32.13 10.87 -1.47
C LEU A 288 -33.15 11.98 -1.70
N TRP A 289 -34.40 11.64 -2.01
CA TRP A 289 -35.41 12.66 -2.39
C TRP A 289 -36.03 13.37 -1.18
N GLN A 290 -35.58 13.06 0.04
N GLN A 290 -35.60 13.04 0.04
CA GLN A 290 -35.93 13.82 1.27
CA GLN A 290 -35.97 13.83 1.24
C GLN A 290 -35.28 15.20 1.23
C GLN A 290 -35.42 15.24 1.06
N SER A 291 -34.31 15.41 0.34
CA SER A 291 -33.80 16.76 -0.01
C SER A 291 -34.23 17.06 -1.45
N ASP A 292 -35.03 18.09 -1.62
CA ASP A 292 -35.79 18.31 -2.89
C ASP A 292 -35.97 19.80 -3.09
N ILE A 293 -36.29 20.17 -4.31
CA ILE A 293 -36.60 21.56 -4.69
C ILE A 293 -37.93 21.54 -5.43
N GLN A 294 -38.93 22.26 -4.91
CA GLN A 294 -40.29 22.32 -5.47
C GLN A 294 -40.54 23.73 -5.97
N VAL A 295 -40.91 23.87 -7.24
CA VAL A 295 -41.26 25.16 -7.89
C VAL A 295 -42.74 25.13 -8.26
N GLU A 296 -43.50 26.10 -7.77
CA GLU A 296 -44.91 26.34 -8.16
C GLU A 296 -44.94 27.41 -9.25
N GLY A 297 -45.62 27.14 -10.37
CA GLY A 297 -45.92 28.13 -11.42
C GLY A 297 -45.10 27.95 -12.68
N ASP A 298 -44.24 26.92 -12.73
CA ASP A 298 -43.29 26.74 -13.85
C ASP A 298 -42.96 25.25 -13.95
N PRO A 299 -43.86 24.47 -14.58
CA PRO A 299 -43.65 23.03 -14.68
C PRO A 299 -42.33 22.70 -15.40
N GLN A 300 -41.91 23.50 -16.38
CA GLN A 300 -40.67 23.14 -17.12
C GLN A 300 -39.47 23.31 -16.17
N ALA A 301 -39.42 24.41 -15.42
CA ALA A 301 -38.36 24.64 -14.40
C ALA A 301 -38.40 23.53 -13.35
N GLN A 302 -39.58 23.16 -12.87
CA GLN A 302 -39.69 22.07 -11.85
C GLN A 302 -39.04 20.79 -12.40
N GLN A 303 -39.37 20.41 -13.63
CA GLN A 303 -38.85 19.16 -14.24
C GLN A 303 -37.34 19.30 -14.45
N ASP A 304 -36.90 20.45 -14.95
CA ASP A 304 -35.46 20.69 -15.26
C ASP A 304 -34.66 20.58 -13.97
N ILE A 305 -35.13 21.21 -12.91
CA ILE A 305 -34.42 21.23 -11.61
C ILE A 305 -34.41 19.82 -11.02
N ARG A 306 -35.52 19.07 -11.13
CA ARG A 306 -35.54 17.65 -10.69
C ARG A 306 -34.49 16.86 -11.49
N SER A 307 -34.41 17.09 -12.80
CA SER A 307 -33.40 16.40 -13.65
C SER A 307 -32.00 16.72 -13.11
N MET A 308 -31.71 17.96 -12.75
CA MET A 308 -30.37 18.36 -12.23
C MET A 308 -30.08 17.64 -10.90
N LEU A 309 -31.03 17.64 -9.97
CA LEU A 309 -30.83 16.92 -8.69
C LEU A 309 -30.66 15.43 -8.98
N TYR A 310 -31.50 14.88 -9.86
CA TYR A 310 -31.46 13.43 -10.20
C TYR A 310 -30.06 13.04 -10.69
N HIS A 311 -29.48 13.85 -11.56
CA HIS A 311 -28.16 13.50 -12.16
C HIS A 311 -27.09 13.60 -11.09
N LEU A 312 -27.12 14.63 -10.25
CA LEU A 312 -26.14 14.75 -9.14
C LEU A 312 -26.30 13.57 -8.17
N TYR A 313 -27.53 13.20 -7.82
CA TYR A 313 -27.76 12.06 -6.91
C TYR A 313 -27.29 10.75 -7.56
N SER A 314 -27.49 10.60 -8.87
CA SER A 314 -27.13 9.37 -9.61
C SER A 314 -25.61 9.26 -9.77
N PHE A 315 -24.92 10.39 -9.81
CA PHE A 315 -23.48 10.47 -10.15
C PHE A 315 -22.61 10.63 -8.91
N THR A 316 -23.17 10.42 -7.72
CA THR A 316 -22.43 10.52 -6.45
C THR A 316 -22.85 9.35 -5.56
N ARG A 317 -22.12 9.14 -4.49
CA ARG A 317 -22.46 8.02 -3.56
C ARG A 317 -21.93 8.36 -2.17
N LYS A 318 -22.85 8.43 -1.20
CA LYS A 318 -22.47 8.59 0.21
C LYS A 318 -21.59 7.43 0.69
N SER A 319 -20.81 7.68 1.72
CA SER A 319 -20.04 6.63 2.45
C SER A 319 -19.02 6.00 1.51
N THR A 320 -18.45 6.80 0.60
CA THR A 320 -17.36 6.35 -0.28
C THR A 320 -16.23 7.38 -0.31
N SER A 321 -15.25 7.14 -1.18
CA SER A 321 -14.20 8.11 -1.56
C SER A 321 -14.33 8.40 -3.06
N LEU A 322 -15.55 8.33 -3.60
CA LEU A 322 -15.82 8.60 -5.04
C LEU A 322 -16.11 10.09 -5.22
N SER A 323 -15.60 10.64 -6.32
CA SER A 323 -15.92 12.01 -6.75
C SER A 323 -16.31 11.98 -8.22
N PRO A 324 -17.30 12.80 -8.64
CA PRO A 324 -17.78 12.76 -10.02
C PRO A 324 -16.84 13.51 -10.96
N SER A 325 -16.79 13.02 -12.18
CA SER A 325 -16.17 13.72 -13.34
C SER A 325 -17.14 14.81 -13.77
N PRO A 326 -16.74 15.68 -14.70
CA PRO A 326 -17.68 16.70 -15.21
C PRO A 326 -18.92 16.13 -15.89
N MET A 327 -18.85 14.87 -16.37
CA MET A 327 -19.96 14.16 -17.01
C MET A 327 -20.44 13.01 -16.15
N GLY A 328 -20.08 12.99 -14.87
CA GLY A 328 -20.50 11.91 -13.96
C GLY A 328 -20.36 10.54 -14.62
N LEU A 329 -21.43 9.75 -14.66
CA LEU A 329 -21.36 8.38 -15.23
C LEU A 329 -22.18 8.34 -16.51
N SER A 330 -22.23 9.47 -17.22
CA SER A 330 -23.00 9.59 -18.47
C SER A 330 -22.18 9.17 -19.67
N GLY A 331 -20.91 8.80 -19.48
CA GLY A 331 -20.03 8.51 -20.61
C GLY A 331 -18.60 8.85 -20.22
N LEU A 332 -17.77 9.02 -21.24
N LEU A 332 -17.76 9.01 -21.22
CA LEU A 332 -16.31 9.20 -21.10
CA LEU A 332 -16.29 9.19 -21.04
C LEU A 332 -15.92 10.69 -21.15
C LEU A 332 -15.91 10.68 -21.00
N GLY A 333 -16.88 11.60 -20.93
CA GLY A 333 -16.56 13.04 -20.89
C GLY A 333 -15.37 13.37 -19.99
N TYR A 334 -14.37 14.06 -20.51
CA TYR A 334 -13.15 14.47 -19.80
C TYR A 334 -12.48 13.25 -19.14
N ASN A 335 -12.57 12.10 -19.81
CA ASN A 335 -11.86 10.85 -19.42
C ASN A 335 -12.28 10.38 -18.02
N GLY A 336 -13.38 10.86 -17.49
CA GLY A 336 -13.80 10.43 -16.14
C GLY A 336 -12.99 11.13 -15.05
N HIS A 337 -12.13 12.08 -15.41
CA HIS A 337 -11.26 12.75 -14.42
C HIS A 337 -12.07 13.65 -13.49
N VAL A 338 -11.52 13.85 -12.32
CA VAL A 338 -12.05 14.77 -11.29
C VAL A 338 -11.27 16.08 -11.37
N PHE A 339 -12.06 17.16 -11.42
CA PHE A 339 -11.60 18.57 -11.53
C PHE A 339 -12.22 19.38 -10.39
N TRP A 340 -11.82 20.65 -10.29
CA TRP A 340 -12.45 21.64 -9.39
C TRP A 340 -13.94 21.70 -9.73
N ASP A 341 -14.37 21.20 -10.89
CA ASP A 341 -15.80 20.99 -11.17
C ASP A 341 -16.51 20.34 -10.01
N THR A 342 -15.85 19.43 -9.29
CA THR A 342 -16.47 18.91 -8.06
C THR A 342 -16.50 20.00 -6.98
N GLU A 343 -15.34 20.43 -6.53
CA GLU A 343 -15.20 21.27 -5.31
C GLU A 343 -16.08 22.52 -5.43
N ILE A 344 -16.05 23.23 -6.54
CA ILE A 344 -16.71 24.57 -6.65
C ILE A 344 -18.09 24.45 -7.31
N TRP A 345 -18.39 23.41 -8.08
CA TRP A 345 -19.61 23.41 -8.93
C TRP A 345 -20.60 22.36 -8.44
N MET A 346 -20.18 21.11 -8.23
CA MET A 346 -21.15 20.04 -7.88
C MET A 346 -21.24 19.89 -6.36
N PHE A 347 -20.16 20.18 -5.64
CA PHE A 347 -20.02 19.96 -4.17
C PHE A 347 -20.94 20.89 -3.39
N PRO A 348 -20.99 22.22 -3.63
CA PRO A 348 -21.80 23.08 -2.76
C PRO A 348 -23.27 22.70 -2.68
N PRO A 349 -24.01 22.41 -3.77
CA PRO A 349 -25.43 22.05 -3.62
C PRO A 349 -25.57 20.71 -2.88
N MET A 350 -24.64 19.78 -3.12
CA MET A 350 -24.68 18.47 -2.42
C MET A 350 -24.35 18.67 -0.93
N LEU A 351 -23.46 19.58 -0.57
CA LEU A 351 -23.14 19.84 0.86
C LEU A 351 -24.39 20.34 1.58
N LEU A 352 -25.19 21.21 0.96
CA LEU A 352 -26.40 21.77 1.63
C LEU A 352 -27.49 20.71 1.72
N LEU A 353 -27.67 19.87 0.69
CA LEU A 353 -28.81 18.92 0.60
C LEU A 353 -28.48 17.58 1.26
N HIS A 354 -27.25 17.11 1.14
CA HIS A 354 -26.81 15.77 1.62
C HIS A 354 -25.34 15.84 1.96
N PRO A 355 -24.99 16.32 3.17
CA PRO A 355 -23.60 16.48 3.55
C PRO A 355 -22.77 15.18 3.42
N GLU A 356 -23.39 14.01 3.54
CA GLU A 356 -22.68 12.71 3.38
C GLU A 356 -22.20 12.55 1.92
N ILE A 357 -22.88 13.14 0.93
CA ILE A 357 -22.38 13.16 -0.48
C ILE A 357 -21.16 14.06 -0.57
N ALA A 358 -21.22 15.24 0.03
CA ALA A 358 -20.08 16.17 0.06
C ALA A 358 -18.92 15.46 0.77
N LYS A 359 -19.21 14.70 1.83
CA LYS A 359 -18.14 14.04 2.59
C LYS A 359 -17.37 13.07 1.67
N SER A 360 -18.08 12.35 0.80
CA SER A 360 -17.44 11.39 -0.16
C SER A 360 -16.55 12.18 -1.13
N MET A 361 -17.05 13.31 -1.62
CA MET A 361 -16.29 14.15 -2.57
C MET A 361 -15.00 14.61 -1.91
N ILE A 362 -15.01 15.11 -0.67
CA ILE A 362 -13.74 15.57 -0.06
C ILE A 362 -12.90 14.37 0.37
N GLU A 363 -13.52 13.23 0.70
CA GLU A 363 -12.75 12.02 1.05
C GLU A 363 -11.86 11.62 -0.14
N TYR A 364 -12.40 11.74 -1.34
CA TYR A 364 -11.65 11.48 -2.59
C TYR A 364 -10.30 12.23 -2.52
N ARG A 365 -10.34 13.50 -2.10
CA ARG A 365 -9.13 14.36 -2.03
C ARG A 365 -8.27 13.96 -0.85
N TYR A 366 -8.87 13.74 0.32
CA TYR A 366 -8.10 13.36 1.52
C TYR A 366 -7.24 12.14 1.21
N GLN A 367 -7.79 11.12 0.55
N GLN A 367 -7.83 11.14 0.55
CA GLN A 367 -7.07 9.84 0.30
CA GLN A 367 -7.18 9.84 0.24
C GLN A 367 -6.05 10.01 -0.83
C GLN A 367 -6.03 10.06 -0.75
N ARG A 368 -6.06 11.17 -1.48
CA ARG A 368 -5.08 11.51 -2.55
C ARG A 368 -4.14 12.62 -2.07
N LEU A 369 -4.06 12.87 -0.76
CA LEU A 369 -3.16 13.94 -0.27
C LEU A 369 -1.69 13.59 -0.52
N ASP A 370 -1.29 12.32 -0.34
N ASP A 370 -1.28 12.34 -0.37
CA ASP A 370 0.09 11.83 -0.64
CA ASP A 370 0.15 12.00 -0.59
C ASP A 370 0.46 12.23 -2.07
C ASP A 370 0.49 12.20 -2.08
N ALA A 371 -0.41 11.93 -3.04
CA ALA A 371 -0.15 12.18 -4.48
C ALA A 371 -0.02 13.69 -4.71
N ALA A 372 -0.79 14.50 -3.98
CA ALA A 372 -0.67 15.98 -4.08
C ALA A 372 0.66 16.46 -3.47
N ARG A 373 1.14 15.82 -2.40
CA ARG A 373 2.47 16.16 -1.84
C ARG A 373 3.55 15.80 -2.86
N LYS A 374 3.38 14.66 -3.55
CA LYS A 374 4.36 14.25 -4.58
C LYS A 374 4.34 15.26 -5.73
N LYS A 375 3.17 15.70 -6.19
CA LYS A 375 3.13 16.67 -7.29
C LYS A 375 3.84 17.96 -6.85
N ALA A 376 3.57 18.47 -5.65
CA ALA A 376 4.20 19.72 -5.15
C ALA A 376 5.72 19.56 -5.24
N ALA A 377 6.23 18.43 -4.79
CA ALA A 377 7.70 18.20 -4.73
C ALA A 377 8.25 18.20 -6.17
N ILE A 378 7.57 17.56 -7.12
CA ILE A 378 8.05 17.44 -8.53
C ILE A 378 8.07 18.83 -9.18
N TYR A 379 7.16 19.73 -8.79
CA TYR A 379 7.06 21.09 -9.41
C TYR A 379 7.76 22.15 -8.55
N GLY A 380 8.47 21.77 -7.50
CA GLY A 380 9.36 22.68 -6.74
C GLY A 380 8.65 23.47 -5.66
N TYR A 381 7.57 22.92 -5.10
CA TYR A 381 6.76 23.60 -4.06
C TYR A 381 6.68 22.74 -2.81
N ASP A 382 6.24 23.38 -1.75
CA ASP A 382 6.00 22.73 -0.44
C ASP A 382 4.55 22.20 -0.40
N GLY A 383 4.27 21.40 0.61
CA GLY A 383 2.90 21.03 0.97
C GLY A 383 2.26 20.16 -0.09
N ALA A 384 0.98 20.35 -0.33
CA ALA A 384 0.18 19.53 -1.27
C ALA A 384 -0.26 20.42 -2.42
N MET A 385 0.06 19.99 -3.63
CA MET A 385 -0.37 20.64 -4.88
C MET A 385 -1.33 19.67 -5.53
N PHE A 386 -2.63 19.90 -5.39
CA PHE A 386 -3.61 19.01 -6.03
C PHE A 386 -3.51 19.14 -7.53
N PRO A 387 -3.72 18.03 -8.28
CA PRO A 387 -3.64 18.06 -9.72
C PRO A 387 -4.84 18.77 -10.35
N TRP A 388 -4.61 19.31 -11.53
CA TRP A 388 -5.70 19.90 -12.33
C TRP A 388 -6.74 18.80 -12.64
N GLU A 389 -6.26 17.61 -13.04
CA GLU A 389 -7.12 16.44 -13.32
C GLU A 389 -6.65 15.27 -12.51
N SER A 390 -7.59 14.64 -11.82
CA SER A 390 -7.28 13.51 -10.91
C SER A 390 -8.04 12.27 -11.38
N ALA A 391 -7.48 11.09 -11.10
CA ALA A 391 -8.14 9.81 -11.42
C ALA A 391 -7.90 8.83 -10.29
N ASP A 392 -7.30 7.68 -10.57
CA ASP A 392 -7.13 6.64 -9.53
C ASP A 392 -6.12 7.08 -8.48
N SER A 393 -4.88 7.43 -8.87
CA SER A 393 -3.80 7.65 -7.89
C SER A 393 -3.88 8.99 -7.17
N GLY A 394 -4.45 10.03 -7.80
CA GLY A 394 -4.36 11.42 -7.32
C GLY A 394 -3.16 12.17 -7.90
N ALA A 395 -2.36 11.52 -8.73
CA ALA A 395 -1.31 12.18 -9.54
C ALA A 395 -1.98 12.99 -10.66
N GLU A 396 -1.22 13.89 -11.27
CA GLU A 396 -1.71 14.72 -12.38
C GLU A 396 -2.04 13.83 -13.59
N GLU A 397 -3.23 14.01 -14.15
CA GLU A 397 -3.72 13.20 -15.29
C GLU A 397 -4.10 14.09 -16.48
N THR A 398 -3.87 15.40 -16.45
CA THR A 398 -4.26 16.27 -17.57
C THR A 398 -3.44 15.91 -18.80
N PRO A 399 -4.09 15.77 -19.97
CA PRO A 399 -3.35 15.60 -21.23
C PRO A 399 -2.20 16.63 -21.35
N VAL A 400 -1.03 16.18 -21.79
CA VAL A 400 0.19 17.06 -21.72
C VAL A 400 0.01 18.24 -22.70
N ASN A 401 -0.82 18.08 -23.72
CA ASN A 401 -1.04 19.15 -24.74
C ASN A 401 -1.88 20.28 -24.16
N ALA A 402 -2.48 20.11 -22.99
CA ALA A 402 -3.27 21.18 -22.33
C ALA A 402 -2.43 21.82 -21.24
N LEU A 403 -2.18 23.13 -21.33
CA LEU A 403 -1.32 23.83 -20.37
C LEU A 403 -1.97 23.95 -19.00
N THR A 404 -3.27 23.65 -18.87
CA THR A 404 -3.97 23.61 -17.56
C THR A 404 -3.24 22.67 -16.60
N GLY A 405 -2.79 21.52 -17.09
CA GLY A 405 -2.18 20.51 -16.20
C GLY A 405 -1.01 21.07 -15.43
N ALA A 406 -0.09 21.75 -16.13
CA ALA A 406 1.15 22.25 -15.49
C ALA A 406 0.89 23.59 -14.79
N PHE A 407 -0.08 24.39 -15.24
CA PHE A 407 -0.12 25.84 -14.89
C PHE A 407 -1.42 26.31 -14.25
N GLU A 408 -2.51 25.55 -14.27
CA GLU A 408 -3.78 26.05 -13.67
C GLU A 408 -3.81 25.63 -12.22
N HIS A 409 -3.29 26.47 -11.33
CA HIS A 409 -2.94 26.08 -9.94
C HIS A 409 -4.08 26.33 -8.96
N HIS A 410 -5.16 27.02 -9.35
CA HIS A 410 -6.23 27.35 -8.37
C HIS A 410 -6.89 26.09 -7.78
N VAL A 411 -6.81 24.93 -8.48
CA VAL A 411 -7.44 23.69 -7.97
C VAL A 411 -7.01 23.42 -6.50
N THR A 412 -5.76 23.70 -6.12
CA THR A 412 -5.30 23.48 -4.74
C THR A 412 -6.15 24.32 -3.76
N GLY A 413 -6.39 25.58 -4.10
CA GLY A 413 -7.23 26.45 -3.25
C GLY A 413 -8.66 25.97 -3.25
N ASP A 414 -9.15 25.48 -4.39
CA ASP A 414 -10.54 24.99 -4.52
C ASP A 414 -10.77 23.79 -3.57
N VAL A 415 -9.77 22.91 -3.47
CA VAL A 415 -9.86 21.75 -2.54
C VAL A 415 -9.89 22.24 -1.10
N ALA A 416 -9.05 23.20 -0.72
CA ALA A 416 -9.02 23.80 0.65
C ALA A 416 -10.39 24.42 0.97
N ILE A 417 -10.94 25.18 0.03
CA ILE A 417 -12.25 25.88 0.20
C ILE A 417 -13.34 24.85 0.48
N ALA A 418 -13.44 23.79 -0.33
CA ALA A 418 -14.44 22.74 -0.09
C ALA A 418 -14.22 22.10 1.29
N ALA A 419 -12.97 21.83 1.68
CA ALA A 419 -12.67 21.14 2.95
C ALA A 419 -13.16 22.02 4.11
N TRP A 420 -12.85 23.31 4.06
CA TRP A 420 -13.31 24.24 5.13
C TRP A 420 -14.84 24.32 5.14
N GLN A 421 -15.47 24.45 3.98
CA GLN A 421 -16.94 24.53 3.86
C GLN A 421 -17.57 23.28 4.50
N TYR A 422 -16.99 22.11 4.27
CA TYR A 422 -17.50 20.84 4.86
C TYR A 422 -17.60 21.00 6.37
N TYR A 423 -16.54 21.52 7.00
CA TYR A 423 -16.53 21.77 8.47
C TYR A 423 -17.53 22.86 8.83
N LEU A 424 -17.55 24.00 8.11
CA LEU A 424 -18.54 25.07 8.42
C LEU A 424 -19.96 24.48 8.48
N VAL A 425 -20.36 23.64 7.53
CA VAL A 425 -21.78 23.16 7.41
C VAL A 425 -22.07 22.03 8.41
N THR A 426 -21.12 21.15 8.71
CA THR A 426 -21.34 19.98 9.57
C THR A 426 -20.96 20.28 11.04
N GLY A 427 -19.98 21.15 11.25
CA GLY A 427 -19.39 21.37 12.58
C GLY A 427 -18.64 20.16 13.11
N ASP A 428 -18.27 19.20 12.25
CA ASP A 428 -17.61 17.96 12.69
C ASP A 428 -16.14 18.26 12.97
N LYS A 429 -15.80 18.47 14.24
CA LYS A 429 -14.45 18.86 14.67
C LYS A 429 -13.52 17.64 14.61
N GLU A 430 -14.05 16.42 14.80
CA GLU A 430 -13.26 15.16 14.70
C GLU A 430 -12.81 15.01 13.23
N TRP A 431 -13.72 15.27 12.30
CA TRP A 431 -13.35 15.28 10.85
C TRP A 431 -12.33 16.40 10.59
N LEU A 432 -12.51 17.58 11.18
CA LEU A 432 -11.55 18.69 10.95
C LEU A 432 -10.17 18.24 11.40
N LYS A 433 -10.06 17.58 12.56
CA LYS A 433 -8.75 17.12 13.07
C LYS A 433 -8.13 16.08 12.15
N GLU A 434 -8.92 15.10 11.72
CA GLU A 434 -8.38 13.88 11.08
C GLU A 434 -8.14 14.14 9.59
N LYS A 435 -8.95 14.98 8.96
CA LYS A 435 -8.95 15.08 7.47
C LYS A 435 -8.92 16.52 6.96
N GLY A 436 -9.77 17.40 7.49
CA GLY A 436 -9.80 18.80 7.05
C GLY A 436 -8.45 19.48 7.25
N TRP A 437 -7.88 19.36 8.47
CA TRP A 437 -6.63 20.07 8.79
C TRP A 437 -5.47 19.53 7.94
N PRO A 438 -5.26 18.19 7.78
CA PRO A 438 -4.21 17.70 6.90
C PRO A 438 -4.28 18.34 5.52
N ILE A 439 -5.49 18.50 4.98
CA ILE A 439 -5.68 19.16 3.66
C ILE A 439 -5.34 20.64 3.78
N LEU A 440 -5.94 21.33 4.78
CA LEU A 440 -5.79 22.81 4.84
C LEU A 440 -4.34 23.17 5.12
N LYS A 441 -3.67 22.42 6.00
CA LYS A 441 -2.26 22.71 6.36
C LYS A 441 -1.38 22.51 5.12
N ALA A 442 -1.50 21.39 4.44
CA ALA A 442 -0.64 21.07 3.29
C ALA A 442 -0.87 22.05 2.13
N THR A 443 -2.12 22.38 1.83
CA THR A 443 -2.48 23.33 0.77
C THR A 443 -2.02 24.75 1.15
N ALA A 444 -2.08 25.12 2.42
CA ALA A 444 -1.59 26.44 2.81
C ALA A 444 -0.07 26.49 2.67
N GLU A 445 0.60 25.40 3.01
CA GLU A 445 2.07 25.31 2.83
C GLU A 445 2.40 25.45 1.35
N PHE A 446 1.59 24.86 0.48
CA PHE A 446 1.79 25.04 -0.98
C PHE A 446 1.75 26.54 -1.33
N TRP A 447 0.67 27.24 -0.98
CA TRP A 447 0.51 28.66 -1.39
C TRP A 447 1.63 29.50 -0.76
N ALA A 448 2.04 29.20 0.47
CA ALA A 448 3.12 29.97 1.12
C ALA A 448 4.40 29.85 0.31
N SER A 449 4.60 28.73 -0.41
CA SER A 449 5.81 28.46 -1.22
C SER A 449 5.62 28.95 -2.65
N ARG A 450 4.36 29.19 -3.05
CA ARG A 450 3.98 29.47 -4.45
C ARG A 450 4.05 30.98 -4.72
N VAL A 451 3.80 31.80 -3.71
CA VAL A 451 3.80 33.28 -3.88
C VAL A 451 5.24 33.79 -3.98
N GLU A 452 5.39 34.97 -4.56
CA GLU A 452 6.65 35.74 -4.65
C GLU A 452 6.42 37.13 -4.03
N LYS A 453 7.22 37.50 -3.05
CA LYS A 453 7.14 38.86 -2.45
C LYS A 453 7.85 39.83 -3.40
N ASN A 454 7.22 40.97 -3.72
CA ASN A 454 7.84 42.01 -4.61
C ASN A 454 8.39 43.16 -3.74
N ASP A 455 9.01 44.13 -4.41
CA ASP A 455 9.62 45.37 -3.88
C ASP A 455 8.72 46.10 -2.87
N LYS A 456 7.41 46.10 -3.12
CA LYS A 456 6.42 46.90 -2.36
C LYS A 456 5.89 46.07 -1.18
N GLY A 457 6.38 44.85 -1.02
CA GLY A 457 5.96 43.92 0.04
C GLY A 457 4.65 43.24 -0.28
N GLU A 458 4.23 43.26 -1.56
CA GLU A 458 2.99 42.57 -1.98
C GLU A 458 3.41 41.15 -2.38
N TYR A 459 2.45 40.24 -2.39
CA TYR A 459 2.68 38.84 -2.83
C TYR A 459 1.97 38.61 -4.15
N GLU A 460 2.74 38.09 -5.10
CA GLU A 460 2.31 37.81 -6.48
C GLU A 460 2.30 36.30 -6.69
N ILE A 461 1.44 35.88 -7.60
CA ILE A 461 1.39 34.49 -8.10
C ILE A 461 1.54 34.58 -9.61
N LYS A 462 2.74 34.30 -10.08
CA LYS A 462 3.12 34.56 -11.48
C LYS A 462 3.06 33.25 -12.29
N ASN A 463 2.73 33.41 -13.56
CA ASN A 463 2.78 32.37 -14.61
C ASN A 463 1.85 31.22 -14.28
N VAL A 464 0.56 31.49 -14.43
CA VAL A 464 -0.55 30.51 -14.27
C VAL A 464 -1.40 30.52 -15.53
N VAL A 465 -2.25 29.51 -15.62
CA VAL A 465 -3.44 29.52 -16.49
C VAL A 465 -4.61 29.96 -15.60
N ALA A 466 -5.37 30.92 -16.08
CA ALA A 466 -6.50 31.48 -15.33
C ALA A 466 -7.69 30.52 -15.28
N ALA A 467 -8.62 30.75 -14.34
CA ALA A 467 -9.95 30.11 -14.38
C ALA A 467 -10.55 30.36 -15.77
N ASP A 468 -10.42 31.59 -16.27
CA ASP A 468 -10.58 31.88 -17.71
C ASP A 468 -9.45 31.19 -18.46
N GLU A 469 -9.64 29.95 -18.90
CA GLU A 469 -8.52 29.13 -19.43
C GLU A 469 -8.00 29.65 -20.77
N TRP A 470 -8.65 30.64 -21.38
CA TRP A 470 -8.11 31.27 -22.60
C TRP A 470 -6.91 32.14 -22.27
N ALA A 471 -6.76 32.53 -21.00
CA ALA A 471 -5.62 33.35 -20.53
C ALA A 471 -4.54 32.42 -19.99
N GLU A 472 -3.48 32.20 -20.77
CA GLU A 472 -2.45 31.19 -20.41
C GLU A 472 -1.12 31.90 -20.12
N ASN A 473 -0.43 31.45 -19.08
CA ASN A 473 0.94 31.90 -18.73
C ASN A 473 0.90 33.40 -18.44
N ILE A 474 -0.04 33.79 -17.58
CA ILE A 474 -0.25 35.21 -17.20
C ILE A 474 -0.02 35.32 -15.69
N ASP A 475 0.01 36.54 -15.19
CA ASP A 475 0.35 36.82 -13.77
C ASP A 475 -0.85 37.34 -12.98
N ASN A 476 -0.91 36.97 -11.71
CA ASN A 476 -1.88 37.51 -10.72
C ASN A 476 -3.30 37.40 -11.26
N ASN A 477 -3.68 36.21 -11.67
CA ASN A 477 -5.09 35.90 -12.01
C ASN A 477 -5.98 36.21 -10.79
N ALA A 478 -7.05 36.96 -10.99
CA ALA A 478 -8.01 37.34 -9.92
C ALA A 478 -8.48 36.07 -9.20
N TYR A 479 -9.02 35.10 -9.90
CA TYR A 479 -9.64 33.93 -9.20
C TYR A 479 -8.53 33.17 -8.46
N THR A 480 -7.41 32.88 -9.13
CA THR A 480 -6.34 32.08 -8.51
C THR A 480 -5.87 32.77 -7.21
N ASN A 481 -5.55 34.06 -7.32
CA ASN A 481 -5.07 34.83 -6.14
C ASN A 481 -6.15 34.77 -5.06
N GLY A 482 -7.43 34.91 -5.41
CA GLY A 482 -8.51 34.83 -4.43
C GLY A 482 -8.53 33.46 -3.73
N THR A 483 -8.36 32.37 -4.47
CA THR A 483 -8.35 31.03 -3.83
C THR A 483 -7.14 30.90 -2.90
N ALA A 484 -6.00 31.48 -3.23
CA ALA A 484 -4.79 31.43 -2.36
C ALA A 484 -5.08 32.17 -1.04
N ILE A 485 -5.69 33.34 -1.15
CA ILE A 485 -6.06 34.14 0.06
C ILE A 485 -6.96 33.26 0.92
N ARG A 486 -8.05 32.75 0.34
CA ARG A 486 -9.03 31.97 1.14
C ARG A 486 -8.34 30.74 1.72
N ASN A 487 -7.52 30.03 0.95
CA ASN A 487 -6.84 28.81 1.45
C ASN A 487 -6.01 29.16 2.68
N LEU A 488 -5.24 30.24 2.60
CA LEU A 488 -4.35 30.67 3.70
C LEU A 488 -5.22 31.10 4.90
N GLN A 489 -6.33 31.78 4.64
CA GLN A 489 -7.19 32.29 5.75
C GLN A 489 -7.82 31.10 6.47
N TYR A 490 -8.34 30.16 5.70
CA TYR A 490 -9.14 29.03 6.21
C TYR A 490 -8.19 28.10 6.96
N ALA A 491 -6.97 27.93 6.48
CA ALA A 491 -5.97 27.07 7.17
C ALA A 491 -5.65 27.70 8.54
N SER A 492 -5.46 29.02 8.57
CA SER A 492 -5.18 29.75 9.84
C SER A 492 -6.36 29.60 10.80
N LYS A 493 -7.58 29.77 10.29
CA LYS A 493 -8.82 29.65 11.10
C LYS A 493 -8.89 28.23 11.66
N CYS A 494 -8.62 27.25 10.82
CA CYS A 494 -8.66 25.82 11.22
C CYS A 494 -7.68 25.56 12.37
N ALA A 495 -6.46 26.09 12.28
CA ALA A 495 -5.40 25.93 13.29
C ALA A 495 -5.95 26.47 14.62
N THR A 496 -6.61 27.64 14.57
CA THR A 496 -7.21 28.30 15.77
C THR A 496 -8.25 27.34 16.38
N VAL A 497 -9.15 26.79 15.56
CA VAL A 497 -10.28 25.92 16.02
C VAL A 497 -9.70 24.72 16.77
N LEU A 498 -8.61 24.15 16.28
CA LEU A 498 -8.06 22.86 16.76
C LEU A 498 -7.00 23.08 17.83
N GLY A 499 -6.63 24.34 18.09
CA GLY A 499 -5.62 24.70 19.11
C GLY A 499 -4.22 24.32 18.67
N VAL A 500 -3.94 24.32 17.37
CA VAL A 500 -2.54 24.14 16.89
C VAL A 500 -2.03 25.51 16.43
N ILE A 501 -0.73 25.74 16.50
CA ILE A 501 -0.12 27.05 16.14
C ILE A 501 0.14 27.02 14.63
N ALA A 502 -0.50 27.93 13.89
CA ALA A 502 -0.28 28.07 12.43
C ALA A 502 0.89 29.01 12.20
N PRO A 503 1.71 28.82 11.16
CA PRO A 503 2.68 29.85 10.76
C PRO A 503 2.01 31.23 10.61
N LYS A 504 2.52 32.28 11.27
CA LYS A 504 1.90 33.62 11.15
C LYS A 504 2.10 34.17 9.72
N GLU A 505 3.04 33.61 8.96
CA GLU A 505 3.30 33.98 7.54
C GLU A 505 2.02 33.77 6.71
N TRP A 506 1.17 32.81 7.04
CA TRP A 506 -0.05 32.55 6.22
C TRP A 506 -0.97 33.78 6.18
N THR A 507 -1.26 34.39 7.33
CA THR A 507 -2.12 35.58 7.41
C THR A 507 -1.42 36.77 6.75
N LEU A 508 -0.11 36.95 7.02
CA LEU A 508 0.68 38.07 6.44
C LEU A 508 0.61 38.01 4.90
N ILE A 509 0.75 36.80 4.35
CA ILE A 509 0.70 36.59 2.88
C ILE A 509 -0.73 36.86 2.39
N ALA A 510 -1.73 36.26 3.05
CA ALA A 510 -3.14 36.39 2.62
C ALA A 510 -3.49 37.87 2.49
N ASP A 511 -3.05 38.69 3.43
CA ASP A 511 -3.46 40.12 3.50
C ASP A 511 -2.79 40.95 2.40
N LYS A 512 -1.77 40.41 1.70
CA LYS A 512 -0.95 41.21 0.76
C LYS A 512 -0.91 40.55 -0.63
N ILE A 513 -1.67 39.47 -0.84
CA ILE A 513 -1.76 38.91 -2.22
C ILE A 513 -2.48 39.92 -3.09
N LEU A 514 -1.92 40.24 -4.26
CA LEU A 514 -2.41 41.29 -5.19
C LEU A 514 -3.75 40.88 -5.79
N ILE A 515 -4.75 41.75 -5.65
CA ILE A 515 -5.97 41.74 -6.51
C ILE A 515 -6.13 43.18 -6.99
N SER A 516 -6.07 43.39 -8.30
CA SER A 516 -5.87 44.72 -8.92
C SER A 516 -7.14 45.16 -9.64
N LYS A 517 -7.30 46.48 -9.74
CA LYS A 517 -8.45 47.12 -10.41
C LYS A 517 -7.94 47.84 -11.64
N MET A 518 -8.76 47.88 -12.70
CA MET A 518 -8.48 48.71 -13.90
C MET A 518 -8.94 50.13 -13.57
N SER A 519 -8.70 51.07 -14.48
CA SER A 519 -8.91 52.51 -14.18
C SER A 519 -10.40 52.80 -13.94
N ASN A 520 -11.30 51.97 -14.48
CA ASN A 520 -12.78 52.08 -14.32
C ASN A 520 -13.24 51.42 -13.01
N GLY A 521 -12.31 50.98 -12.17
CA GLY A 521 -12.62 50.36 -10.86
C GLY A 521 -13.03 48.90 -10.97
N VAL A 522 -12.94 48.31 -12.16
CA VAL A 522 -13.37 46.90 -12.38
C VAL A 522 -12.19 46.01 -11.99
N THR A 523 -12.50 44.91 -11.31
CA THR A 523 -11.48 43.90 -10.93
C THR A 523 -10.77 43.40 -12.21
N ARG A 524 -9.45 43.45 -12.24
CA ARG A 524 -8.68 43.05 -13.44
C ARG A 524 -8.48 41.54 -13.40
N GLU A 525 -8.76 40.85 -14.50
CA GLU A 525 -8.70 39.37 -14.49
C GLU A 525 -7.26 38.90 -14.30
N HIS A 526 -6.30 39.60 -14.89
CA HIS A 526 -4.87 39.27 -14.73
C HIS A 526 -4.04 40.45 -15.21
N ASP A 527 -2.72 40.39 -15.04
CA ASP A 527 -1.88 41.59 -15.23
C ASP A 527 -1.80 42.03 -16.69
N SER A 528 -2.15 41.17 -17.64
CA SER A 528 -2.14 41.41 -19.11
C SER A 528 -3.56 41.70 -19.61
N TYR A 529 -4.54 41.79 -18.72
CA TYR A 529 -5.97 41.84 -19.11
C TYR A 529 -6.37 43.30 -19.37
N THR A 530 -7.05 43.54 -20.49
CA THR A 530 -7.73 44.83 -20.80
C THR A 530 -9.20 44.58 -21.11
N ASP A 531 -9.51 43.93 -22.25
CA ASP A 531 -10.90 43.72 -22.74
C ASP A 531 -11.00 42.45 -23.57
N GLN A 532 -10.10 41.49 -23.39
CA GLN A 532 -10.16 40.22 -24.12
C GLN A 532 -11.48 39.49 -23.81
N ASN A 533 -12.02 38.75 -24.77
CA ASN A 533 -13.07 37.74 -24.49
C ASN A 533 -12.49 36.70 -23.52
N ILE A 534 -13.35 36.18 -22.65
CA ILE A 534 -12.95 35.21 -21.60
C ILE A 534 -13.79 33.95 -21.77
N LYS A 535 -13.23 32.82 -21.37
CA LYS A 535 -13.87 31.52 -21.60
C LYS A 535 -15.05 31.37 -20.65
N GLN A 536 -14.92 31.90 -19.43
CA GLN A 536 -15.85 31.61 -18.34
C GLN A 536 -15.57 32.60 -17.22
N ALA A 537 -16.47 32.63 -16.26
CA ALA A 537 -16.38 33.50 -15.07
C ALA A 537 -15.05 33.31 -14.36
N ASP A 538 -14.46 34.42 -13.91
CA ASP A 538 -13.15 34.43 -13.24
C ASP A 538 -13.20 35.55 -12.21
N ALA A 539 -13.09 36.81 -12.65
CA ALA A 539 -13.16 37.93 -11.69
C ALA A 539 -14.50 37.92 -10.93
N ASN A 540 -15.58 37.56 -11.58
CA ASN A 540 -16.93 37.52 -10.96
C ASN A 540 -16.97 36.45 -9.86
N LEU A 541 -16.12 35.43 -9.92
CA LEU A 541 -16.07 34.39 -8.86
C LEU A 541 -15.53 34.95 -7.53
N LEU A 542 -14.86 36.11 -7.54
CA LEU A 542 -14.45 36.76 -6.27
C LEU A 542 -15.68 37.22 -5.50
N ALA A 543 -16.78 37.51 -6.18
CA ALA A 543 -18.07 37.87 -5.52
C ALA A 543 -18.74 36.59 -5.01
N TYR A 544 -18.94 35.61 -5.87
CA TYR A 544 -19.46 34.29 -5.46
C TYR A 544 -18.74 33.26 -6.31
N PRO A 545 -18.15 32.20 -5.74
CA PRO A 545 -18.31 31.82 -4.33
C PRO A 545 -17.39 32.44 -3.28
N LEU A 546 -16.34 33.17 -3.66
CA LEU A 546 -15.26 33.46 -2.68
C LEU A 546 -15.71 34.49 -1.65
N LYS A 547 -16.62 35.38 -2.04
CA LYS A 547 -17.14 36.46 -1.16
C LYS A 547 -15.99 37.37 -0.70
N LEU A 548 -14.93 37.47 -1.48
CA LEU A 548 -13.88 38.50 -1.26
C LEU A 548 -14.41 39.88 -1.64
N ILE A 549 -15.33 39.94 -2.60
CA ILE A 549 -16.00 41.20 -3.03
C ILE A 549 -17.43 41.12 -2.54
N THR A 550 -17.82 41.98 -1.58
CA THR A 550 -19.18 41.99 -0.98
C THR A 550 -19.88 43.33 -1.26
N ASP A 551 -19.11 44.37 -1.60
CA ASP A 551 -19.64 45.72 -1.92
C ASP A 551 -20.53 45.59 -3.16
N LYS A 552 -21.82 45.92 -3.03
CA LYS A 552 -22.79 45.63 -4.12
C LYS A 552 -22.42 46.46 -5.37
N GLU A 553 -21.85 47.65 -5.21
CA GLU A 553 -21.47 48.49 -6.37
C GLU A 553 -20.30 47.84 -7.13
N GLN A 554 -19.36 47.24 -6.40
CA GLN A 554 -18.19 46.52 -6.99
C GLN A 554 -18.72 45.29 -7.71
N ILE A 555 -19.62 44.54 -7.09
CA ILE A 555 -20.21 43.31 -7.71
C ILE A 555 -20.84 43.71 -9.04
N GLU A 556 -21.63 44.80 -9.00
CA GLU A 556 -22.37 45.26 -10.19
C GLU A 556 -21.39 45.73 -11.28
N ARG A 557 -20.35 46.48 -10.95
CA ARG A 557 -19.45 47.01 -12.01
C ARG A 557 -18.66 45.85 -12.62
N ASP A 558 -18.34 44.84 -11.83
CA ASP A 558 -17.66 43.62 -12.35
C ASP A 558 -18.62 42.84 -13.26
N LEU A 559 -19.90 42.72 -12.92
CA LEU A 559 -20.88 42.06 -13.81
C LEU A 559 -21.00 42.86 -15.11
N LYS A 560 -21.16 44.19 -15.02
CA LYS A 560 -21.41 45.00 -16.23
C LYS A 560 -20.21 44.86 -17.18
N TYR A 561 -18.99 44.81 -16.66
CA TYR A 561 -17.78 44.79 -17.53
C TYR A 561 -17.63 43.40 -18.16
N TYR A 562 -17.84 42.33 -17.40
CA TYR A 562 -17.45 40.98 -17.85
C TYR A 562 -18.61 40.19 -18.45
N GLN A 563 -19.86 40.56 -18.19
CA GLN A 563 -20.95 39.62 -18.55
C GLN A 563 -21.00 39.43 -20.08
N THR A 564 -20.61 40.43 -20.89
CA THR A 564 -20.61 40.30 -22.36
C THR A 564 -19.26 39.80 -22.90
N LYS A 565 -18.29 39.48 -22.03
CA LYS A 565 -16.94 39.01 -22.44
C LYS A 565 -16.96 37.52 -22.78
N ILE A 566 -18.00 36.79 -22.42
CA ILE A 566 -18.13 35.33 -22.67
C ILE A 566 -18.85 35.15 -24.01
N PRO A 567 -18.14 34.64 -25.03
CA PRO A 567 -18.79 34.37 -26.33
C PRO A 567 -19.90 33.33 -26.24
N GLN A 568 -20.79 33.33 -27.23
CA GLN A 568 -21.89 32.36 -27.31
C GLN A 568 -21.32 30.95 -27.57
N SER A 569 -20.30 30.85 -28.42
CA SER A 569 -19.76 29.53 -28.85
C SER A 569 -18.56 29.08 -28.01
N ASP A 570 -18.54 27.78 -27.70
CA ASP A 570 -17.32 27.09 -27.20
C ASP A 570 -16.97 27.58 -25.80
N THR A 571 -18.00 27.96 -25.05
CA THR A 571 -17.87 28.44 -23.66
C THR A 571 -18.69 27.52 -22.78
N PRO A 572 -18.05 26.91 -21.75
CA PRO A 572 -18.73 25.89 -20.97
C PRO A 572 -19.72 26.49 -19.95
N ALA A 573 -20.57 25.64 -19.38
CA ALA A 573 -21.65 26.05 -18.46
C ALA A 573 -21.07 26.25 -17.05
N MET A 574 -20.22 27.27 -16.92
CA MET A 574 -19.49 27.61 -15.68
C MET A 574 -19.44 29.13 -15.53
N THR A 575 -20.53 29.81 -15.86
CA THR A 575 -20.55 31.28 -15.94
C THR A 575 -21.95 31.79 -15.55
N GLN A 576 -22.92 31.51 -16.40
CA GLN A 576 -24.23 32.21 -16.34
C GLN A 576 -24.96 31.86 -15.04
N ALA A 577 -24.73 30.69 -14.47
CA ALA A 577 -25.37 30.33 -13.18
C ALA A 577 -24.84 31.26 -12.09
N ILE A 578 -23.58 31.67 -12.19
CA ILE A 578 -22.96 32.60 -11.20
C ILE A 578 -23.55 33.99 -11.43
N PHE A 579 -23.68 34.39 -12.69
CA PHE A 579 -24.32 35.69 -13.00
C PHE A 579 -25.74 35.69 -12.39
N SER A 580 -26.48 34.60 -12.55
CA SER A 580 -27.87 34.48 -12.04
C SER A 580 -27.87 34.72 -10.53
N LEU A 581 -27.01 33.95 -9.84
CA LEU A 581 -26.90 33.98 -8.38
C LEU A 581 -26.56 35.40 -7.92
N LEU A 582 -25.59 36.04 -8.56
CA LEU A 582 -25.17 37.40 -8.13
C LEU A 582 -26.33 38.38 -8.38
N TYR A 583 -27.04 38.30 -9.51
CA TYR A 583 -28.22 39.18 -9.74
C TYR A 583 -29.31 38.86 -8.71
N SER A 584 -29.53 37.60 -8.33
CA SER A 584 -30.48 37.26 -7.23
C SER A 584 -30.03 37.96 -5.92
N ARG A 585 -28.73 37.94 -5.60
CA ARG A 585 -28.19 38.59 -4.37
C ARG A 585 -28.37 40.11 -4.46
N LEU A 586 -28.34 40.66 -5.67
CA LEU A 586 -28.58 42.11 -5.94
C LEU A 586 -30.08 42.39 -6.01
N GLU A 587 -30.93 41.37 -5.85
CA GLU A 587 -32.42 41.49 -5.89
C GLU A 587 -32.90 41.99 -7.25
N ASP A 588 -32.26 41.54 -8.34
CA ASP A 588 -32.67 41.89 -9.72
C ASP A 588 -33.27 40.63 -10.35
N SER A 589 -34.59 40.49 -10.26
CA SER A 589 -35.33 39.27 -10.69
C SER A 589 -35.21 39.06 -12.21
N ASP A 590 -35.32 40.11 -13.03
CA ASP A 590 -35.31 39.97 -14.51
C ASP A 590 -33.94 39.44 -14.95
N GLN A 591 -32.87 40.04 -14.44
CA GLN A 591 -31.50 39.64 -14.84
C GLN A 591 -31.24 38.26 -14.26
N ALA A 592 -31.59 38.01 -12.98
CA ALA A 592 -31.32 36.68 -12.36
C ALA A 592 -32.01 35.57 -13.17
N TYR A 593 -33.23 35.77 -13.62
CA TYR A 593 -34.00 34.72 -14.35
C TYR A 593 -33.47 34.60 -15.78
N HIS A 594 -33.04 35.71 -16.39
CA HIS A 594 -32.45 35.68 -17.75
C HIS A 594 -31.25 34.74 -17.74
N TRP A 595 -30.39 34.93 -16.75
CA TRP A 595 -29.08 34.22 -16.69
C TRP A 595 -29.31 32.78 -16.26
N PHE A 596 -30.30 32.52 -15.38
CA PHE A 596 -30.72 31.15 -15.02
C PHE A 596 -31.05 30.35 -16.29
N LYS A 597 -31.92 30.86 -17.14
CA LYS A 597 -32.33 30.16 -18.37
C LYS A 597 -31.12 30.02 -19.30
N ASP A 598 -30.35 31.09 -19.46
CA ASP A 598 -29.18 31.11 -20.38
C ASP A 598 -28.13 30.10 -19.92
N ALA A 599 -28.09 29.79 -18.62
CA ALA A 599 -27.05 28.88 -18.07
C ALA A 599 -27.20 27.47 -18.66
N TYR A 600 -28.40 27.02 -19.00
CA TYR A 600 -28.57 25.59 -19.40
C TYR A 600 -29.52 25.40 -20.59
N GLN A 601 -30.53 26.26 -20.79
CA GLN A 601 -31.53 25.95 -21.85
C GLN A 601 -30.88 25.90 -23.24
N PRO A 602 -29.91 26.78 -23.58
CA PRO A 602 -29.27 26.71 -24.89
C PRO A 602 -28.30 25.53 -25.04
N ASN A 603 -28.11 24.75 -23.97
CA ASN A 603 -27.17 23.60 -23.94
C ASN A 603 -27.91 22.26 -24.05
N LEU A 604 -29.24 22.26 -24.23
CA LEU A 604 -30.02 21.01 -24.03
C LEU A 604 -29.98 20.15 -25.28
N ASN A 605 -30.10 18.83 -25.08
CA ASN A 605 -30.15 17.82 -26.15
C ASN A 605 -31.41 16.99 -26.01
N PRO A 606 -32.09 16.65 -27.12
CA PRO A 606 -33.33 15.87 -27.07
C PRO A 606 -33.04 14.38 -26.96
N PRO A 607 -34.02 13.52 -26.60
CA PRO A 607 -35.37 13.99 -26.23
C PRO A 607 -35.64 14.24 -24.73
N PHE A 608 -34.63 14.12 -23.88
CA PHE A 608 -34.75 14.15 -22.40
C PHE A 608 -34.20 15.43 -21.77
N ARG A 609 -33.84 16.45 -22.57
CA ARG A 609 -33.29 17.73 -22.06
C ARG A 609 -32.06 17.43 -21.20
N VAL A 610 -31.21 16.52 -21.63
CA VAL A 610 -29.86 16.42 -21.02
C VAL A 610 -29.05 17.66 -21.37
N ILE A 611 -28.03 17.95 -20.57
CA ILE A 611 -27.23 19.21 -20.65
C ILE A 611 -25.86 18.92 -21.26
N SER A 612 -25.54 19.63 -22.34
CA SER A 612 -24.18 19.63 -22.96
C SER A 612 -23.30 20.70 -22.28
N GLU A 613 -22.00 20.60 -22.49
CA GLU A 613 -21.02 21.50 -21.86
C GLU A 613 -21.21 22.95 -22.31
N CYS A 614 -21.41 23.12 -23.61
CA CYS A 614 -21.50 24.45 -24.26
C CYS A 614 -22.86 24.64 -24.94
N LYS A 615 -23.18 25.88 -25.29
CA LYS A 615 -24.37 26.20 -26.09
C LYS A 615 -24.32 25.45 -27.43
N GLY A 616 -25.39 24.74 -27.77
CA GLY A 616 -25.50 23.97 -29.04
C GLY A 616 -24.55 22.80 -29.06
N GLY A 617 -24.00 22.44 -27.92
CA GLY A 617 -23.04 21.32 -27.78
C GLY A 617 -23.75 19.99 -27.86
N THR A 618 -22.96 18.91 -27.97
CA THR A 618 -23.47 17.56 -28.27
C THR A 618 -22.69 16.54 -27.43
N ASN A 619 -22.32 16.91 -26.20
CA ASN A 619 -21.52 16.02 -25.32
C ASN A 619 -22.13 15.92 -23.93
N PRO A 620 -23.45 15.64 -23.78
CA PRO A 620 -24.02 15.48 -22.45
C PRO A 620 -23.48 14.25 -21.73
N TYR A 621 -23.66 14.16 -20.41
CA TYR A 621 -24.36 15.08 -19.52
C TYR A 621 -23.33 15.83 -18.69
N PHE A 622 -23.27 17.16 -18.83
CA PHE A 622 -22.31 18.02 -18.10
C PHE A 622 -22.88 18.34 -16.72
N SER A 623 -22.64 17.41 -15.79
N SER A 623 -22.63 17.45 -15.76
CA SER A 623 -23.06 17.49 -14.38
CA SER A 623 -23.13 17.56 -14.38
C SER A 623 -22.51 18.79 -13.75
C SER A 623 -22.45 18.75 -13.66
N THR A 624 -21.32 19.24 -14.16
CA THR A 624 -20.76 20.52 -13.65
C THR A 624 -21.79 21.64 -13.87
N GLY A 625 -22.37 21.69 -15.06
CA GLY A 625 -23.35 22.72 -15.43
C GLY A 625 -24.57 22.64 -14.52
N ALA A 626 -25.06 21.43 -14.28
CA ALA A 626 -26.21 21.18 -13.37
C ALA A 626 -25.84 21.67 -11.97
N GLY A 627 -24.65 21.36 -11.48
CA GLY A 627 -24.21 21.82 -10.15
C GLY A 627 -24.24 23.34 -10.05
N GLY A 628 -23.71 24.05 -11.04
CA GLY A 628 -23.78 25.53 -11.07
C GLY A 628 -25.21 26.03 -11.02
N VAL A 629 -26.08 25.46 -11.85
CA VAL A 629 -27.49 25.94 -11.91
C VAL A 629 -28.14 25.66 -10.56
N LEU A 630 -27.84 24.55 -9.91
CA LEU A 630 -28.45 24.24 -8.58
C LEU A 630 -28.02 25.31 -7.56
N GLN A 631 -26.80 25.83 -7.68
CA GLN A 631 -26.36 26.93 -6.80
C GLN A 631 -27.20 28.17 -7.13
N ALA A 632 -27.44 28.45 -8.40
CA ALA A 632 -28.28 29.62 -8.77
C ALA A 632 -29.65 29.48 -8.12
N VAL A 633 -30.21 28.27 -8.06
CA VAL A 633 -31.57 28.04 -7.46
C VAL A 633 -31.47 28.12 -5.93
N ILE A 634 -30.59 27.35 -5.32
CA ILE A 634 -30.51 27.21 -3.84
C ILE A 634 -29.89 28.45 -3.21
N MET A 635 -28.72 28.87 -3.69
CA MET A 635 -27.98 30.00 -3.07
C MET A 635 -28.49 31.34 -3.61
N GLY A 636 -28.97 31.35 -4.85
CA GLY A 636 -29.43 32.57 -5.55
C GLY A 636 -30.88 32.82 -5.24
N PHE A 637 -31.79 32.10 -5.88
CA PHE A 637 -33.24 32.32 -5.68
C PHE A 637 -33.64 32.03 -4.24
N GLY A 638 -33.07 31.00 -3.60
CA GLY A 638 -33.38 30.63 -2.20
C GLY A 638 -32.63 31.47 -1.19
N GLY A 639 -31.60 32.21 -1.61
CA GLY A 639 -30.79 33.05 -0.71
C GLY A 639 -29.96 32.28 0.31
N LEU A 640 -29.79 30.96 0.17
CA LEU A 640 -29.07 30.13 1.17
C LEU A 640 -27.56 30.35 0.99
N ASP A 641 -26.82 30.34 2.10
CA ASP A 641 -25.40 30.75 2.10
C ASP A 641 -24.68 30.02 3.22
N ILE A 642 -23.45 29.58 2.97
CA ILE A 642 -22.56 29.04 4.03
C ILE A 642 -22.03 30.24 4.80
N ASP A 643 -22.49 30.38 6.04
CA ASP A 643 -22.07 31.43 6.99
C ASP A 643 -20.61 31.17 7.36
N ALA A 644 -19.76 32.19 7.21
CA ALA A 644 -18.30 32.14 7.50
C ALA A 644 -18.08 31.68 8.95
N ALA A 645 -19.07 31.86 9.81
CA ALA A 645 -18.98 31.54 11.25
C ALA A 645 -19.48 30.12 11.51
N GLY A 646 -20.09 29.48 10.50
CA GLY A 646 -20.65 28.12 10.60
C GLY A 646 -22.14 28.08 10.31
N GLY A 647 -22.59 26.95 9.75
CA GLY A 647 -23.99 26.66 9.46
C GLY A 647 -24.46 27.31 8.17
N ILE A 648 -25.75 27.14 7.86
CA ILE A 648 -26.45 27.74 6.71
C ILE A 648 -27.25 28.95 7.21
N LYS A 649 -27.10 30.08 6.54
CA LYS A 649 -27.91 31.30 6.79
C LYS A 649 -28.70 31.60 5.53
N GLN A 650 -29.62 32.56 5.59
CA GLN A 650 -30.38 32.99 4.40
C GLN A 650 -30.20 34.50 4.25
N VAL A 651 -29.80 34.95 3.06
CA VAL A 651 -29.63 36.39 2.71
C VAL A 651 -30.76 36.77 1.77
N LYS A 652 -30.86 38.06 1.44
CA LYS A 652 -31.94 38.57 0.57
C LYS A 652 -31.82 37.91 -0.80
N SER A 653 -32.97 37.63 -1.41
CA SER A 653 -33.08 37.00 -2.74
C SER A 653 -34.36 37.47 -3.41
N VAL A 654 -34.46 37.19 -4.70
CA VAL A 654 -35.70 37.36 -5.50
C VAL A 654 -36.00 36.04 -6.20
N LEU A 655 -37.26 35.82 -6.55
CA LEU A 655 -37.68 34.73 -7.44
C LEU A 655 -37.92 35.27 -8.85
N PRO A 656 -37.86 34.39 -9.87
CA PRO A 656 -38.43 34.70 -11.17
C PRO A 656 -39.88 35.16 -11.00
N LYS A 657 -40.30 36.14 -11.80
CA LYS A 657 -41.65 36.75 -11.80
C LYS A 657 -42.73 35.66 -11.79
N ASN A 658 -42.51 34.59 -12.55
CA ASN A 658 -43.50 33.53 -12.93
C ASN A 658 -43.46 32.38 -11.92
N TRP A 659 -42.54 32.39 -10.96
CA TRP A 659 -42.48 31.39 -9.85
C TRP A 659 -43.33 31.90 -8.67
N LYS A 660 -44.33 31.13 -8.29
CA LYS A 660 -45.28 31.51 -7.21
C LYS A 660 -44.69 31.09 -5.87
N LYS A 661 -43.94 29.99 -5.86
CA LYS A 661 -43.34 29.45 -4.62
C LYS A 661 -42.11 28.61 -4.99
N LEU A 662 -41.09 28.76 -4.18
CA LEU A 662 -39.87 27.92 -4.19
C LEU A 662 -39.73 27.30 -2.80
N THR A 663 -39.70 25.97 -2.75
CA THR A 663 -39.58 25.19 -1.50
C THR A 663 -38.34 24.32 -1.64
N ILE A 664 -37.42 24.45 -0.69
CA ILE A 664 -36.13 23.70 -0.64
C ILE A 664 -36.11 22.92 0.68
N THR A 665 -36.01 21.61 0.60
CA THR A 665 -36.10 20.71 1.79
C THR A 665 -34.74 20.05 2.04
N GLY A 666 -34.51 19.69 3.31
CA GLY A 666 -33.39 18.86 3.78
C GLY A 666 -32.10 19.66 3.88
N ILE A 667 -32.15 20.95 4.19
CA ILE A 667 -30.96 21.85 4.12
C ILE A 667 -30.21 21.83 5.44
N GLY A 668 -28.88 21.62 5.40
CA GLY A 668 -28.01 21.65 6.59
C GLY A 668 -28.22 20.45 7.50
N ILE A 669 -27.47 20.36 8.61
CA ILE A 669 -27.53 19.15 9.47
C ILE A 669 -28.84 19.15 10.28
N GLU A 670 -29.56 20.28 10.31
CA GLU A 670 -30.89 20.36 10.97
C GLU A 670 -32.00 20.01 9.98
N LYS A 671 -31.67 19.79 8.70
CA LYS A 671 -32.64 19.35 7.65
C LYS A 671 -33.81 20.34 7.58
N LYS A 672 -33.49 21.62 7.39
CA LYS A 672 -34.47 22.72 7.41
C LYS A 672 -35.18 22.81 6.05
N THR A 673 -36.44 23.20 6.07
CA THR A 673 -37.22 23.56 4.86
C THR A 673 -37.27 25.08 4.76
N PHE A 674 -36.98 25.60 3.57
CA PHE A 674 -37.08 27.03 3.22
C PHE A 674 -38.18 27.21 2.17
N VAL A 675 -39.10 28.13 2.44
CA VAL A 675 -40.20 28.50 1.51
C VAL A 675 -40.02 29.97 1.14
N LEU A 676 -39.99 30.25 -0.15
CA LEU A 676 -39.89 31.64 -0.65
C LEU A 676 -41.07 31.89 -1.58
N THR A 677 -41.69 33.06 -1.42
CA THR A 677 -42.79 33.59 -2.26
C THR A 677 -42.44 35.03 -2.61
N HIS A 678 -43.14 35.62 -3.58
CA HIS A 678 -43.07 37.08 -3.86
C HIS A 678 -43.67 37.84 -2.68
N HIS B 20 44.40 27.08 -9.63
CA HIS B 20 43.46 25.92 -9.50
C HIS B 20 42.94 25.77 -8.06
N GLN B 21 43.09 26.80 -7.22
CA GLN B 21 42.79 26.75 -5.76
C GLN B 21 41.77 27.83 -5.38
N ASP B 22 40.83 28.11 -6.28
CA ASP B 22 39.67 29.00 -6.04
C ASP B 22 38.80 28.37 -4.95
N PRO B 23 38.36 29.15 -3.94
CA PRO B 23 37.63 28.61 -2.80
C PRO B 23 36.20 28.16 -3.14
N TRP B 24 35.70 28.54 -4.33
CA TRP B 24 34.32 28.22 -4.79
C TRP B 24 34.31 27.38 -6.07
N LYS B 25 35.44 27.24 -6.78
CA LYS B 25 35.44 26.57 -8.11
C LYS B 25 36.54 25.51 -8.20
N LEU B 26 36.22 24.34 -8.73
CA LEU B 26 37.22 23.29 -9.08
C LEU B 26 37.45 23.42 -10.60
N SER B 27 38.71 23.51 -11.06
CA SER B 27 39.11 23.81 -12.46
C SER B 27 39.99 22.70 -13.02
N ALA B 28 39.80 22.31 -14.29
CA ALA B 28 40.70 21.40 -15.03
C ALA B 28 40.99 22.01 -16.40
N ASP B 29 42.27 22.09 -16.77
CA ASP B 29 42.74 22.53 -18.11
C ASP B 29 42.96 21.29 -18.97
N LYS B 30 42.51 21.32 -20.22
CA LYS B 30 42.67 20.22 -21.19
C LYS B 30 42.48 18.88 -20.49
N PRO B 31 41.25 18.51 -20.12
CA PRO B 31 40.95 17.17 -19.62
C PRO B 31 41.77 16.06 -20.31
N ASP B 32 42.41 15.19 -19.53
CA ASP B 32 43.16 14.00 -20.01
C ASP B 32 42.30 12.75 -19.83
N SER B 33 41.68 12.24 -20.90
CA SER B 33 40.74 11.10 -20.84
C SER B 33 41.41 9.84 -20.26
N ASN B 34 42.76 9.74 -20.32
CA ASN B 34 43.56 8.60 -19.81
C ASN B 34 43.72 8.67 -18.28
N ASN B 35 43.43 9.82 -17.66
CA ASN B 35 43.63 10.03 -16.21
C ASN B 35 42.59 11.05 -15.70
N TYR B 36 41.32 10.71 -15.86
CA TYR B 36 40.21 11.67 -15.60
C TYR B 36 39.12 10.99 -14.77
N TYR B 37 38.84 11.54 -13.60
CA TYR B 37 37.72 11.14 -12.72
C TYR B 37 36.70 12.30 -12.70
N GLY B 38 35.56 12.08 -13.33
CA GLY B 38 34.52 13.10 -13.53
C GLY B 38 33.94 13.58 -12.22
N GLU B 39 33.48 14.83 -12.20
CA GLU B 39 32.82 15.50 -11.07
C GLU B 39 31.31 15.47 -11.30
N THR B 40 30.57 15.62 -10.21
CA THR B 40 29.11 15.47 -10.19
C THR B 40 28.42 16.80 -9.95
N VAL B 41 27.32 17.06 -10.66
CA VAL B 41 26.31 18.08 -10.26
C VAL B 41 25.03 17.31 -9.94
N ALA B 42 24.38 17.66 -8.85
CA ALA B 42 23.22 16.87 -8.39
C ALA B 42 22.32 17.74 -7.54
N ASN B 43 21.06 17.31 -7.45
CA ASN B 43 20.03 18.04 -6.67
C ASN B 43 19.41 17.10 -5.63
N GLY B 44 20.10 16.01 -5.29
CA GLY B 44 19.60 14.97 -4.38
C GLY B 44 18.69 13.97 -5.08
N MET B 45 18.35 14.16 -6.35
CA MET B 45 17.46 13.26 -7.10
C MET B 45 18.21 12.75 -8.35
N ILE B 46 18.76 13.65 -9.12
CA ILE B 46 19.55 13.30 -10.33
C ILE B 46 20.99 13.73 -10.10
N GLY B 47 21.92 12.82 -10.38
CA GLY B 47 23.36 13.12 -10.46
C GLY B 47 23.82 13.00 -11.90
N ILE B 48 24.65 13.94 -12.31
CA ILE B 48 25.25 13.96 -13.67
C ILE B 48 26.76 14.04 -13.49
N ILE B 49 27.46 13.01 -13.98
CA ILE B 49 28.93 12.86 -13.79
C ILE B 49 29.58 13.26 -15.12
N SER B 50 30.55 14.15 -15.03
CA SER B 50 31.19 14.81 -16.19
C SER B 50 32.02 13.79 -17.00
N SER B 51 32.06 14.05 -18.31
CA SER B 51 32.93 13.39 -19.32
C SER B 51 34.10 14.33 -19.61
N PRO B 52 35.28 13.79 -19.94
CA PRO B 52 36.36 14.63 -20.44
C PRO B 52 36.01 15.19 -21.84
N GLU B 53 35.08 14.54 -22.55
CA GLU B 53 34.69 14.95 -23.94
C GLU B 53 33.77 16.16 -23.85
N PRO B 54 33.89 17.16 -24.76
CA PRO B 54 33.05 18.35 -24.72
C PRO B 54 31.60 17.99 -25.06
N LEU B 55 30.67 18.56 -24.30
CA LEU B 55 29.22 18.54 -24.57
C LEU B 55 28.70 17.12 -24.41
N LYS B 56 29.40 16.30 -23.62
CA LYS B 56 28.94 14.94 -23.24
C LYS B 56 28.92 14.82 -21.72
N VAL B 57 28.13 13.88 -21.23
CA VAL B 57 28.19 13.45 -19.82
C VAL B 57 28.53 11.95 -19.79
N LYS B 58 29.23 11.54 -18.75
CA LYS B 58 29.68 10.14 -18.61
C LYS B 58 28.51 9.28 -18.16
N GLU B 59 27.77 9.74 -17.15
CA GLU B 59 26.79 8.89 -16.45
C GLU B 59 25.74 9.80 -15.84
N VAL B 60 24.54 9.25 -15.77
CA VAL B 60 23.38 9.89 -15.08
C VAL B 60 22.77 8.85 -14.18
N VAL B 61 22.54 9.24 -12.92
CA VAL B 61 21.94 8.36 -11.90
C VAL B 61 20.70 9.05 -11.36
N LEU B 62 19.61 8.29 -11.31
CA LEU B 62 18.36 8.71 -10.70
C LEU B 62 18.22 8.03 -9.33
N ALA B 63 18.19 8.82 -8.26
CA ALA B 63 17.92 8.28 -6.92
C ALA B 63 16.61 7.50 -6.89
N GLY B 64 16.53 6.49 -6.03
CA GLY B 64 15.27 5.82 -5.70
C GLY B 64 14.87 4.75 -6.70
N THR B 65 15.60 4.59 -7.79
CA THR B 65 15.29 3.61 -8.85
C THR B 65 16.30 2.47 -8.75
N TYR B 66 15.83 1.31 -8.35
CA TYR B 66 16.70 0.14 -8.16
C TYR B 66 16.12 -1.04 -8.91
N ASP B 67 17.01 -1.84 -9.46
CA ASP B 67 16.63 -3.13 -10.07
C ASP B 67 17.84 -4.06 -10.02
N ILE B 68 17.62 -5.35 -10.22
CA ILE B 68 18.73 -6.33 -10.33
C ILE B 68 19.61 -5.96 -11.53
N TYR B 69 20.90 -5.83 -11.31
CA TYR B 69 21.85 -5.28 -12.30
C TYR B 69 23.27 -5.49 -11.76
N LYS B 70 23.99 -6.25 -12.56
CA LYS B 70 25.45 -6.51 -12.41
C LYS B 70 25.81 -6.87 -10.97
N ARG B 71 26.61 -6.02 -10.31
CA ARG B 71 27.33 -6.33 -9.05
C ARG B 71 26.39 -6.92 -7.99
N GLY B 72 26.77 -8.09 -7.47
CA GLY B 72 26.20 -8.56 -6.19
C GLY B 72 24.89 -9.32 -6.34
N ARG B 73 24.27 -9.34 -7.53
CA ARG B 73 23.03 -10.09 -7.80
C ARG B 73 21.86 -9.51 -7.00
N VAL B 74 21.97 -8.25 -6.54
CA VAL B 74 20.94 -7.58 -5.72
C VAL B 74 20.56 -6.28 -6.41
N SER B 75 19.58 -5.60 -5.85
CA SER B 75 19.08 -4.37 -6.50
C SER B 75 20.19 -3.34 -6.57
N SER B 76 20.15 -2.49 -7.57
CA SER B 76 21.22 -1.50 -7.83
C SER B 76 20.62 -0.28 -8.47
N PHE B 77 21.26 0.88 -8.25
CA PHE B 77 21.11 2.01 -9.17
C PHE B 77 21.39 1.49 -10.57
N ILE B 78 20.80 2.18 -11.53
CA ILE B 78 20.83 1.76 -12.96
C ILE B 78 21.44 2.92 -13.75
N PRO B 79 22.48 2.70 -14.58
CA PRO B 79 22.96 3.78 -15.45
C PRO B 79 21.77 4.24 -16.30
N ASN B 80 21.57 5.55 -16.37
CA ASN B 80 20.38 6.13 -17.00
C ASN B 80 20.76 6.90 -18.27
N TYR B 81 19.76 7.49 -18.91
CA TYR B 81 19.97 8.29 -20.13
C TYR B 81 20.96 9.41 -19.89
N ASN B 82 21.98 9.47 -20.73
CA ASN B 82 22.92 10.62 -20.79
C ASN B 82 22.19 11.74 -21.55
N LEU B 83 21.25 12.39 -20.90
CA LEU B 83 20.23 13.17 -21.62
C LEU B 83 20.83 14.46 -22.17
N LEU B 84 22.01 14.86 -21.70
CA LEU B 84 22.62 16.14 -22.16
C LEU B 84 23.51 15.92 -23.38
N ASN B 85 23.68 14.68 -23.84
CA ASN B 85 24.66 14.41 -24.91
C ASN B 85 24.32 15.20 -26.16
N MET B 86 25.31 15.96 -26.60
CA MET B 86 25.14 16.92 -27.71
CA MET B 86 25.10 16.88 -27.75
C MET B 86 26.28 16.75 -28.71
N LYS B 87 26.01 16.95 -29.98
CA LYS B 87 27.04 17.01 -31.05
C LYS B 87 26.94 18.38 -31.72
N LEU B 88 28.06 19.07 -31.81
CA LEU B 88 28.08 20.43 -32.37
C LEU B 88 29.02 20.38 -33.56
N ALA B 89 28.58 20.89 -34.71
CA ALA B 89 29.40 21.01 -35.93
C ALA B 89 29.41 22.47 -36.38
N PHE B 90 30.55 22.91 -36.92
CA PHE B 90 30.69 24.26 -37.50
C PHE B 90 30.99 24.06 -38.99
N ASN B 91 30.07 24.50 -39.84
CA ASN B 91 30.17 24.43 -41.32
C ASN B 91 30.31 22.94 -41.71
N GLY B 92 29.59 22.05 -41.01
CA GLY B 92 29.58 20.61 -41.28
C GLY B 92 30.73 19.88 -40.61
N GLU B 93 31.63 20.60 -39.93
CA GLU B 93 32.82 20.00 -39.28
C GLU B 93 32.51 19.75 -37.81
N SER B 94 32.50 18.47 -37.45
CA SER B 94 32.22 17.96 -36.10
C SER B 94 33.27 18.47 -35.09
N VAL B 95 32.83 19.02 -33.97
CA VAL B 95 33.66 19.46 -32.81
C VAL B 95 34.10 18.20 -32.07
N GLN B 96 35.41 18.03 -31.88
CA GLN B 96 36.02 16.90 -31.13
C GLN B 96 37.10 17.45 -30.21
N THR B 97 37.53 16.68 -29.20
CA THR B 97 38.70 17.03 -28.37
C THR B 97 39.88 17.38 -29.29
N TYR B 98 40.03 16.70 -30.44
CA TYR B 98 41.27 16.79 -31.25
C TYR B 98 41.31 18.07 -32.09
N ASN B 99 40.20 18.79 -32.30
CA ASN B 99 40.21 19.98 -33.21
C ASN B 99 39.79 21.26 -32.49
N ILE B 100 39.67 21.22 -31.16
CA ILE B 100 39.38 22.42 -30.34
C ILE B 100 40.65 22.80 -29.62
N ASN B 101 40.71 23.99 -29.06
CA ASN B 101 41.89 24.40 -28.27
C ASN B 101 41.42 25.27 -27.12
N ASN B 102 42.30 25.38 -26.12
CA ASN B 102 42.07 26.17 -24.90
C ASN B 102 40.88 25.58 -24.14
N TYR B 103 40.73 24.25 -24.14
CA TYR B 103 39.55 23.57 -23.57
C TYR B 103 39.73 23.50 -22.06
N LYS B 104 38.75 24.00 -21.30
CA LYS B 104 38.77 24.08 -19.82
C LYS B 104 37.44 23.54 -19.29
N GLN B 105 37.46 22.90 -18.12
CA GLN B 105 36.22 22.51 -17.39
C GLN B 105 36.31 23.14 -16.00
N GLU B 106 35.15 23.50 -15.45
CA GLU B 106 35.07 24.19 -14.14
C GLU B 106 33.77 23.79 -13.44
N LEU B 107 33.87 23.37 -12.19
CA LEU B 107 32.68 23.21 -11.31
C LEU B 107 32.57 24.42 -10.39
N ASP B 108 31.48 25.18 -10.52
CA ASP B 108 31.16 26.27 -9.57
C ASP B 108 30.34 25.67 -8.43
N MET B 109 30.97 25.51 -7.26
CA MET B 109 30.29 24.90 -6.09
C MET B 109 29.20 25.82 -5.54
N ARG B 110 29.21 27.12 -5.87
CA ARG B 110 28.19 28.05 -5.34
C ARG B 110 26.81 27.66 -5.86
N ASN B 111 26.73 27.10 -7.08
CA ASN B 111 25.40 26.77 -7.66
C ASN B 111 25.43 25.45 -8.42
N GLY B 112 26.42 24.63 -8.18
CA GLY B 112 26.51 23.33 -8.86
C GLY B 112 26.45 23.48 -10.36
N ALA B 113 27.06 24.52 -10.90
CA ALA B 113 27.19 24.69 -12.38
C ALA B 113 28.45 23.97 -12.89
N PHE B 114 28.31 23.02 -13.81
CA PHE B 114 29.49 22.42 -14.51
C PHE B 114 29.64 23.13 -15.85
N THR B 115 30.77 23.81 -16.09
CA THR B 115 30.95 24.60 -17.31
C THR B 115 32.17 24.10 -18.09
N GLY B 116 32.01 23.87 -19.40
CA GLY B 116 33.15 23.71 -20.31
C GLY B 116 33.25 24.89 -21.24
N SER B 117 34.45 25.21 -21.69
CA SER B 117 34.64 26.31 -22.66
C SER B 117 35.80 25.93 -23.58
N PHE B 118 35.70 26.27 -24.85
CA PHE B 118 36.78 25.97 -25.81
C PHE B 118 36.67 26.92 -26.99
N GLN B 119 37.77 27.01 -27.73
CA GLN B 119 37.85 27.72 -29.03
C GLN B 119 37.78 26.68 -30.13
N PHE B 120 36.97 26.92 -31.16
CA PHE B 120 36.95 26.09 -32.38
C PHE B 120 37.62 26.90 -33.50
N LYS B 121 38.89 26.57 -33.74
CA LYS B 121 39.67 27.12 -34.87
C LYS B 121 39.54 28.65 -34.85
N ASP B 122 39.19 29.23 -35.98
CA ASP B 122 39.10 30.70 -36.22
C ASP B 122 37.63 31.11 -36.24
N LEU B 123 36.72 30.22 -35.78
CA LEU B 123 35.26 30.45 -35.99
C LEU B 123 34.57 30.96 -34.72
N ALA B 124 34.73 30.31 -33.56
CA ALA B 124 33.89 30.64 -32.39
C ALA B 124 34.47 30.11 -31.10
N THR B 125 34.10 30.80 -30.02
CA THR B 125 34.26 30.36 -28.62
C THR B 125 32.93 29.73 -28.20
N VAL B 126 33.02 28.59 -27.56
CA VAL B 126 31.83 27.84 -27.09
C VAL B 126 31.94 27.77 -25.57
N THR B 127 30.85 28.13 -24.88
CA THR B 127 30.75 27.94 -23.41
C THR B 127 29.46 27.17 -23.16
N TYR B 128 29.52 26.13 -22.34
CA TYR B 128 28.31 25.37 -21.96
C TYR B 128 28.34 25.19 -20.45
N SER B 129 27.18 25.35 -19.80
CA SER B 129 27.04 25.18 -18.34
C SER B 129 25.83 24.30 -18.13
N TYR B 130 25.94 23.30 -17.28
CA TYR B 130 24.77 22.46 -16.96
C TYR B 130 24.57 22.36 -15.46
N TYR B 131 23.33 22.05 -15.14
CA TYR B 131 22.74 22.14 -13.79
C TYR B 131 21.74 20.99 -13.57
N ALA B 132 21.77 20.40 -12.39
CA ALA B 132 20.70 19.56 -11.85
C ALA B 132 19.81 20.52 -11.06
N LEU B 133 18.72 20.98 -11.66
CA LEU B 133 17.99 22.17 -11.13
C LEU B 133 17.63 21.92 -9.67
N ARG B 134 18.01 22.84 -8.80
CA ARG B 134 17.90 22.54 -7.34
C ARG B 134 16.44 22.48 -6.89
N HIS B 135 15.57 23.29 -7.48
CA HIS B 135 14.15 23.34 -7.07
C HIS B 135 13.30 22.26 -7.75
N LEU B 136 13.73 21.71 -8.89
CA LEU B 136 12.94 20.77 -9.72
C LEU B 136 13.71 19.45 -9.75
N PRO B 137 13.36 18.52 -8.88
CA PRO B 137 14.22 17.36 -8.61
C PRO B 137 14.46 16.54 -9.91
N HIS B 138 13.50 16.54 -10.81
CA HIS B 138 13.58 15.69 -12.03
C HIS B 138 14.03 16.49 -13.27
N CYS B 139 14.50 17.72 -13.12
CA CYS B 139 14.83 18.58 -14.28
C CYS B 139 16.29 18.99 -14.32
N ILE B 140 16.84 18.94 -15.51
CA ILE B 140 18.25 19.30 -15.85
C ILE B 140 18.22 20.41 -16.91
N MET B 141 19.23 21.26 -16.92
CA MET B 141 19.32 22.31 -17.96
C MET B 141 20.79 22.47 -18.35
N MET B 142 21.04 22.58 -19.64
CA MET B 142 22.37 22.99 -20.17
C MET B 142 22.16 24.25 -21.00
N VAL B 143 22.96 25.28 -20.78
CA VAL B 143 22.89 26.53 -21.55
C VAL B 143 24.17 26.64 -22.38
N VAL B 144 24.03 26.84 -23.68
CA VAL B 144 25.18 26.89 -24.62
C VAL B 144 25.26 28.29 -25.21
N ASN B 145 26.45 28.89 -25.15
CA ASN B 145 26.74 30.23 -25.72
C ASN B 145 27.80 30.07 -26.81
N ILE B 146 27.49 30.57 -27.99
CA ILE B 146 28.45 30.56 -29.12
C ILE B 146 28.77 32.00 -29.48
N ASN B 147 30.05 32.35 -29.33
CA ASN B 147 30.55 33.72 -29.60
C ASN B 147 31.43 33.64 -30.85
N THR B 148 31.00 34.21 -31.96
CA THR B 148 31.67 34.01 -33.27
C THR B 148 32.75 35.07 -33.52
N GLN B 149 33.87 34.60 -34.05
CA GLN B 149 34.92 35.48 -34.64
C GLN B 149 34.78 35.56 -36.16
N LYS B 150 34.04 34.63 -36.77
CA LYS B 150 33.76 34.60 -38.23
C LYS B 150 32.31 34.18 -38.45
N ASP B 151 31.76 34.51 -39.61
CA ASP B 151 30.44 33.98 -40.03
C ASP B 151 30.53 32.46 -39.98
N THR B 152 29.54 31.81 -39.39
CA THR B 152 29.57 30.35 -39.38
C THR B 152 28.14 29.83 -39.34
N GLU B 153 28.02 28.55 -39.59
CA GLU B 153 26.71 27.86 -39.46
C GLU B 153 26.97 26.70 -38.50
N ILE B 154 26.14 26.61 -37.45
CA ILE B 154 26.24 25.50 -36.47
C ILE B 154 25.16 24.47 -36.82
N ASN B 155 25.53 23.21 -36.66
CA ASN B 155 24.54 22.11 -36.59
C ASN B 155 24.61 21.59 -35.16
N VAL B 156 23.44 21.51 -34.54
CA VAL B 156 23.34 21.11 -33.12
C VAL B 156 22.46 19.86 -33.10
N GLU B 157 22.95 18.83 -32.43
CA GLU B 157 22.17 17.59 -32.24
C GLU B 157 22.15 17.26 -30.76
N ASN B 158 20.98 16.92 -30.26
CA ASN B 158 20.84 16.32 -28.91
C ASN B 158 20.43 14.87 -29.13
N LEU B 159 21.17 13.95 -28.56
CA LEU B 159 20.96 12.49 -28.74
C LEU B 159 20.35 11.91 -27.46
N LEU B 160 19.34 11.06 -27.61
CA LEU B 160 18.85 10.21 -26.50
C LEU B 160 19.17 8.76 -26.84
N GLU B 161 20.31 8.31 -26.34
CA GLU B 161 20.80 6.94 -26.50
C GLU B 161 20.29 6.14 -25.31
N THR B 162 19.55 5.07 -25.57
CA THR B 162 19.11 4.17 -24.49
C THR B 162 20.34 3.40 -24.03
N PRO B 163 20.72 3.50 -22.74
CA PRO B 163 21.87 2.75 -22.26
C PRO B 163 21.52 1.25 -22.27
N SER B 164 22.53 0.40 -22.34
CA SER B 164 22.33 -1.05 -22.45
C SER B 164 21.79 -1.60 -21.12
N SER B 165 21.79 -0.79 -20.05
CA SER B 165 21.16 -1.15 -18.76
C SER B 165 19.64 -1.22 -18.90
N LEU B 166 19.08 -0.59 -19.92
CA LEU B 166 17.62 -0.50 -20.10
C LEU B 166 17.17 -1.29 -21.33
N ASN B 167 15.88 -1.60 -21.37
CA ASN B 167 15.33 -2.47 -22.44
C ASN B 167 13.95 -1.97 -22.85
N ASN B 168 13.48 -2.47 -24.00
CA ASN B 168 12.11 -2.26 -24.50
C ASN B 168 11.87 -0.76 -24.69
N GLN B 169 12.92 -0.05 -25.12
CA GLN B 169 12.80 1.41 -25.32
C GLN B 169 11.84 1.74 -26.47
N GLN B 170 11.28 2.94 -26.36
CA GLN B 170 10.51 3.61 -27.40
C GLN B 170 11.03 5.02 -27.51
N ASN B 171 11.13 5.49 -28.75
CA ASN B 171 11.69 6.80 -29.12
C ASN B 171 10.64 7.66 -29.80
N TYR B 172 10.26 8.76 -29.16
CA TYR B 172 9.15 9.63 -29.62
C TYR B 172 9.66 11.05 -29.88
N PHE B 173 8.88 11.78 -30.65
CA PHE B 173 9.15 13.20 -30.93
C PHE B 173 7.81 13.85 -31.27
N GLN B 174 7.54 15.03 -30.72
CA GLN B 174 6.32 15.76 -31.12
C GLN B 174 6.52 17.25 -30.86
N ASN B 175 5.63 18.03 -31.45
CA ASN B 175 5.58 19.48 -31.25
C ASN B 175 4.40 19.83 -30.36
N ILE B 176 4.67 20.56 -29.29
CA ILE B 176 3.64 21.16 -28.41
C ILE B 176 3.52 22.62 -28.84
N THR B 177 2.39 23.00 -29.39
CA THR B 177 2.24 24.34 -29.99
C THR B 177 1.02 25.09 -29.47
N ASN B 178 1.14 26.40 -29.54
CA ASN B 178 -0.02 27.33 -29.42
C ASN B 178 0.39 28.55 -30.24
N THR B 179 -0.34 29.66 -30.14
CA THR B 179 -0.09 30.80 -31.03
C THR B 179 1.29 31.36 -30.72
N HIS B 180 1.80 31.15 -29.50
CA HIS B 180 3.04 31.80 -29.01
C HIS B 180 4.24 30.85 -29.10
N VAL B 181 4.06 29.52 -29.00
CA VAL B 181 5.22 28.60 -28.83
C VAL B 181 5.14 27.38 -29.77
N ASN B 182 6.32 26.85 -30.02
CA ASN B 182 6.53 25.50 -30.59
C ASN B 182 7.65 24.90 -29.75
N ILE B 183 7.25 24.03 -28.84
CA ILE B 183 8.13 23.27 -27.91
C ILE B 183 8.30 21.88 -28.49
N PRO B 184 9.46 21.59 -29.11
CA PRO B 184 9.69 20.25 -29.65
C PRO B 184 10.22 19.33 -28.56
N LEU B 185 9.54 18.21 -28.35
CA LEU B 185 9.87 17.25 -27.28
C LEU B 185 10.51 16.01 -27.88
N LEU B 186 11.71 15.70 -27.42
CA LEU B 186 12.39 14.43 -27.77
C LEU B 186 12.26 13.54 -26.54
N THR B 187 11.53 12.44 -26.66
CA THR B 187 11.18 11.63 -25.49
C THR B 187 11.59 10.18 -25.72
N SER B 188 12.06 9.54 -24.68
CA SER B 188 12.28 8.09 -24.65
C SER B 188 11.61 7.53 -23.40
N VAL B 189 11.14 6.30 -23.53
CA VAL B 189 10.60 5.50 -22.41
C VAL B 189 11.26 4.15 -22.47
N ALA B 190 11.73 3.62 -21.36
CA ALA B 190 12.34 2.28 -21.34
C ALA B 190 12.22 1.66 -19.96
N PHE B 191 12.74 0.46 -19.80
CA PHE B 191 12.55 -0.33 -18.58
C PHE B 191 13.91 -0.75 -18.01
N THR B 192 13.97 -0.86 -16.70
CA THR B 192 15.11 -1.46 -15.96
C THR B 192 15.15 -2.96 -16.28
N PRO B 193 16.29 -3.63 -16.01
CA PRO B 193 16.47 -5.01 -16.48
C PRO B 193 15.32 -6.01 -16.28
N THR B 194 14.71 -6.06 -15.10
CA THR B 194 13.63 -7.03 -14.79
C THR B 194 12.26 -6.45 -15.10
N GLY B 195 12.21 -5.22 -15.62
CA GLY B 195 10.93 -4.55 -15.85
C GLY B 195 10.35 -3.90 -14.60
N ARG B 196 11.09 -3.83 -13.51
CA ARG B 196 10.63 -3.33 -12.19
C ARG B 196 10.24 -1.86 -12.31
N SER B 197 10.96 -1.11 -13.14
N SER B 197 11.00 -1.09 -13.07
CA SER B 197 10.81 0.36 -13.20
CA SER B 197 10.80 0.38 -13.17
C SER B 197 10.77 0.84 -14.65
C SER B 197 10.71 0.78 -14.65
N LYS B 198 9.81 1.72 -14.93
CA LYS B 198 9.66 2.37 -16.24
C LYS B 198 10.28 3.75 -16.11
N ILE B 199 11.20 4.08 -17.01
CA ILE B 199 11.93 5.37 -17.01
C ILE B 199 11.44 6.15 -18.21
N ALA B 200 11.15 7.42 -17.99
CA ALA B 200 10.86 8.39 -19.07
C ALA B 200 11.82 9.56 -18.99
N VAL B 201 12.24 10.01 -20.16
CA VAL B 201 13.09 11.20 -20.33
C VAL B 201 12.48 12.05 -21.44
N SER B 202 12.42 13.35 -21.25
CA SER B 202 11.86 14.25 -22.28
C SER B 202 12.69 15.54 -22.33
N ASN B 203 13.21 15.86 -23.50
CA ASN B 203 14.12 17.01 -23.71
C ASN B 203 13.50 18.03 -24.66
N THR B 204 13.86 19.31 -24.50
CA THR B 204 13.46 20.36 -25.47
C THR B 204 14.58 21.38 -25.58
N PHE B 205 14.58 22.12 -26.68
CA PHE B 205 15.49 23.25 -26.88
C PHE B 205 14.73 24.55 -26.59
N LEU B 206 15.35 25.45 -25.85
CA LEU B 206 14.82 26.83 -25.63
C LEU B 206 15.67 27.81 -26.43
N PHE B 207 14.99 28.71 -27.11
CA PHE B 207 15.60 29.76 -27.94
C PHE B 207 15.10 31.11 -27.43
N ASP B 208 15.88 32.13 -27.71
CA ASP B 208 15.51 33.52 -27.33
C ASP B 208 14.64 34.16 -28.42
N GLU B 209 14.76 33.76 -29.68
CA GLU B 209 14.27 34.56 -30.84
C GLU B 209 12.76 34.44 -31.08
N GLY B 210 12.08 33.47 -30.51
CA GLY B 210 10.61 33.39 -30.70
C GLY B 210 10.22 32.36 -31.75
N LYS B 211 8.97 31.93 -31.71
CA LYS B 211 8.40 30.84 -32.54
C LYS B 211 8.71 31.07 -34.03
N LYS B 212 8.46 32.28 -34.57
CA LYS B 212 8.57 32.49 -36.03
C LYS B 212 10.04 32.35 -36.47
N LEU B 213 10.99 32.81 -35.67
CA LEU B 213 12.41 32.89 -36.11
C LEU B 213 13.23 31.70 -35.59
N GLN B 214 12.72 30.92 -34.63
CA GLN B 214 13.55 29.84 -34.05
C GLN B 214 13.85 28.80 -35.13
N PRO B 215 14.96 28.04 -34.98
CA PRO B 215 15.31 27.03 -35.97
C PRO B 215 14.24 25.93 -36.03
N GLU B 216 14.00 25.41 -37.23
CA GLU B 216 13.21 24.17 -37.42
C GLU B 216 13.97 23.02 -36.74
N ILE B 217 13.23 22.18 -36.01
CA ILE B 217 13.84 21.03 -35.30
C ILE B 217 13.52 19.76 -36.09
N LEU B 218 14.55 19.06 -36.52
CA LEU B 218 14.45 17.78 -37.23
C LEU B 218 14.58 16.64 -36.21
N HIS B 219 13.99 15.52 -36.53
CA HIS B 219 14.06 14.31 -35.68
C HIS B 219 14.53 13.13 -36.49
N ARG B 220 15.55 12.42 -36.03
CA ARG B 220 16.07 11.21 -36.70
C ARG B 220 15.98 10.03 -35.74
N MET B 221 15.58 8.89 -36.26
CA MET B 221 15.46 7.62 -35.52
C MET B 221 16.27 6.54 -36.24
N ASN B 222 17.59 6.68 -36.35
CA ASN B 222 18.28 5.82 -37.33
C ASN B 222 18.76 4.54 -36.67
N ASP B 223 18.82 4.50 -35.34
CA ASP B 223 19.36 3.34 -34.58
C ASP B 223 18.27 2.74 -33.66
N ALA B 224 18.46 1.49 -33.23
CA ALA B 224 17.50 0.81 -32.35
C ALA B 224 17.52 1.50 -30.99
N ASP B 225 18.66 2.03 -30.61
CA ASP B 225 18.96 2.52 -29.24
C ASP B 225 19.29 3.99 -29.25
N MET B 226 18.96 4.70 -30.32
CA MET B 226 19.27 6.16 -30.31
C MET B 226 18.37 6.87 -31.31
N HIS B 227 17.89 8.02 -30.87
CA HIS B 227 17.25 9.02 -31.73
C HIS B 227 17.75 10.41 -31.31
N ALA B 228 17.48 11.39 -32.15
CA ALA B 228 18.09 12.70 -31.96
C ALA B 228 17.22 13.79 -32.54
N MET B 229 17.33 14.96 -31.94
CA MET B 229 16.72 16.17 -32.51
C MET B 229 17.83 17.14 -32.84
N SER B 230 17.64 17.90 -33.91
CA SER B 230 18.76 18.69 -34.48
C SER B 230 18.21 19.95 -35.11
N PHE B 231 19.11 20.90 -35.28
CA PHE B 231 18.84 22.15 -36.03
C PHE B 231 20.15 22.73 -36.55
N ASP B 232 19.99 23.61 -37.53
CA ASP B 232 21.06 24.46 -38.04
C ASP B 232 20.75 25.92 -37.69
N LYS B 233 21.80 26.72 -37.49
CA LYS B 233 21.65 28.17 -37.26
C LYS B 233 22.87 28.86 -37.88
N LYS B 234 22.58 29.79 -38.79
CA LYS B 234 23.61 30.71 -39.33
C LYS B 234 23.85 31.83 -38.31
N ILE B 235 25.12 32.09 -37.98
CA ILE B 235 25.50 33.13 -37.00
C ILE B 235 26.53 34.02 -37.70
N LYS B 236 26.24 35.30 -37.81
CA LYS B 236 27.24 36.25 -38.36
C LYS B 236 28.40 36.42 -37.38
N ALA B 237 29.57 36.81 -37.91
CA ALA B 237 30.76 37.15 -37.12
C ALA B 237 30.40 38.19 -36.07
N GLY B 238 30.98 38.08 -34.88
CA GLY B 238 30.88 39.10 -33.82
C GLY B 238 29.58 39.03 -33.02
N LYS B 239 28.82 37.95 -33.13
CA LYS B 239 27.51 37.79 -32.49
C LYS B 239 27.60 36.68 -31.44
N THR B 240 26.74 36.75 -30.44
CA THR B 240 26.56 35.65 -29.48
C THR B 240 25.21 35.01 -29.79
N TYR B 241 25.19 33.69 -29.96
CA TYR B 241 23.93 32.94 -30.12
C TYR B 241 23.87 31.99 -28.94
N SER B 242 22.72 31.98 -28.27
CA SER B 242 22.52 31.15 -27.06
C SER B 242 21.31 30.25 -27.28
N PHE B 243 21.40 29.04 -26.76
CA PHE B 243 20.25 28.12 -26.72
C PHE B 243 20.41 27.28 -25.46
N ALA B 244 19.31 26.72 -25.01
CA ALA B 244 19.33 25.85 -23.81
C ALA B 244 18.67 24.53 -24.15
N LEU B 245 19.16 23.50 -23.49
CA LEU B 245 18.58 22.15 -23.48
C LEU B 245 17.98 21.93 -22.10
N ILE B 246 16.69 21.64 -22.05
CA ILE B 246 16.03 21.24 -20.79
C ILE B 246 15.62 19.79 -20.92
N GLY B 247 15.80 19.02 -19.85
CA GLY B 247 15.40 17.61 -19.88
C GLY B 247 14.82 17.21 -18.56
N SER B 248 13.83 16.34 -18.59
CA SER B 248 13.21 15.80 -17.36
C SER B 248 13.44 14.31 -17.36
N LEU B 249 13.78 13.76 -16.21
CA LEU B 249 14.10 12.33 -16.08
C LEU B 249 13.40 11.79 -14.85
N ILE B 250 12.50 10.85 -15.03
CA ILE B 250 11.63 10.39 -13.92
C ILE B 250 11.26 8.93 -14.15
N SER B 251 10.80 8.25 -13.13
CA SER B 251 10.50 6.80 -13.22
C SER B 251 9.20 6.47 -12.50
N SER B 252 8.74 5.26 -12.71
CA SER B 252 7.57 4.67 -12.00
C SER B 252 7.85 4.56 -10.49
N ASP B 253 9.09 4.67 -10.03
CA ASP B 253 9.42 4.68 -8.57
C ASP B 253 9.05 6.03 -7.99
N HIS B 254 8.86 7.04 -8.85
CA HIS B 254 8.64 8.46 -8.43
C HIS B 254 7.21 8.89 -8.75
N ILE B 255 6.58 8.32 -9.74
CA ILE B 255 5.28 8.80 -10.26
C ILE B 255 4.65 7.66 -11.03
N ASN B 256 3.32 7.56 -11.01
CA ASN B 256 2.57 6.44 -11.60
C ASN B 256 2.77 6.44 -13.13
N ASP B 257 2.81 7.63 -13.74
CA ASP B 257 2.79 7.78 -15.22
C ASP B 257 4.01 8.61 -15.61
N PRO B 258 5.21 8.02 -15.58
CA PRO B 258 6.42 8.77 -15.89
C PRO B 258 6.46 9.34 -17.32
N TYR B 259 5.89 8.63 -18.27
CA TYR B 259 5.89 9.10 -19.69
C TYR B 259 5.21 10.47 -19.76
N ASN B 260 3.97 10.55 -19.32
CA ASN B 260 3.26 11.85 -19.43
C ASN B 260 3.90 12.85 -18.48
N GLU B 261 4.31 12.43 -17.28
CA GLU B 261 4.89 13.40 -16.32
C GLU B 261 6.21 14.00 -16.85
N ALA B 262 7.04 13.23 -17.55
CA ALA B 262 8.30 13.77 -18.12
C ALA B 262 7.95 14.85 -19.15
N GLU B 263 6.98 14.60 -20.01
CA GLU B 263 6.64 15.60 -21.06
C GLU B 263 6.02 16.83 -20.39
N ARG B 264 5.16 16.61 -19.42
CA ARG B 264 4.51 17.73 -18.67
C ARG B 264 5.56 18.61 -18.00
N LEU B 265 6.57 17.99 -17.39
CA LEU B 265 7.64 18.71 -16.66
C LEU B 265 8.50 19.53 -17.63
N THR B 266 8.78 18.96 -18.79
CA THR B 266 9.65 19.67 -19.75
C THR B 266 8.89 20.85 -20.35
N ILE B 267 7.62 20.66 -20.66
CA ILE B 267 6.75 21.78 -21.15
C ILE B 267 6.73 22.86 -20.06
N TYR B 268 6.44 22.47 -18.83
CA TYR B 268 6.40 23.42 -17.70
C TYR B 268 7.71 24.22 -17.64
N ALA B 269 8.84 23.52 -17.57
CA ALA B 269 10.17 24.17 -17.49
C ALA B 269 10.39 25.08 -18.70
N ALA B 270 10.04 24.65 -19.91
CA ALA B 270 10.23 25.50 -21.10
C ALA B 270 9.43 26.82 -20.95
N LEU B 271 8.21 26.76 -20.41
CA LEU B 271 7.35 27.96 -20.32
C LEU B 271 7.69 28.74 -19.06
N GLU B 272 8.43 28.18 -18.11
CA GLU B 272 9.07 29.00 -17.03
C GLU B 272 10.24 29.78 -17.66
N GLY B 273 11.03 29.11 -18.48
CA GLY B 273 12.18 29.70 -19.18
C GLY B 273 13.48 29.70 -18.39
N LYS B 274 14.57 29.85 -19.11
CA LYS B 274 15.95 29.75 -18.57
C LYS B 274 16.14 30.69 -17.37
N SER B 275 15.76 31.95 -17.51
N SER B 275 15.76 31.96 -17.48
CA SER B 275 15.99 33.01 -16.50
CA SER B 275 16.04 32.97 -16.44
C SER B 275 15.29 32.65 -15.18
C SER B 275 15.30 32.63 -15.14
N ARG B 276 14.01 32.30 -15.23
CA ARG B 276 13.17 31.94 -14.06
C ARG B 276 13.76 30.67 -13.43
N LEU B 277 14.12 29.69 -14.23
CA LEU B 277 14.66 28.40 -13.68
C LEU B 277 15.97 28.65 -12.95
N LEU B 278 16.88 29.44 -13.53
CA LEU B 278 18.21 29.67 -12.91
C LEU B 278 18.05 30.52 -11.66
N ASN B 279 17.09 31.43 -11.64
CA ASN B 279 16.83 32.27 -10.45
C ASN B 279 16.40 31.38 -9.29
N ARG B 280 15.45 30.47 -9.56
N ARG B 280 15.46 30.46 -9.55
CA ARG B 280 14.90 29.54 -8.53
CA ARG B 280 14.93 29.55 -8.51
C ARG B 280 16.06 28.65 -8.07
C ARG B 280 16.07 28.63 -8.06
N HIS B 281 16.85 28.13 -9.02
CA HIS B 281 18.04 27.28 -8.73
C HIS B 281 18.99 28.02 -7.78
N MET B 282 19.31 29.28 -8.11
CA MET B 282 20.28 30.10 -7.33
C MET B 282 19.73 30.34 -5.92
N GLN B 283 18.44 30.67 -5.79
CA GLN B 283 17.80 30.94 -4.48
C GLN B 283 18.03 29.70 -3.59
N GLU B 284 17.83 28.50 -4.11
CA GLU B 284 17.91 27.28 -3.28
C GLU B 284 19.37 27.04 -2.90
N TRP B 285 20.31 27.27 -3.82
CA TRP B 285 21.75 27.05 -3.53
C TRP B 285 22.23 28.12 -2.54
N ASN B 286 21.73 29.35 -2.67
CA ASN B 286 22.06 30.45 -1.72
C ASN B 286 21.67 30.01 -0.32
N SER B 287 20.46 29.47 -0.15
N SER B 287 20.47 29.43 -0.18
CA SER B 287 19.96 28.95 1.15
CA SER B 287 19.91 28.95 1.11
C SER B 287 20.92 27.89 1.69
C SER B 287 20.80 27.84 1.69
N LEU B 288 21.31 26.93 0.86
CA LEU B 288 22.17 25.82 1.31
C LEU B 288 23.50 26.39 1.83
N TRP B 289 24.03 27.42 1.18
CA TRP B 289 25.37 27.95 1.56
C TRP B 289 25.30 28.94 2.73
N GLN B 290 24.10 29.21 3.26
N GLN B 290 24.11 29.20 3.29
CA GLN B 290 23.97 29.98 4.52
CA GLN B 290 23.93 29.97 4.55
C GLN B 290 24.63 29.18 5.66
C GLN B 290 24.44 29.13 5.74
N SER B 291 24.74 27.85 5.51
CA SER B 291 25.55 27.00 6.42
C SER B 291 26.86 26.66 5.70
N ASP B 292 27.99 27.18 6.22
CA ASP B 292 29.27 27.21 5.48
C ASP B 292 30.44 27.09 6.48
N ILE B 293 31.62 26.76 5.96
CA ILE B 293 32.89 26.57 6.72
C ILE B 293 33.96 27.41 6.01
N GLN B 294 34.44 28.45 6.70
CA GLN B 294 35.46 29.40 6.18
C GLN B 294 36.77 29.15 6.94
N VAL B 295 37.85 28.84 6.21
CA VAL B 295 39.22 28.63 6.74
C VAL B 295 40.10 29.76 6.17
N GLU B 296 40.78 30.50 7.04
CA GLU B 296 41.79 31.54 6.67
C GLU B 296 43.20 30.96 6.84
N GLY B 297 44.05 31.13 5.83
CA GLY B 297 45.48 30.77 5.89
C GLY B 297 45.77 29.40 5.28
N ASP B 298 44.78 28.75 4.66
CA ASP B 298 44.98 27.41 4.05
C ASP B 298 44.01 27.27 2.87
N PRO B 299 44.38 27.86 1.70
CA PRO B 299 43.50 27.83 0.53
C PRO B 299 43.14 26.41 0.08
N GLN B 300 44.04 25.43 0.19
CA GLN B 300 43.74 24.06 -0.30
C GLN B 300 42.68 23.44 0.62
N ALA B 301 42.83 23.61 1.95
CA ALA B 301 41.86 23.14 2.95
C ALA B 301 40.50 23.81 2.70
N GLN B 302 40.52 25.12 2.44
CA GLN B 302 39.28 25.90 2.19
C GLN B 302 38.54 25.24 1.02
N GLN B 303 39.23 25.03 -0.09
CA GLN B 303 38.63 24.45 -1.31
C GLN B 303 38.18 23.01 -1.03
N ASP B 304 39.00 22.20 -0.37
CA ASP B 304 38.69 20.76 -0.10
C ASP B 304 37.42 20.66 0.75
N ILE B 305 37.27 21.52 1.77
CA ILE B 305 36.15 21.50 2.74
C ILE B 305 34.88 21.96 2.01
N ARG B 306 34.98 22.97 1.16
CA ARG B 306 33.88 23.42 0.27
C ARG B 306 33.43 22.23 -0.58
N SER B 307 34.37 21.52 -1.19
CA SER B 307 34.04 20.38 -2.07
C SER B 307 33.27 19.34 -1.23
N MET B 308 33.72 19.08 0.00
CA MET B 308 33.03 18.11 0.90
C MET B 308 31.61 18.58 1.21
N LEU B 309 31.41 19.83 1.59
CA LEU B 309 30.06 20.39 1.87
C LEU B 309 29.23 20.32 0.59
N TYR B 310 29.81 20.76 -0.52
CA TYR B 310 29.15 20.76 -1.85
C TYR B 310 28.60 19.37 -2.18
N HIS B 311 29.39 18.32 -1.99
CA HIS B 311 29.00 16.95 -2.36
C HIS B 311 27.87 16.51 -1.42
N LEU B 312 27.98 16.79 -0.11
CA LEU B 312 26.90 16.35 0.81
C LEU B 312 25.62 17.12 0.46
N TYR B 313 25.71 18.42 0.21
CA TYR B 313 24.54 19.26 -0.17
C TYR B 313 23.94 18.76 -1.50
N SER B 314 24.77 18.37 -2.47
CA SER B 314 24.31 17.87 -3.79
C SER B 314 23.68 16.48 -3.69
N PHE B 315 24.08 15.66 -2.72
CA PHE B 315 23.73 14.23 -2.63
C PHE B 315 22.62 13.98 -1.60
N THR B 316 21.98 15.04 -1.13
CA THR B 316 20.89 14.94 -0.16
C THR B 316 19.82 15.93 -0.59
N ARG B 317 18.62 15.80 -0.04
CA ARG B 317 17.52 16.69 -0.40
C ARG B 317 16.55 16.79 0.79
N LYS B 318 16.33 18.02 1.25
CA LYS B 318 15.36 18.27 2.32
C LYS B 318 13.96 17.89 1.85
N SER B 319 13.08 17.66 2.82
CA SER B 319 11.63 17.41 2.63
C SER B 319 11.44 16.18 1.77
N THR B 320 12.27 15.15 1.95
CA THR B 320 12.11 13.86 1.24
C THR B 320 12.28 12.70 2.22
N SER B 321 12.22 11.48 1.70
CA SER B 321 12.60 10.25 2.44
C SER B 321 13.78 9.60 1.75
N LEU B 322 14.67 10.41 1.16
CA LEU B 322 15.89 9.93 0.46
C LEU B 322 17.06 9.90 1.44
N SER B 323 17.93 8.90 1.30
CA SER B 323 19.18 8.77 2.07
C SER B 323 20.29 8.47 1.10
N PRO B 324 21.48 9.07 1.28
CA PRO B 324 22.56 8.85 0.31
C PRO B 324 23.23 7.49 0.47
N SER B 325 23.65 6.92 -0.65
CA SER B 325 24.61 5.79 -0.67
C SER B 325 25.97 6.34 -0.28
N PRO B 326 26.94 5.45 -0.04
CA PRO B 326 28.32 5.86 0.27
C PRO B 326 28.94 6.73 -0.83
N MET B 327 28.43 6.62 -2.05
CA MET B 327 28.91 7.36 -3.23
C MET B 327 27.87 8.41 -3.67
N GLY B 328 26.85 8.68 -2.86
CA GLY B 328 25.78 9.64 -3.21
C GLY B 328 25.27 9.41 -4.62
N LEU B 329 25.24 10.45 -5.46
CA LEU B 329 24.78 10.29 -6.86
C LEU B 329 25.95 10.42 -7.84
N SER B 330 27.14 9.97 -7.42
CA SER B 330 28.39 10.06 -8.21
C SER B 330 28.53 8.83 -9.12
N GLY B 331 27.60 7.87 -9.04
CA GLY B 331 27.66 6.61 -9.78
C GLY B 331 27.01 5.47 -9.02
N LEU B 332 27.37 4.26 -9.38
CA LEU B 332 26.74 3.01 -8.90
C LEU B 332 27.49 2.44 -7.70
N GLY B 333 28.39 3.22 -7.09
CA GLY B 333 29.14 2.71 -5.93
C GLY B 333 28.23 2.04 -4.93
N TYR B 334 28.61 0.85 -4.45
CA TYR B 334 27.84 0.04 -3.47
C TYR B 334 26.38 -0.08 -3.89
N ASN B 335 26.12 -0.15 -5.20
CA ASN B 335 24.78 -0.40 -5.77
C ASN B 335 23.79 0.70 -5.40
N GLY B 336 24.25 1.85 -4.92
CA GLY B 336 23.34 2.91 -4.45
C GLY B 336 22.68 2.57 -3.12
N HIS B 337 23.13 1.52 -2.41
CA HIS B 337 22.47 1.10 -1.17
C HIS B 337 22.81 2.07 -0.02
N VAL B 338 21.94 2.08 0.95
CA VAL B 338 22.08 2.93 2.18
C VAL B 338 22.67 2.05 3.28
N PHE B 339 23.71 2.55 3.91
CA PHE B 339 24.45 1.89 5.01
C PHE B 339 24.41 2.81 6.24
N TRP B 340 24.98 2.34 7.33
CA TRP B 340 25.25 3.17 8.53
C TRP B 340 26.16 4.34 8.16
N ASP B 341 26.79 4.29 6.99
CA ASP B 341 27.54 5.43 6.39
C ASP B 341 26.65 6.68 6.46
N THR B 342 25.34 6.54 6.31
CA THR B 342 24.46 7.72 6.50
C THR B 342 24.43 8.08 7.99
N GLU B 343 23.86 7.21 8.81
CA GLU B 343 23.54 7.53 10.22
C GLU B 343 24.78 8.11 10.93
N ILE B 344 25.94 7.47 10.79
CA ILE B 344 27.14 7.78 11.63
C ILE B 344 28.09 8.71 10.89
N TRP B 345 28.07 8.78 9.55
CA TRP B 345 29.14 9.47 8.82
C TRP B 345 28.62 10.74 8.14
N MET B 346 27.52 10.67 7.38
CA MET B 346 27.02 11.82 6.59
C MET B 346 25.93 12.61 7.34
N PHE B 347 25.18 11.92 8.20
CA PHE B 347 24.04 12.49 8.96
C PHE B 347 24.53 13.54 9.97
N PRO B 348 25.54 13.28 10.84
CA PRO B 348 25.89 14.27 11.90
C PRO B 348 26.23 15.67 11.38
N PRO B 349 27.09 15.83 10.35
CA PRO B 349 27.42 17.17 9.87
C PRO B 349 26.17 17.85 9.28
N MET B 350 25.32 17.08 8.59
CA MET B 350 24.09 17.66 7.99
C MET B 350 23.10 18.05 9.10
N LEU B 351 23.02 17.28 10.18
CA LEU B 351 22.09 17.60 11.29
C LEU B 351 22.47 18.96 11.89
N LEU B 352 23.77 19.22 12.05
CA LEU B 352 24.22 20.52 12.65
C LEU B 352 24.01 21.67 11.66
N LEU B 353 24.26 21.46 10.37
CA LEU B 353 24.27 22.53 9.34
C LEU B 353 22.85 22.74 8.78
N HIS B 354 22.09 21.67 8.53
CA HIS B 354 20.75 21.77 7.89
C HIS B 354 19.91 20.63 8.42
N PRO B 355 19.26 20.79 9.60
CA PRO B 355 18.54 19.69 10.23
C PRO B 355 17.49 19.09 9.28
N GLU B 356 16.99 19.88 8.33
CA GLU B 356 15.94 19.41 7.39
C GLU B 356 16.55 18.35 6.47
N ILE B 357 17.88 18.36 6.25
CA ILE B 357 18.55 17.26 5.48
C ILE B 357 18.62 16.01 6.34
N ALA B 358 19.02 16.15 7.60
CA ALA B 358 19.05 15.04 8.56
C ALA B 358 17.64 14.45 8.64
N LYS B 359 16.61 15.31 8.60
CA LYS B 359 15.23 14.81 8.74
C LYS B 359 14.92 13.83 7.60
N SER B 360 15.30 14.15 6.36
CA SER B 360 15.08 13.26 5.17
C SER B 360 15.81 11.93 5.40
N MET B 361 17.03 11.99 5.89
CA MET B 361 17.84 10.77 6.07
C MET B 361 17.15 9.85 7.07
N ILE B 362 16.65 10.38 8.20
CA ILE B 362 15.99 9.51 9.18
C ILE B 362 14.59 9.11 8.69
N GLU B 363 13.95 9.94 7.86
CA GLU B 363 12.62 9.62 7.26
C GLU B 363 12.76 8.33 6.44
N TYR B 364 13.86 8.20 5.71
CA TYR B 364 14.18 7.01 4.89
C TYR B 364 14.05 5.76 5.76
N ARG B 365 14.60 5.80 6.97
CA ARG B 365 14.56 4.66 7.92
C ARG B 365 13.18 4.52 8.54
N TYR B 366 12.55 5.62 8.92
CA TYR B 366 11.18 5.54 9.51
C TYR B 366 10.22 4.82 8.55
N GLN B 367 10.27 5.14 7.25
N GLN B 367 10.28 5.16 7.26
CA GLN B 367 9.33 4.60 6.24
CA GLN B 367 9.36 4.63 6.22
C GLN B 367 9.68 3.14 5.94
C GLN B 367 9.66 3.14 6.00
N ARG B 368 10.84 2.68 6.43
CA ARG B 368 11.31 1.27 6.26
C ARG B 368 11.27 0.51 7.59
N LEU B 369 10.52 1.00 8.58
CA LEU B 369 10.42 0.31 9.89
C LEU B 369 9.73 -1.05 9.69
N ASP B 370 8.68 -1.14 8.87
CA ASP B 370 7.97 -2.43 8.63
C ASP B 370 8.97 -3.48 8.11
N ALA B 371 9.83 -3.13 7.14
CA ALA B 371 10.80 -4.09 6.57
C ALA B 371 11.82 -4.53 7.64
N ALA B 372 12.20 -3.62 8.54
CA ALA B 372 13.16 -3.96 9.61
C ALA B 372 12.47 -4.92 10.60
N ARG B 373 11.18 -4.73 10.86
CA ARG B 373 10.39 -5.65 11.73
C ARG B 373 10.34 -7.02 11.07
N LYS B 374 10.16 -7.03 9.75
CA LYS B 374 10.13 -8.31 8.98
C LYS B 374 11.48 -9.00 9.07
N LYS B 375 12.59 -8.27 8.97
CA LYS B 375 13.93 -8.89 8.99
C LYS B 375 14.15 -9.51 10.37
N ALA B 376 13.80 -8.77 11.42
CA ALA B 376 13.92 -9.27 12.79
C ALA B 376 13.19 -10.61 12.91
N ALA B 377 11.96 -10.68 12.43
CA ALA B 377 11.13 -11.89 12.57
C ALA B 377 11.83 -13.06 11.84
N ILE B 378 12.34 -12.84 10.64
CA ILE B 378 12.94 -13.92 9.80
C ILE B 378 14.20 -14.49 10.48
N TYR B 379 14.92 -13.67 11.26
CA TYR B 379 16.17 -14.09 11.96
C TYR B 379 15.93 -14.38 13.44
N GLY B 380 14.66 -14.43 13.86
CA GLY B 380 14.31 -14.96 15.20
C GLY B 380 14.47 -13.92 16.29
N TYR B 381 14.35 -12.64 15.93
CA TYR B 381 14.44 -11.53 16.92
C TYR B 381 13.10 -10.80 17.04
N ASP B 382 13.03 -9.97 18.07
CA ASP B 382 11.92 -9.04 18.35
C ASP B 382 12.19 -7.68 17.68
N GLY B 383 11.16 -6.85 17.57
CA GLY B 383 11.31 -5.42 17.24
C GLY B 383 11.75 -5.22 15.79
N ALA B 384 12.63 -4.25 15.57
CA ALA B 384 13.07 -3.82 14.23
C ALA B 384 14.56 -4.10 14.12
N MET B 385 14.95 -4.86 13.10
CA MET B 385 16.35 -5.18 12.81
C MET B 385 16.64 -4.52 11.47
N PHE B 386 17.27 -3.35 11.47
CA PHE B 386 17.58 -2.65 10.20
C PHE B 386 18.62 -3.46 9.43
N PRO B 387 18.50 -3.48 8.08
CA PRO B 387 19.41 -4.25 7.25
C PRO B 387 20.79 -3.60 7.18
N TRP B 388 21.82 -4.40 6.91
CA TRP B 388 23.18 -3.90 6.68
C TRP B 388 23.14 -2.96 5.45
N GLU B 389 22.47 -3.39 4.39
CA GLU B 389 22.33 -2.59 3.15
C GLU B 389 20.84 -2.47 2.83
N SER B 390 20.41 -1.25 2.53
CA SER B 390 19.00 -0.94 2.28
C SER B 390 18.86 -0.28 0.92
N ALA B 391 17.70 -0.45 0.28
CA ALA B 391 17.40 0.16 -1.02
C ALA B 391 15.93 0.57 -1.04
N ASP B 392 15.12 0.09 -1.98
CA ASP B 392 13.71 0.55 -2.11
C ASP B 392 12.84 0.11 -0.94
N SER B 393 12.76 -1.19 -0.64
CA SER B 393 11.74 -1.72 0.31
C SER B 393 12.16 -1.51 1.77
N GLY B 394 13.46 -1.46 2.05
CA GLY B 394 14.00 -1.52 3.44
C GLY B 394 14.37 -2.92 3.87
N ALA B 395 14.14 -3.94 3.05
CA ALA B 395 14.64 -5.31 3.24
C ALA B 395 16.15 -5.36 3.06
N GLU B 396 16.76 -6.45 3.50
CA GLU B 396 18.22 -6.64 3.39
C GLU B 396 18.62 -6.76 1.93
N GLU B 397 19.65 -6.01 1.52
CA GLU B 397 20.11 -6.01 0.11
C GLU B 397 21.60 -6.35 0.01
N THR B 398 22.25 -6.75 1.08
CA THR B 398 23.68 -7.13 1.06
C THR B 398 23.85 -8.30 0.11
N PRO B 399 24.82 -8.28 -0.81
CA PRO B 399 25.10 -9.46 -1.64
C PRO B 399 25.29 -10.72 -0.81
N VAL B 400 24.76 -11.85 -1.26
CA VAL B 400 24.69 -13.05 -0.39
C VAL B 400 26.11 -13.55 -0.17
N ASN B 401 27.06 -13.25 -1.07
CA ASN B 401 28.47 -13.68 -0.89
C ASN B 401 29.18 -12.88 0.23
N ALA B 402 28.58 -11.79 0.74
CA ALA B 402 29.12 -10.97 1.86
C ALA B 402 28.40 -11.32 3.18
N LEU B 403 29.14 -11.74 4.22
CA LEU B 403 28.57 -12.14 5.54
C LEU B 403 28.02 -10.93 6.31
N THR B 404 28.35 -9.70 5.91
CA THR B 404 27.87 -8.47 6.60
C THR B 404 26.34 -8.47 6.64
N GLY B 405 25.71 -8.96 5.57
CA GLY B 405 24.24 -8.91 5.39
C GLY B 405 23.52 -9.62 6.51
N ALA B 406 23.97 -10.83 6.86
CA ALA B 406 23.33 -11.68 7.89
C ALA B 406 23.86 -11.35 9.30
N PHE B 407 25.07 -10.74 9.43
CA PHE B 407 25.85 -10.77 10.71
C PHE B 407 26.38 -9.41 11.22
N GLU B 408 26.42 -8.31 10.46
CA GLU B 408 26.91 -7.02 11.03
C GLU B 408 25.71 -6.25 11.57
N HIS B 409 25.48 -6.31 12.88
CA HIS B 409 24.17 -5.97 13.50
C HIS B 409 24.16 -4.56 14.11
N HIS B 410 25.30 -3.86 14.21
CA HIS B 410 25.33 -2.52 14.86
C HIS B 410 24.47 -1.51 14.10
N VAL B 411 24.19 -1.77 12.82
CA VAL B 411 23.38 -0.82 12.01
C VAL B 411 22.07 -0.49 12.73
N THR B 412 21.46 -1.43 13.43
CA THR B 412 20.19 -1.18 14.14
C THR B 412 20.41 -0.12 15.22
N GLY B 413 21.50 -0.22 15.98
CA GLY B 413 21.83 0.82 16.97
C GLY B 413 22.18 2.15 16.31
N ASP B 414 22.82 2.12 15.13
CA ASP B 414 23.24 3.34 14.40
C ASP B 414 21.97 4.13 14.04
N VAL B 415 20.90 3.45 13.60
CA VAL B 415 19.64 4.13 13.22
C VAL B 415 19.01 4.75 14.46
N ALA B 416 19.04 4.02 15.58
CA ALA B 416 18.50 4.49 16.88
C ALA B 416 19.26 5.75 17.28
N ILE B 417 20.58 5.70 17.23
CA ILE B 417 21.44 6.85 17.63
C ILE B 417 21.04 8.08 16.82
N ALA B 418 20.95 7.95 15.49
CA ALA B 418 20.65 9.10 14.63
C ALA B 418 19.27 9.62 14.98
N ALA B 419 18.30 8.73 15.21
CA ALA B 419 16.91 9.12 15.54
C ALA B 419 16.93 9.95 16.83
N TRP B 420 17.67 9.51 17.85
CA TRP B 420 17.71 10.27 19.13
C TRP B 420 18.45 11.58 18.94
N GLN B 421 19.59 11.57 18.23
CA GLN B 421 20.34 12.81 17.93
C GLN B 421 19.42 13.82 17.22
N TYR B 422 18.62 13.36 16.27
CA TYR B 422 17.70 14.28 15.55
C TYR B 422 16.86 15.03 16.58
N TYR B 423 16.25 14.30 17.51
CA TYR B 423 15.44 14.91 18.58
C TYR B 423 16.32 15.85 19.43
N LEU B 424 17.52 15.42 19.87
CA LEU B 424 18.36 16.30 20.73
C LEU B 424 18.57 17.65 20.03
N VAL B 425 18.91 17.64 18.74
CA VAL B 425 19.32 18.88 18.03
C VAL B 425 18.10 19.75 17.70
N THR B 426 16.96 19.15 17.33
CA THR B 426 15.76 19.93 16.93
C THR B 426 14.85 20.21 18.14
N GLY B 427 14.86 19.34 19.15
CA GLY B 427 13.90 19.38 20.27
C GLY B 427 12.46 19.18 19.79
N ASP B 428 12.26 18.61 18.58
CA ASP B 428 10.90 18.39 18.03
C ASP B 428 10.22 17.18 18.67
N LYS B 429 9.42 17.42 19.71
CA LYS B 429 8.75 16.38 20.51
C LYS B 429 7.61 15.74 19.71
N GLU B 430 6.99 16.46 18.77
CA GLU B 430 5.93 15.87 17.91
C GLU B 430 6.58 14.82 17.01
N TRP B 431 7.73 15.17 16.42
CA TRP B 431 8.54 14.18 15.66
C TRP B 431 8.95 13.01 16.57
N LEU B 432 9.36 13.27 17.80
CA LEU B 432 9.79 12.18 18.71
C LEU B 432 8.62 11.21 18.90
N LYS B 433 7.41 11.73 19.09
CA LYS B 433 6.21 10.91 19.36
C LYS B 433 5.84 10.08 18.11
N GLU B 434 5.86 10.70 16.93
CA GLU B 434 5.32 10.07 15.69
C GLU B 434 6.36 9.15 15.02
N LYS B 435 7.65 9.46 15.09
CA LYS B 435 8.69 8.79 14.26
C LYS B 435 9.86 8.31 15.10
N GLY B 436 10.45 9.16 15.94
CA GLY B 436 11.62 8.79 16.76
C GLY B 436 11.32 7.63 17.70
N TRP B 437 10.22 7.71 18.45
CA TRP B 437 9.84 6.66 19.43
C TRP B 437 9.55 5.34 18.71
N PRO B 438 8.74 5.29 17.63
CA PRO B 438 8.57 4.02 16.90
C PRO B 438 9.92 3.39 16.55
N ILE B 439 10.89 4.18 16.10
CA ILE B 439 12.23 3.64 15.78
C ILE B 439 12.91 3.16 17.07
N LEU B 440 12.95 4.00 18.10
CA LEU B 440 13.73 3.71 19.31
C LEU B 440 13.11 2.53 20.04
N LYS B 441 11.79 2.45 20.09
CA LYS B 441 11.11 1.35 20.82
C LYS B 441 11.41 0.02 20.10
N ALA B 442 11.22 -0.02 18.78
CA ALA B 442 11.37 -1.29 18.04
C ALA B 442 12.84 -1.74 18.06
N THR B 443 13.78 -0.80 17.89
CA THR B 443 15.23 -1.15 17.89
C THR B 443 15.66 -1.58 19.30
N ALA B 444 15.09 -0.97 20.33
CA ALA B 444 15.40 -1.41 21.72
C ALA B 444 14.92 -2.85 21.91
N GLU B 445 13.71 -3.15 21.42
CA GLU B 445 13.11 -4.51 21.50
C GLU B 445 14.03 -5.51 20.80
N PHE B 446 14.58 -5.14 19.64
CA PHE B 446 15.58 -5.98 18.93
C PHE B 446 16.75 -6.29 19.86
N TRP B 447 17.42 -5.27 20.41
CA TRP B 447 18.60 -5.50 21.28
C TRP B 447 18.24 -6.32 22.52
N ALA B 448 17.08 -6.09 23.12
CA ALA B 448 16.61 -6.86 24.30
C ALA B 448 16.49 -8.36 23.94
N SER B 449 16.14 -8.69 22.69
CA SER B 449 16.03 -10.08 22.17
C SER B 449 17.37 -10.59 21.63
N ARG B 450 18.36 -9.71 21.42
CA ARG B 450 19.64 -10.04 20.73
C ARG B 450 20.70 -10.44 21.76
N VAL B 451 20.66 -9.87 22.96
CA VAL B 451 21.65 -10.17 24.04
C VAL B 451 21.39 -11.56 24.63
N GLU B 452 22.44 -12.17 25.18
CA GLU B 452 22.38 -13.37 26.07
C GLU B 452 23.00 -13.04 27.43
N LYS B 453 22.29 -13.36 28.51
CA LYS B 453 22.81 -13.21 29.90
C LYS B 453 23.73 -14.40 30.19
N ASN B 454 24.91 -14.15 30.79
CA ASN B 454 25.89 -15.22 31.13
C ASN B 454 25.79 -15.52 32.62
N ASP B 455 26.64 -16.43 33.11
CA ASP B 455 26.61 -16.95 34.50
C ASP B 455 26.98 -15.86 35.52
N LYS B 456 27.62 -14.77 35.09
CA LYS B 456 28.05 -13.65 35.98
C LYS B 456 27.04 -12.48 35.93
N GLY B 457 25.91 -12.65 35.22
CA GLY B 457 24.84 -11.65 35.12
C GLY B 457 25.14 -10.54 34.11
N GLU B 458 26.21 -10.69 33.32
CA GLU B 458 26.59 -9.74 32.24
C GLU B 458 25.80 -10.10 30.98
N TYR B 459 25.65 -9.14 30.04
CA TYR B 459 24.95 -9.36 28.76
C TYR B 459 25.98 -9.37 27.61
N GLU B 460 25.97 -10.45 26.86
CA GLU B 460 26.85 -10.62 25.69
C GLU B 460 26.02 -10.43 24.42
N ILE B 461 26.68 -10.01 23.35
CA ILE B 461 26.16 -10.08 21.96
C ILE B 461 27.15 -10.92 21.16
N LYS B 462 26.77 -12.14 20.78
CA LYS B 462 27.65 -13.17 20.19
C LYS B 462 27.37 -13.36 18.69
N ASN B 463 28.39 -13.79 17.94
CA ASN B 463 28.36 -14.19 16.51
C ASN B 463 27.88 -12.99 15.67
N VAL B 464 28.72 -11.96 15.59
CA VAL B 464 28.51 -10.76 14.70
C VAL B 464 29.70 -10.64 13.75
N VAL B 465 29.56 -9.78 12.75
CA VAL B 465 30.70 -9.15 12.03
C VAL B 465 30.91 -7.78 12.70
N ALA B 466 32.15 -7.44 13.02
CA ALA B 466 32.51 -6.20 13.74
C ALA B 466 32.46 -5.00 12.80
N ALA B 467 32.47 -3.77 13.35
CA ALA B 467 32.66 -2.52 12.58
C ALA B 467 33.97 -2.65 11.79
N ASP B 468 34.99 -3.22 12.43
CA ASP B 468 36.16 -3.83 11.73
C ASP B 468 35.67 -5.08 11.00
N GLU B 469 35.30 -4.97 9.72
CA GLU B 469 34.57 -6.03 8.97
C GLU B 469 35.50 -7.21 8.64
N TRP B 470 36.81 -7.07 8.89
CA TRP B 470 37.80 -8.18 8.78
C TRP B 470 37.57 -9.23 9.87
N ALA B 471 36.93 -8.86 10.98
CA ALA B 471 36.59 -9.76 12.11
C ALA B 471 35.16 -10.30 11.94
N GLU B 472 35.03 -11.55 11.46
CA GLU B 472 33.75 -12.17 11.03
C GLU B 472 33.35 -13.32 11.98
N ASN B 473 32.06 -13.36 12.35
CA ASN B 473 31.45 -14.43 13.18
C ASN B 473 32.24 -14.53 14.49
N ILE B 474 32.37 -13.41 15.19
CA ILE B 474 33.08 -13.29 16.49
C ILE B 474 32.10 -12.76 17.55
N ASP B 475 32.53 -12.65 18.80
CA ASP B 475 31.62 -12.36 19.95
C ASP B 475 32.02 -11.03 20.59
N ASN B 476 31.03 -10.30 21.11
CA ASN B 476 31.17 -9.07 21.94
C ASN B 476 32.08 -8.05 21.27
N ASN B 477 31.77 -7.71 20.01
CA ASN B 477 32.39 -6.56 19.31
C ASN B 477 32.12 -5.30 20.14
N ALA B 478 33.18 -4.56 20.46
CA ALA B 478 33.17 -3.29 21.23
C ALA B 478 32.16 -2.28 20.66
N TYR B 479 32.27 -1.93 19.36
CA TYR B 479 31.42 -0.85 18.80
C TYR B 479 29.96 -1.32 18.86
N THR B 480 29.71 -2.55 18.41
CA THR B 480 28.36 -3.16 18.37
C THR B 480 27.75 -3.06 19.77
N ASN B 481 28.49 -3.52 20.78
CA ASN B 481 28.00 -3.53 22.18
C ASN B 481 27.70 -2.09 22.61
N GLY B 482 28.58 -1.14 22.26
CA GLY B 482 28.37 0.29 22.51
C GLY B 482 27.06 0.79 21.90
N THR B 483 26.73 0.43 20.65
CA THR B 483 25.51 0.95 19.99
C THR B 483 24.27 0.35 20.67
N ALA B 484 24.35 -0.91 21.12
CA ALA B 484 23.26 -1.62 21.83
C ALA B 484 22.99 -0.87 23.13
N ILE B 485 24.05 -0.53 23.87
CA ILE B 485 23.94 0.27 25.12
C ILE B 485 23.23 1.59 24.80
N ARG B 486 23.72 2.38 23.84
CA ARG B 486 23.14 3.72 23.56
C ARG B 486 21.69 3.57 23.09
N ASN B 487 21.41 2.60 22.22
CA ASN B 487 20.04 2.34 21.70
C ASN B 487 19.11 2.09 22.88
N LEU B 488 19.51 1.22 23.81
CA LEU B 488 18.68 0.89 24.99
C LEU B 488 18.49 2.14 25.87
N GLN B 489 19.55 2.90 26.10
CA GLN B 489 19.54 4.11 26.97
C GLN B 489 18.67 5.17 26.33
N TYR B 490 18.84 5.44 25.02
CA TYR B 490 18.10 6.52 24.33
C TYR B 490 16.62 6.14 24.24
N ALA B 491 16.29 4.87 24.04
CA ALA B 491 14.88 4.41 24.01
C ALA B 491 14.27 4.70 25.38
N SER B 492 15.03 4.43 26.44
CA SER B 492 14.56 4.65 27.83
C SER B 492 14.38 6.15 28.05
N LYS B 493 15.31 6.98 27.59
CA LYS B 493 15.23 8.46 27.80
C LYS B 493 14.05 8.98 27.00
N CYS B 494 13.82 8.39 25.82
CA CYS B 494 12.71 8.78 24.92
C CYS B 494 11.37 8.51 25.62
N ALA B 495 11.20 7.31 26.18
CA ALA B 495 9.99 6.92 26.92
C ALA B 495 9.72 7.98 28.00
N THR B 496 10.75 8.42 28.73
CA THR B 496 10.66 9.44 29.82
C THR B 496 10.18 10.77 29.21
N VAL B 497 10.75 11.18 28.09
CA VAL B 497 10.35 12.47 27.46
C VAL B 497 8.85 12.40 27.12
N LEU B 498 8.36 11.28 26.62
CA LEU B 498 6.96 11.13 26.13
C LEU B 498 6.03 10.70 27.25
N GLY B 499 6.55 10.45 28.47
CA GLY B 499 5.73 10.03 29.61
C GLY B 499 5.13 8.65 29.40
N VAL B 500 5.89 7.74 28.79
CA VAL B 500 5.48 6.32 28.55
C VAL B 500 6.40 5.44 29.39
N ILE B 501 5.92 4.27 29.81
CA ILE B 501 6.73 3.33 30.65
C ILE B 501 7.60 2.50 29.71
N ALA B 502 8.91 2.51 29.91
CA ALA B 502 9.85 1.63 29.19
C ALA B 502 10.00 0.33 29.97
N PRO B 503 10.16 -0.84 29.29
CA PRO B 503 10.62 -2.05 29.97
C PRO B 503 11.87 -1.76 30.82
N LYS B 504 11.87 -2.14 32.10
CA LYS B 504 13.02 -1.84 33.00
C LYS B 504 14.23 -2.65 32.53
N GLU B 505 13.99 -3.73 31.79
CA GLU B 505 15.04 -4.64 31.25
C GLU B 505 16.01 -3.84 30.36
N TRP B 506 15.56 -2.78 29.69
CA TRP B 506 16.42 -1.99 28.75
C TRP B 506 17.60 -1.37 29.51
N THR B 507 17.32 -0.72 30.64
CA THR B 507 18.33 -0.09 31.54
C THR B 507 19.20 -1.20 32.17
N LEU B 508 18.58 -2.26 32.69
CA LEU B 508 19.28 -3.42 33.32
C LEU B 508 20.29 -3.99 32.31
N ILE B 509 19.85 -4.24 31.07
CA ILE B 509 20.70 -4.82 29.99
C ILE B 509 21.81 -3.82 29.66
N ALA B 510 21.48 -2.54 29.48
CA ALA B 510 22.43 -1.49 29.04
C ALA B 510 23.60 -1.39 30.04
N ASP B 511 23.30 -1.53 31.33
CA ASP B 511 24.30 -1.34 32.41
C ASP B 511 25.28 -2.52 32.46
N LYS B 512 24.90 -3.68 31.90
CA LYS B 512 25.65 -4.96 32.06
C LYS B 512 26.12 -5.51 30.71
N ILE B 513 25.91 -4.80 29.59
CA ILE B 513 26.53 -5.21 28.31
C ILE B 513 28.06 -5.11 28.47
N LEU B 514 28.79 -6.18 28.12
CA LEU B 514 30.27 -6.31 28.28
C LEU B 514 31.02 -5.39 27.31
N ILE B 515 31.88 -4.51 27.83
CA ILE B 515 33.02 -3.87 27.09
C ILE B 515 34.30 -4.09 27.90
N SER B 516 35.27 -4.83 27.35
CA SER B 516 36.45 -5.37 28.08
C SER B 516 37.73 -4.65 27.65
N LYS B 517 38.73 -4.68 28.54
CA LYS B 517 40.12 -4.23 28.27
C LYS B 517 41.03 -5.47 28.17
N MET B 518 42.01 -5.44 27.28
CA MET B 518 43.12 -6.44 27.22
C MET B 518 44.11 -6.09 28.34
N SER B 519 45.12 -6.92 28.57
CA SER B 519 46.06 -6.80 29.71
C SER B 519 46.99 -5.59 29.50
N ASN B 520 46.93 -4.93 28.34
CA ASN B 520 47.73 -3.71 28.03
C ASN B 520 46.92 -2.43 28.31
N GLY B 521 45.72 -2.56 28.90
CA GLY B 521 44.83 -1.43 29.25
C GLY B 521 44.12 -0.83 28.03
N VAL B 522 44.07 -1.58 26.93
CA VAL B 522 43.43 -1.15 25.63
C VAL B 522 42.08 -1.87 25.50
N THR B 523 41.02 -1.12 25.16
CA THR B 523 39.67 -1.68 24.87
C THR B 523 39.83 -2.79 23.82
N ARG B 524 39.35 -4.00 24.12
CA ARG B 524 39.42 -5.18 23.21
C ARG B 524 38.30 -5.14 22.16
N GLU B 525 38.66 -5.22 20.88
CA GLU B 525 37.70 -5.08 19.74
C GLU B 525 36.63 -6.19 19.81
N HIS B 526 37.02 -7.42 20.14
CA HIS B 526 36.10 -8.59 20.27
C HIS B 526 36.80 -9.68 21.09
N ASP B 527 36.09 -10.79 21.37
CA ASP B 527 36.50 -11.88 22.30
C ASP B 527 37.62 -12.76 21.71
N SER B 528 37.93 -12.62 20.41
CA SER B 528 39.01 -13.34 19.69
C SER B 528 40.15 -12.39 19.33
N TYR B 529 40.14 -11.14 19.83
CA TYR B 529 41.11 -10.09 19.40
C TYR B 529 42.31 -10.05 20.35
N THR B 530 43.52 -9.92 19.79
CA THR B 530 44.80 -9.72 20.52
C THR B 530 45.59 -8.55 19.87
N ASP B 531 46.03 -8.72 18.62
CA ASP B 531 46.95 -7.75 17.95
C ASP B 531 46.68 -7.66 16.45
N GLN B 532 45.52 -8.12 15.95
CA GLN B 532 45.23 -8.22 14.50
C GLN B 532 45.19 -6.81 13.87
N ASN B 533 45.64 -6.70 12.62
CA ASN B 533 45.30 -5.56 11.73
C ASN B 533 43.78 -5.42 11.72
N ILE B 534 43.25 -4.20 11.64
CA ILE B 534 41.78 -3.91 11.61
C ILE B 534 41.47 -3.08 10.36
N LYS B 535 40.26 -3.26 9.81
CA LYS B 535 39.86 -2.65 8.51
C LYS B 535 39.67 -1.15 8.70
N GLN B 536 39.09 -0.76 9.83
CA GLN B 536 38.68 0.64 10.11
C GLN B 536 38.41 0.81 11.60
N ALA B 537 38.15 2.05 12.04
CA ALA B 537 37.87 2.39 13.46
C ALA B 537 36.68 1.57 13.97
N ASP B 538 36.82 1.04 15.20
CA ASP B 538 35.80 0.23 15.91
C ASP B 538 35.82 0.66 17.38
N ALA B 539 36.83 0.22 18.15
CA ALA B 539 36.92 0.53 19.60
C ALA B 539 37.05 2.05 19.82
N ASN B 540 37.71 2.77 18.91
CA ASN B 540 37.88 4.26 18.99
C ASN B 540 36.52 4.97 18.91
N LEU B 541 35.51 4.36 18.29
CA LEU B 541 34.16 4.96 18.10
C LEU B 541 33.40 5.04 19.44
N LEU B 542 33.84 4.29 20.47
CA LEU B 542 33.26 4.36 21.83
C LEU B 542 33.60 5.73 22.46
N ALA B 543 34.71 6.35 22.06
CA ALA B 543 35.09 7.71 22.48
C ALA B 543 34.29 8.74 21.68
N TYR B 544 34.36 8.66 20.35
CA TYR B 544 33.53 9.48 19.44
C TYR B 544 33.12 8.58 18.28
N PRO B 545 31.81 8.55 17.90
CA PRO B 545 30.78 9.44 18.46
C PRO B 545 30.02 9.04 19.73
N LEU B 546 30.18 7.82 20.25
CA LEU B 546 29.26 7.25 21.26
C LEU B 546 29.47 7.91 22.64
N LYS B 547 30.70 8.35 22.92
CA LYS B 547 31.08 9.04 24.19
C LYS B 547 30.75 8.15 25.40
N LEU B 548 30.94 6.84 25.25
CA LEU B 548 30.89 5.86 26.37
C LEU B 548 32.23 5.90 27.11
N ILE B 549 33.30 6.28 26.43
CA ILE B 549 34.66 6.51 27.01
C ILE B 549 34.93 8.02 26.95
N THR B 550 34.95 8.69 28.11
CA THR B 550 35.21 10.15 28.27
C THR B 550 36.55 10.36 28.98
N ASP B 551 37.08 9.34 29.67
CA ASP B 551 38.43 9.36 30.29
C ASP B 551 39.48 9.59 29.20
N LYS B 552 40.16 10.74 29.23
CA LYS B 552 41.11 11.17 28.17
C LYS B 552 42.31 10.22 28.09
N GLU B 553 42.65 9.54 29.20
CA GLU B 553 43.81 8.60 29.26
C GLU B 553 43.46 7.31 28.51
N GLN B 554 42.23 6.79 28.68
CA GLN B 554 41.72 5.59 27.98
C GLN B 554 41.55 5.91 26.48
N ILE B 555 41.15 7.14 26.15
CA ILE B 555 40.97 7.60 24.73
C ILE B 555 42.35 7.54 24.06
N GLU B 556 43.36 8.09 24.74
CA GLU B 556 44.76 8.17 24.22
C GLU B 556 45.31 6.75 24.07
N ARG B 557 45.10 5.87 25.05
CA ARG B 557 45.59 4.45 25.02
C ARG B 557 45.02 3.74 23.78
N ASP B 558 43.69 3.81 23.60
CA ASP B 558 42.95 3.18 22.47
C ASP B 558 43.43 3.80 21.15
N LEU B 559 43.60 5.12 21.11
CA LEU B 559 44.13 5.88 19.93
C LEU B 559 45.52 5.35 19.54
N LYS B 560 46.46 5.38 20.47
CA LYS B 560 47.89 5.07 20.22
C LYS B 560 48.01 3.62 19.73
N TYR B 561 47.24 2.70 20.32
CA TYR B 561 47.26 1.27 19.95
C TYR B 561 46.68 1.09 18.54
N TYR B 562 45.40 1.42 18.34
CA TYR B 562 44.63 1.02 17.14
C TYR B 562 45.11 1.81 15.91
N GLN B 563 45.63 3.03 16.07
CA GLN B 563 46.11 3.87 14.94
C GLN B 563 47.26 3.18 14.20
N THR B 564 47.91 2.18 14.82
CA THR B 564 49.03 1.40 14.22
C THR B 564 48.48 0.20 13.45
N LYS B 565 47.23 -0.19 13.70
CA LYS B 565 46.63 -1.47 13.23
C LYS B 565 45.93 -1.29 11.87
N ILE B 566 45.84 -0.07 11.32
CA ILE B 566 45.13 0.19 10.03
C ILE B 566 46.14 0.14 8.89
N PRO B 567 46.11 -0.93 8.03
CA PRO B 567 46.98 -0.97 6.85
C PRO B 567 46.71 0.13 5.82
N GLN B 568 47.74 0.48 5.04
CA GLN B 568 47.64 1.53 3.99
C GLN B 568 46.62 1.11 2.93
N SER B 569 46.56 -0.19 2.59
CA SER B 569 45.79 -0.74 1.44
C SER B 569 44.44 -1.30 1.89
N ASP B 570 43.39 -1.06 1.08
CA ASP B 570 42.07 -1.74 1.18
C ASP B 570 41.38 -1.40 2.52
N THR B 571 41.64 -0.19 3.03
CA THR B 571 41.03 0.34 4.29
C THR B 571 40.25 1.60 3.95
N PRO B 572 38.91 1.62 4.20
CA PRO B 572 38.07 2.73 3.74
C PRO B 572 38.23 3.98 4.63
N ALA B 573 37.76 5.13 4.15
CA ALA B 573 37.88 6.44 4.83
C ALA B 573 36.79 6.55 5.90
N MET B 574 36.96 5.75 6.95
CA MET B 574 36.02 5.60 8.08
C MET B 574 36.83 5.40 9.37
N THR B 575 37.90 6.17 9.53
CA THR B 575 38.98 5.89 10.51
C THR B 575 39.71 7.19 10.87
N GLN B 576 40.57 7.67 9.98
CA GLN B 576 41.54 8.75 10.25
C GLN B 576 40.82 10.04 10.67
N ALA B 577 39.63 10.31 10.14
CA ALA B 577 38.82 11.50 10.50
C ALA B 577 38.47 11.48 12.00
N ILE B 578 38.24 10.29 12.55
CA ILE B 578 37.90 10.10 13.99
C ILE B 578 39.18 10.33 14.81
N PHE B 579 40.29 9.72 14.39
CA PHE B 579 41.62 9.96 15.03
C PHE B 579 41.79 11.47 15.13
N SER B 580 41.56 12.20 14.05
CA SER B 580 41.74 13.67 13.98
C SER B 580 40.87 14.33 15.06
N LEU B 581 39.58 14.05 15.04
CA LEU B 581 38.56 14.67 15.93
C LEU B 581 38.97 14.46 17.38
N LEU B 582 39.37 13.24 17.75
CA LEU B 582 39.71 12.88 19.14
C LEU B 582 41.00 13.60 19.57
N TYR B 583 42.03 13.64 18.71
CA TYR B 583 43.28 14.40 18.99
C TYR B 583 42.94 15.90 19.13
N SER B 584 41.97 16.40 18.36
CA SER B 584 41.41 17.78 18.45
C SER B 584 40.75 17.98 19.83
N ARG B 585 40.02 16.97 20.33
CA ARG B 585 39.34 17.00 21.65
C ARG B 585 40.37 17.00 22.78
N LEU B 586 41.54 16.40 22.54
CA LEU B 586 42.67 16.30 23.52
C LEU B 586 43.63 17.48 23.33
N GLU B 587 43.35 18.38 22.39
CA GLU B 587 44.04 19.68 22.18
C GLU B 587 45.48 19.45 21.71
N ASP B 588 45.67 18.53 20.75
CA ASP B 588 46.98 18.25 20.10
C ASP B 588 46.84 18.56 18.60
N SER B 589 47.22 19.78 18.19
CA SER B 589 47.09 20.32 16.81
C SER B 589 47.84 19.43 15.81
N ASP B 590 49.14 19.18 16.04
CA ASP B 590 50.01 18.49 15.05
C ASP B 590 49.38 17.15 14.65
N GLN B 591 48.97 16.36 15.64
CA GLN B 591 48.34 15.03 15.46
C GLN B 591 46.98 15.19 14.76
N ALA B 592 46.11 16.04 15.32
CA ALA B 592 44.78 16.36 14.73
C ALA B 592 44.95 16.68 13.25
N TYR B 593 45.87 17.57 12.90
CA TYR B 593 46.08 18.04 11.50
C TYR B 593 46.65 16.89 10.65
N HIS B 594 47.60 16.11 11.17
CA HIS B 594 48.20 14.95 10.45
C HIS B 594 47.08 13.98 10.00
N TRP B 595 46.19 13.61 10.92
CA TRP B 595 45.12 12.62 10.69
C TRP B 595 44.01 13.21 9.81
N PHE B 596 43.73 14.51 9.95
CA PHE B 596 42.82 15.26 9.02
C PHE B 596 43.29 15.10 7.56
N LYS B 597 44.57 15.34 7.28
CA LYS B 597 45.11 15.19 5.91
C LYS B 597 45.07 13.72 5.48
N ASP B 598 45.51 12.79 6.34
CA ASP B 598 45.64 11.34 5.96
C ASP B 598 44.25 10.80 5.62
N ALA B 599 43.21 11.39 6.22
CA ALA B 599 41.80 10.96 6.10
C ALA B 599 41.31 10.99 4.65
N TYR B 600 41.82 11.88 3.77
CA TYR B 600 41.26 12.06 2.40
C TYR B 600 42.34 12.33 1.34
N GLN B 601 43.45 13.01 1.66
CA GLN B 601 44.45 13.46 0.65
C GLN B 601 45.05 12.26 -0.10
N PRO B 602 45.39 11.14 0.57
CA PRO B 602 45.84 9.94 -0.15
C PRO B 602 44.78 9.16 -0.95
N ASN B 603 43.50 9.58 -0.88
CA ASN B 603 42.33 8.94 -1.56
C ASN B 603 41.87 9.78 -2.78
N LEU B 604 42.57 10.86 -3.15
CA LEU B 604 42.07 11.84 -4.17
C LEU B 604 42.33 11.33 -5.59
N ASN B 605 41.42 11.72 -6.50
CA ASN B 605 41.51 11.41 -7.94
C ASN B 605 41.52 12.73 -8.71
N PRO B 606 42.35 12.86 -9.78
CA PRO B 606 42.40 14.10 -10.56
C PRO B 606 41.25 14.14 -11.55
N PRO B 607 40.95 15.29 -12.17
CA PRO B 607 41.60 16.56 -11.88
C PRO B 607 40.88 17.47 -10.87
N PHE B 608 39.77 17.00 -10.28
CA PHE B 608 38.89 17.77 -9.37
C PHE B 608 39.04 17.36 -7.90
N ARG B 609 40.03 16.54 -7.54
CA ARG B 609 40.25 16.12 -6.14
C ARG B 609 38.97 15.48 -5.59
N VAL B 610 38.36 14.58 -6.37
CA VAL B 610 37.24 13.72 -5.87
C VAL B 610 37.87 12.65 -4.96
N ILE B 611 37.08 12.12 -4.02
CA ILE B 611 37.57 11.20 -2.96
C ILE B 611 37.20 9.77 -3.30
N SER B 612 38.19 8.87 -3.29
CA SER B 612 37.97 7.41 -3.42
C SER B 612 37.80 6.80 -2.01
N GLU B 613 37.20 5.61 -1.95
CA GLU B 613 36.90 4.89 -0.68
C GLU B 613 38.20 4.63 0.10
N CYS B 614 39.27 4.22 -0.60
CA CYS B 614 40.53 3.75 0.02
C CYS B 614 41.72 4.57 -0.52
N LYS B 615 42.84 4.56 0.19
CA LYS B 615 44.11 5.20 -0.26
C LYS B 615 44.53 4.64 -1.63
N GLY B 616 44.80 5.52 -2.60
CA GLY B 616 45.13 5.14 -3.98
C GLY B 616 43.96 4.48 -4.73
N GLY B 617 42.73 4.61 -4.20
CA GLY B 617 41.52 4.03 -4.80
C GLY B 617 41.12 4.78 -6.08
N THR B 618 40.22 4.17 -6.86
CA THR B 618 39.76 4.68 -8.19
C THR B 618 38.24 4.54 -8.31
N ASN B 619 37.51 4.72 -7.21
CA ASN B 619 36.04 4.54 -7.16
C ASN B 619 35.37 5.75 -6.51
N PRO B 620 35.67 7.01 -6.90
CA PRO B 620 35.01 8.16 -6.28
C PRO B 620 33.55 8.22 -6.71
N TYR B 621 32.70 9.02 -6.02
CA TYR B 621 33.02 9.93 -4.93
C TYR B 621 32.49 9.31 -3.62
N PHE B 622 33.38 9.00 -2.68
CA PHE B 622 33.05 8.38 -1.36
C PHE B 622 32.58 9.47 -0.39
N SER B 623 31.29 9.84 -0.46
N SER B 623 31.29 9.82 -0.49
CA SER B 623 30.69 10.91 0.37
CA SER B 623 30.60 10.85 0.34
C SER B 623 30.70 10.51 1.85
C SER B 623 30.71 10.50 1.83
N THR B 624 30.76 9.21 2.16
CA THR B 624 31.00 8.71 3.53
C THR B 624 32.27 9.37 4.07
N GLY B 625 33.34 9.32 3.27
CA GLY B 625 34.65 9.88 3.62
C GLY B 625 34.56 11.36 3.91
N ALA B 626 33.87 12.11 3.06
CA ALA B 626 33.62 13.57 3.21
C ALA B 626 32.84 13.82 4.51
N GLY B 627 31.88 12.97 4.80
CA GLY B 627 31.06 13.11 6.03
C GLY B 627 31.94 13.05 7.26
N GLY B 628 32.80 12.05 7.30
CA GLY B 628 33.75 11.87 8.42
C GLY B 628 34.61 13.11 8.58
N VAL B 629 35.20 13.59 7.49
CA VAL B 629 36.18 14.70 7.56
C VAL B 629 35.44 15.96 8.00
N LEU B 630 34.20 16.17 7.55
CA LEU B 630 33.39 17.34 7.99
C LEU B 630 33.18 17.25 9.50
N GLN B 631 33.01 16.06 10.06
CA GLN B 631 32.93 15.91 11.53
C GLN B 631 34.28 16.30 12.15
N ALA B 632 35.40 15.85 11.59
CA ALA B 632 36.74 16.23 12.10
C ALA B 632 36.82 17.75 12.15
N VAL B 633 36.26 18.45 11.17
CA VAL B 633 36.34 19.95 11.08
C VAL B 633 35.36 20.60 12.06
N ILE B 634 34.10 20.18 12.05
CA ILE B 634 32.99 20.85 12.81
C ILE B 634 33.05 20.44 14.28
N MET B 635 33.05 19.14 14.56
CA MET B 635 33.04 18.62 15.94
C MET B 635 34.48 18.61 16.50
N GLY B 636 35.49 18.43 15.63
CA GLY B 636 36.91 18.36 16.04
C GLY B 636 37.53 19.74 16.21
N PHE B 637 37.97 20.36 15.11
CA PHE B 637 38.59 21.71 15.10
C PHE B 637 37.62 22.74 15.67
N GLY B 638 36.31 22.61 15.37
CA GLY B 638 35.29 23.57 15.80
C GLY B 638 34.82 23.30 17.22
N GLY B 639 35.10 22.10 17.74
CA GLY B 639 34.73 21.67 19.10
C GLY B 639 33.22 21.56 19.30
N LEU B 640 32.44 21.47 18.23
CA LEU B 640 30.95 21.48 18.36
C LEU B 640 30.49 20.05 18.67
N ASP B 641 29.40 19.92 19.41
CA ASP B 641 29.04 18.63 20.03
C ASP B 641 27.54 18.63 20.24
N ILE B 642 26.89 17.50 20.02
CA ILE B 642 25.47 17.32 20.38
C ILE B 642 25.45 17.04 21.87
N ASP B 643 24.79 17.93 22.61
CA ASP B 643 24.69 17.89 24.09
C ASP B 643 23.65 16.82 24.45
N ALA B 644 24.02 15.85 25.28
CA ALA B 644 23.17 14.75 25.77
C ALA B 644 21.84 15.30 26.32
N ALA B 645 21.78 16.58 26.71
CA ALA B 645 20.58 17.22 27.29
C ALA B 645 19.82 18.06 26.25
N GLY B 646 20.34 18.22 25.02
CA GLY B 646 19.63 18.95 23.95
C GLY B 646 20.47 20.08 23.38
N GLY B 647 20.29 20.37 22.08
CA GLY B 647 20.96 21.44 21.32
C GLY B 647 22.44 21.17 21.13
N ILE B 648 23.16 22.16 20.63
CA ILE B 648 24.62 22.10 20.36
C ILE B 648 25.38 22.86 21.45
N LYS B 649 26.49 22.30 21.93
CA LYS B 649 27.43 22.97 22.87
C LYS B 649 28.81 22.95 22.23
N GLN B 650 29.80 23.59 22.86
CA GLN B 650 31.17 23.65 22.30
C GLN B 650 32.16 23.25 23.39
N VAL B 651 32.97 22.21 23.16
CA VAL B 651 34.02 21.74 24.12
C VAL B 651 35.38 22.27 23.65
N LYS B 652 36.45 21.93 24.37
CA LYS B 652 37.83 22.40 24.05
C LYS B 652 38.26 21.86 22.69
N SER B 653 38.84 22.72 21.85
CA SER B 653 39.42 22.34 20.54
C SER B 653 40.71 23.12 20.28
N VAL B 654 41.46 22.68 19.26
CA VAL B 654 42.65 23.36 18.67
C VAL B 654 42.46 23.45 17.16
N LEU B 655 43.15 24.38 16.50
CA LEU B 655 43.23 24.48 15.02
C LEU B 655 44.61 24.02 14.57
N PRO B 656 44.75 23.52 13.32
CA PRO B 656 46.07 23.31 12.73
C PRO B 656 46.89 24.59 12.92
N LYS B 657 48.20 24.46 13.18
CA LYS B 657 49.16 25.60 13.25
C LYS B 657 48.88 26.64 12.15
N ASN B 658 48.75 26.18 10.89
CA ASN B 658 48.73 27.00 9.66
C ASN B 658 47.36 27.63 9.40
N TRP B 659 46.30 27.24 10.12
CA TRP B 659 44.96 27.88 10.06
C TRP B 659 44.90 29.07 11.01
N LYS B 660 44.77 30.28 10.47
CA LYS B 660 44.62 31.53 11.26
C LYS B 660 43.19 31.64 11.80
N LYS B 661 42.16 31.17 11.08
CA LYS B 661 40.77 31.28 11.59
C LYS B 661 39.85 30.25 10.93
N LEU B 662 38.96 29.67 11.75
CA LEU B 662 37.88 28.73 11.33
C LEU B 662 36.54 29.34 11.71
N THR B 663 35.68 29.63 10.72
CA THR B 663 34.31 30.16 10.91
C THR B 663 33.29 29.13 10.39
N ILE B 664 32.32 28.80 11.24
CA ILE B 664 31.25 27.79 10.95
C ILE B 664 29.90 28.47 11.15
N THR B 665 29.09 28.61 10.09
CA THR B 665 27.80 29.33 10.12
C THR B 665 26.64 28.35 10.01
N GLY B 666 25.47 28.81 10.45
CA GLY B 666 24.17 28.11 10.35
C GLY B 666 24.05 26.88 11.23
N ILE B 667 24.61 26.89 12.44
CA ILE B 667 24.72 25.69 13.32
C ILE B 667 23.52 25.62 14.25
N GLY B 668 22.82 24.48 14.26
CA GLY B 668 21.70 24.20 15.17
C GLY B 668 20.45 24.95 14.72
N ILE B 669 19.33 24.77 15.42
CA ILE B 669 18.05 25.43 15.03
C ILE B 669 18.14 26.93 15.34
N GLU B 670 19.13 27.39 16.11
CA GLU B 670 19.39 28.84 16.36
C GLU B 670 20.27 29.44 15.25
N LYS B 671 20.84 28.62 14.37
CA LYS B 671 21.65 29.10 13.21
C LYS B 671 22.82 29.95 13.72
N LYS B 672 23.63 29.39 14.62
CA LYS B 672 24.71 30.12 15.34
C LYS B 672 25.97 30.12 14.48
N THR B 673 26.70 31.24 14.49
CA THR B 673 28.07 31.32 13.91
C THR B 673 29.08 31.05 15.01
N PHE B 674 30.09 30.22 14.72
CA PHE B 674 31.23 29.93 15.63
C PHE B 674 32.52 30.35 14.94
N VAL B 675 33.32 31.20 15.62
CA VAL B 675 34.66 31.63 15.15
C VAL B 675 35.70 31.08 16.13
N LEU B 676 36.71 30.39 15.60
CA LEU B 676 37.86 29.89 16.38
C LEU B 676 39.17 30.46 15.80
N THR B 677 40.09 30.81 16.70
CA THR B 677 41.45 31.32 16.36
C THR B 677 42.45 30.67 17.30
N HIS B 678 43.74 30.71 16.98
CA HIS B 678 44.83 30.31 17.90
C HIS B 678 44.80 31.24 19.12
N HIS C 20 2.28 -47.76 22.46
CA HIS C 20 2.22 -46.52 21.61
C HIS C 20 1.45 -45.40 22.32
N GLN C 21 1.47 -45.37 23.66
CA GLN C 21 0.69 -44.41 24.51
C GLN C 21 1.63 -43.59 25.40
N ASP C 22 2.84 -43.32 24.91
CA ASP C 22 3.77 -42.36 25.54
C ASP C 22 3.06 -41.01 25.60
N PRO C 23 3.05 -40.29 26.73
CA PRO C 23 2.33 -39.02 26.85
C PRO C 23 2.96 -37.85 26.05
N TRP C 24 4.19 -38.02 25.56
CA TRP C 24 4.93 -36.96 24.81
C TRP C 24 5.22 -37.38 23.36
N LYS C 25 5.05 -38.64 22.99
CA LYS C 25 5.52 -39.13 21.67
C LYS C 25 4.46 -39.97 21.01
N LEU C 26 4.26 -39.75 19.72
CA LEU C 26 3.37 -40.58 18.87
C LEU C 26 4.30 -41.46 18.05
N SER C 27 4.10 -42.78 18.07
CA SER C 27 5.05 -43.71 17.43
C SER C 27 4.29 -44.65 16.50
N ALA C 28 4.96 -45.04 15.42
CA ALA C 28 4.43 -45.99 14.42
C ALA C 28 5.51 -47.02 14.10
N ASP C 29 5.21 -48.31 14.21
CA ASP C 29 6.12 -49.38 13.74
C ASP C 29 5.77 -49.75 12.30
N LYS C 30 6.77 -49.95 11.46
CA LYS C 30 6.63 -50.34 10.03
C LYS C 30 5.45 -49.61 9.39
N PRO C 31 5.58 -48.32 9.06
CA PRO C 31 4.56 -47.64 8.28
C PRO C 31 3.98 -48.48 7.14
N ASP C 32 2.65 -48.53 7.09
CA ASP C 32 1.88 -49.21 6.02
C ASP C 32 1.39 -48.15 5.03
N SER C 33 2.05 -47.97 3.88
CA SER C 33 1.71 -46.90 2.91
C SER C 33 0.28 -47.08 2.36
N ASN C 34 -0.31 -48.27 2.47
CA ASN C 34 -1.71 -48.50 2.05
C ASN C 34 -2.70 -47.98 3.11
N ASN C 35 -2.25 -47.66 4.33
CA ASN C 35 -3.15 -47.16 5.41
C ASN C 35 -2.41 -46.19 6.32
N TYR C 36 -1.98 -45.06 5.76
CA TYR C 36 -1.06 -44.14 6.47
C TYR C 36 -1.48 -42.70 6.24
N TYR C 37 -1.65 -41.98 7.33
CA TYR C 37 -1.96 -40.52 7.32
C TYR C 37 -0.84 -39.84 8.06
N GLY C 38 -0.01 -39.06 7.33
CA GLY C 38 1.21 -38.51 7.93
C GLY C 38 0.91 -37.47 8.97
N GLU C 39 1.88 -37.28 9.85
CA GLU C 39 1.88 -36.26 10.91
C GLU C 39 2.66 -35.03 10.44
N THR C 40 2.41 -33.92 11.13
CA THR C 40 2.96 -32.60 10.71
C THR C 40 3.93 -32.11 11.75
N VAL C 41 5.07 -31.56 11.32
CA VAL C 41 5.86 -30.66 12.18
C VAL C 41 5.75 -29.27 11.57
N ALA C 42 5.61 -28.26 12.40
CA ALA C 42 5.36 -26.89 11.89
C ALA C 42 5.75 -25.87 12.95
N ASN C 43 6.05 -24.66 12.48
CA ASN C 43 6.45 -23.52 13.32
C ASN C 43 5.49 -22.34 13.08
N GLY C 44 4.28 -22.61 12.58
CA GLY C 44 3.27 -21.58 12.24
C GLY C 44 3.51 -20.93 10.89
N MET C 45 4.67 -21.21 10.27
CA MET C 45 5.01 -20.65 8.96
C MET C 45 5.17 -21.77 7.92
N ILE C 46 5.97 -22.78 8.23
CA ILE C 46 6.13 -23.96 7.33
C ILE C 46 5.58 -25.17 8.05
N GLY C 47 4.81 -25.96 7.33
CA GLY C 47 4.39 -27.30 7.78
C GLY C 47 4.98 -28.35 6.88
N ILE C 48 5.47 -29.43 7.48
CA ILE C 48 6.05 -30.61 6.79
C ILE C 48 5.25 -31.82 7.23
N ILE C 49 4.64 -32.50 6.26
CA ILE C 49 3.76 -33.66 6.51
C ILE C 49 4.53 -34.92 6.10
N SER C 50 4.48 -35.92 6.96
CA SER C 50 5.39 -37.08 6.90
C SER C 50 4.94 -38.02 5.77
N SER C 51 5.92 -38.75 5.25
CA SER C 51 5.76 -39.83 4.25
C SER C 51 6.00 -41.15 4.96
N PRO C 52 5.33 -42.24 4.54
CA PRO C 52 5.68 -43.57 5.05
C PRO C 52 7.07 -43.97 4.56
N GLU C 53 7.56 -43.37 3.45
CA GLU C 53 8.89 -43.71 2.87
C GLU C 53 9.98 -43.09 3.74
N PRO C 54 11.13 -43.79 3.95
CA PRO C 54 12.22 -43.24 4.74
C PRO C 54 12.91 -42.09 4.00
N LEU C 55 13.26 -41.05 4.76
CA LEU C 55 14.04 -39.87 4.31
C LEU C 55 13.30 -39.10 3.23
N LYS C 56 11.97 -39.21 3.20
CA LYS C 56 11.10 -38.39 2.31
C LYS C 56 10.07 -37.66 3.17
N VAL C 57 9.49 -36.62 2.61
CA VAL C 57 8.29 -35.96 3.18
C VAL C 57 7.21 -35.96 2.10
N LYS C 58 5.94 -35.99 2.53
CA LYS C 58 4.82 -36.10 1.58
C LYS C 58 4.51 -34.73 0.99
N GLU C 59 4.48 -33.69 1.84
CA GLU C 59 4.00 -32.38 1.43
C GLU C 59 4.58 -31.32 2.35
N VAL C 60 4.79 -30.14 1.79
CA VAL C 60 5.30 -28.96 2.53
C VAL C 60 4.38 -27.80 2.16
N VAL C 61 3.96 -27.06 3.17
CA VAL C 61 3.04 -25.92 2.98
C VAL C 61 3.67 -24.71 3.63
N LEU C 62 3.67 -23.61 2.90
CA LEU C 62 4.09 -22.29 3.41
C LEU C 62 2.87 -21.41 3.66
N ALA C 63 2.71 -20.99 4.92
CA ALA C 63 1.65 -20.04 5.32
C ALA C 63 1.77 -18.75 4.52
N GLY C 64 0.64 -18.12 4.25
CA GLY C 64 0.63 -16.75 3.73
C GLY C 64 0.86 -16.71 2.23
N THR C 65 0.99 -17.85 1.56
CA THR C 65 1.20 -17.91 0.10
C THR C 65 -0.01 -18.56 -0.52
N TYR C 66 -0.80 -17.75 -1.21
CA TYR C 66 -2.05 -18.19 -1.87
C TYR C 66 -2.02 -17.86 -3.36
N ASP C 67 -2.54 -18.75 -4.16
CA ASP C 67 -2.82 -18.52 -5.58
C ASP C 67 -3.94 -19.41 -6.05
N ILE C 68 -4.52 -19.09 -7.19
CA ILE C 68 -5.54 -19.94 -7.85
C ILE C 68 -4.95 -21.32 -8.12
N TYR C 69 -5.60 -22.38 -7.66
CA TYR C 69 -5.08 -23.76 -7.68
C TYR C 69 -6.17 -24.72 -7.21
N LYS C 70 -6.55 -25.60 -8.13
CA LYS C 70 -7.44 -26.74 -7.93
C LYS C 70 -8.72 -26.28 -7.25
N ARG C 71 -9.00 -26.83 -6.08
CA ARG C 71 -10.34 -26.79 -5.46
C ARG C 71 -10.92 -25.37 -5.44
N GLY C 72 -12.16 -25.24 -5.87
CA GLY C 72 -12.97 -24.06 -5.53
C GLY C 72 -12.78 -22.88 -6.45
N ARG C 73 -11.78 -22.91 -7.36
CA ARG C 73 -11.54 -21.82 -8.35
C ARG C 73 -11.16 -20.52 -7.62
N VAL C 74 -10.78 -20.61 -6.35
CA VAL C 74 -10.40 -19.47 -5.49
C VAL C 74 -8.97 -19.68 -5.04
N SER C 75 -8.42 -18.71 -4.32
CA SER C 75 -7.01 -18.80 -3.86
C SER C 75 -6.84 -20.01 -2.96
N SER C 76 -5.63 -20.54 -2.88
CA SER C 76 -5.33 -21.74 -2.10
C SER C 76 -3.87 -21.71 -1.68
N PHE C 77 -3.59 -22.33 -0.54
CA PHE C 77 -2.24 -22.85 -0.25
C PHE C 77 -1.80 -23.72 -1.42
N ILE C 78 -0.48 -23.77 -1.62
CA ILE C 78 0.12 -24.38 -2.82
C ILE C 78 1.09 -25.45 -2.31
N PRO C 79 1.02 -26.71 -2.78
CA PRO C 79 2.04 -27.68 -2.39
C PRO C 79 3.40 -27.14 -2.80
N ASN C 80 4.36 -27.22 -1.90
CA ASN C 80 5.66 -26.56 -2.07
C ASN C 80 6.76 -27.60 -2.25
N TYR C 81 7.99 -27.13 -2.37
CA TYR C 81 9.17 -28.02 -2.47
C TYR C 81 9.20 -29.00 -1.29
N ASN C 82 9.26 -30.31 -1.61
CA ASN C 82 9.55 -31.37 -0.63
C ASN C 82 11.04 -31.33 -0.37
N LEU C 83 11.50 -30.32 0.36
CA LEU C 83 12.90 -29.83 0.32
C LEU C 83 13.83 -30.79 1.08
N LEU C 84 13.27 -31.63 1.94
CA LEU C 84 14.07 -32.59 2.74
C LEU C 84 14.31 -33.89 1.99
N ASN C 85 13.73 -34.08 0.80
CA ASN C 85 13.78 -35.41 0.16
C ASN C 85 15.23 -35.82 -0.09
N MET C 86 15.58 -37.03 0.35
CA MET C 86 16.94 -37.55 0.32
CA MET C 86 16.96 -37.52 0.23
C MET C 86 16.91 -38.98 -0.24
N LYS C 87 17.95 -39.36 -0.95
CA LYS C 87 18.15 -40.76 -1.39
C LYS C 87 19.48 -41.19 -0.77
N LEU C 88 19.47 -42.34 -0.11
CA LEU C 88 20.67 -42.87 0.58
C LEU C 88 20.98 -44.22 -0.05
N ALA C 89 22.23 -44.47 -0.43
CA ALA C 89 22.67 -45.79 -0.92
C ALA C 89 23.85 -46.24 -0.06
N PHE C 90 23.91 -47.54 0.22
CA PHE C 90 25.06 -48.16 0.91
C PHE C 90 25.76 -49.10 -0.06
N ASN C 91 27.00 -48.77 -0.42
CA ASN C 91 27.79 -49.46 -1.47
C ASN C 91 27.00 -49.45 -2.79
N GLY C 92 26.29 -48.36 -3.11
CA GLY C 92 25.58 -48.21 -4.39
C GLY C 92 24.22 -48.89 -4.37
N GLU C 93 23.86 -49.55 -3.27
CA GLU C 93 22.52 -50.17 -3.10
C GLU C 93 21.56 -49.16 -2.46
N SER C 94 20.56 -48.77 -3.23
CA SER C 94 19.55 -47.76 -2.84
C SER C 94 18.74 -48.30 -1.64
N VAL C 95 18.59 -47.46 -0.61
CA VAL C 95 17.79 -47.75 0.61
C VAL C 95 16.32 -47.56 0.27
N GLN C 96 15.51 -48.59 0.47
CA GLN C 96 14.06 -48.58 0.13
C GLN C 96 13.28 -49.20 1.28
N THR C 97 11.99 -48.93 1.38
CA THR C 97 11.10 -49.62 2.34
C THR C 97 11.33 -51.14 2.21
N TYR C 98 11.53 -51.64 0.98
CA TYR C 98 11.57 -53.10 0.71
C TYR C 98 12.84 -53.76 1.28
N ASN C 99 13.97 -53.05 1.55
CA ASN C 99 15.25 -53.71 1.95
C ASN C 99 15.79 -53.19 3.29
N ILE C 100 14.98 -52.51 4.08
CA ILE C 100 15.32 -52.10 5.48
C ILE C 100 14.48 -52.97 6.43
N ASN C 101 14.85 -52.98 7.70
CA ASN C 101 14.07 -53.69 8.72
C ASN C 101 14.11 -52.87 10.01
N ASN C 102 13.19 -53.19 10.91
CA ASN C 102 12.98 -52.52 12.21
C ASN C 102 12.71 -51.03 11.98
N TYR C 103 11.99 -50.70 10.92
CA TYR C 103 11.69 -49.30 10.54
C TYR C 103 10.60 -48.77 11.46
N LYS C 104 10.87 -47.64 12.10
CA LYS C 104 9.98 -46.99 13.08
C LYS C 104 9.93 -45.50 12.78
N GLN C 105 8.78 -44.88 13.02
CA GLN C 105 8.65 -43.40 12.97
C GLN C 105 8.13 -42.94 14.34
N GLU C 106 8.54 -41.77 14.77
CA GLU C 106 8.10 -41.18 16.05
C GLU C 106 8.00 -39.66 15.91
N LEU C 107 6.91 -39.08 16.40
CA LEU C 107 6.77 -37.62 16.56
C LEU C 107 6.94 -37.29 18.03
N ASP C 108 7.99 -36.56 18.37
CA ASP C 108 8.21 -36.06 19.75
C ASP C 108 7.48 -34.71 19.86
N MET C 109 6.35 -34.70 20.56
CA MET C 109 5.53 -33.49 20.69
C MET C 109 6.23 -32.45 21.56
N ARG C 110 7.23 -32.81 22.35
CA ARG C 110 7.96 -31.86 23.22
C ARG C 110 8.68 -30.83 22.37
N ASN C 111 9.12 -31.21 21.17
CA ASN C 111 9.92 -30.26 20.35
C ASN C 111 9.61 -30.42 18.87
N GLY C 112 8.47 -31.02 18.53
CA GLY C 112 8.08 -31.18 17.12
C GLY C 112 9.16 -31.84 16.31
N ALA C 113 9.88 -32.82 16.86
CA ALA C 113 10.87 -33.59 16.09
C ALA C 113 10.17 -34.79 15.46
N PHE C 114 10.26 -34.93 14.15
CA PHE C 114 9.81 -36.17 13.48
C PHE C 114 11.03 -37.04 13.21
N THR C 115 11.04 -38.25 13.75
CA THR C 115 12.23 -39.13 13.65
C THR C 115 11.87 -40.46 13.00
N GLY C 116 12.65 -40.87 12.01
CA GLY C 116 12.62 -42.23 11.45
C GLY C 116 13.88 -42.96 11.86
N SER C 117 13.79 -44.27 12.06
CA SER C 117 14.98 -45.10 12.35
C SER C 117 14.80 -46.45 11.69
N PHE C 118 15.87 -47.01 11.17
CA PHE C 118 15.80 -48.37 10.57
C PHE C 118 17.20 -48.97 10.50
N GLN C 119 17.21 -50.28 10.25
CA GLN C 119 18.45 -51.04 10.01
C GLN C 119 18.55 -51.35 8.53
N PHE C 120 19.72 -51.15 7.94
CA PHE C 120 20.00 -51.57 6.56
C PHE C 120 20.91 -52.80 6.65
N LYS C 121 20.29 -53.96 6.44
CA LYS C 121 20.99 -55.27 6.31
C LYS C 121 21.98 -55.41 7.46
N ASP C 122 23.23 -55.75 7.16
CA ASP C 122 24.30 -55.99 8.16
C ASP C 122 25.26 -54.80 8.20
N LEU C 123 24.87 -53.64 7.65
CA LEU C 123 25.81 -52.51 7.43
C LEU C 123 25.64 -51.41 8.50
N ALA C 124 24.43 -50.89 8.68
CA ALA C 124 24.30 -49.66 9.50
C ALA C 124 22.88 -49.49 9.99
N THR C 125 22.78 -48.79 11.10
CA THR C 125 21.55 -48.22 11.64
C THR C 125 21.48 -46.75 11.20
N VAL C 126 20.31 -46.36 10.72
CA VAL C 126 20.06 -44.96 10.28
C VAL C 126 18.98 -44.34 11.17
N THR C 127 19.26 -43.15 11.68
CA THR C 127 18.29 -42.32 12.41
C THR C 127 18.26 -40.95 11.72
N TYR C 128 17.08 -40.45 11.45
CA TYR C 128 16.92 -39.09 10.89
C TYR C 128 15.82 -38.39 11.69
N SER C 129 16.07 -37.13 12.03
CA SER C 129 15.12 -36.25 12.76
C SER C 129 15.00 -34.95 11.98
N TYR C 130 13.78 -34.51 11.69
CA TYR C 130 13.59 -33.18 11.09
C TYR C 130 12.67 -32.31 11.95
N TYR C 131 12.81 -31.02 11.69
CA TYR C 131 12.28 -29.91 12.52
C TYR C 131 11.89 -28.73 11.63
N ALA C 132 10.76 -28.11 11.93
CA ALA C 132 10.42 -26.76 11.44
C ALA C 132 10.89 -25.81 12.52
N LEU C 133 12.04 -25.18 12.32
CA LEU C 133 12.73 -24.50 13.44
C LEU C 133 11.81 -23.45 14.06
N ARG C 134 11.65 -23.50 15.37
CA ARG C 134 10.59 -22.71 16.05
C ARG C 134 10.96 -21.22 16.02
N HIS C 135 12.22 -20.87 16.09
CA HIS C 135 12.66 -19.45 16.13
C HIS C 135 12.87 -18.86 14.75
N LEU C 136 13.06 -19.68 13.71
CA LEU C 136 13.38 -19.24 12.34
C LEU C 136 12.26 -19.72 11.45
N PRO C 137 11.25 -18.86 11.21
CA PRO C 137 10.01 -19.27 10.59
C PRO C 137 10.23 -19.92 9.22
N HIS C 138 11.27 -19.50 8.52
CA HIS C 138 11.50 -19.95 7.12
C HIS C 138 12.57 -21.05 7.05
N CYS C 139 13.03 -21.62 8.15
CA CYS C 139 14.16 -22.56 8.17
C CYS C 139 13.73 -23.93 8.71
N ILE C 140 14.17 -24.95 7.99
CA ILE C 140 13.95 -26.39 8.30
C ILE C 140 15.31 -27.06 8.47
N MET C 141 15.35 -28.11 9.29
CA MET C 141 16.61 -28.87 9.43
C MET C 141 16.29 -30.35 9.58
N MET C 142 17.05 -31.19 8.87
CA MET C 142 17.05 -32.65 9.10
C MET C 142 18.44 -33.09 9.52
N VAL C 143 18.53 -33.88 10.59
CA VAL C 143 19.83 -34.39 11.10
C VAL C 143 19.84 -35.90 10.86
N VAL C 144 20.90 -36.41 10.24
CA VAL C 144 21.00 -37.84 9.87
C VAL C 144 22.21 -38.43 10.60
N ASN C 145 22.01 -39.55 11.30
CA ASN C 145 23.09 -40.28 11.99
C ASN C 145 23.17 -41.69 11.39
N ILE C 146 24.36 -42.09 11.03
CA ILE C 146 24.57 -43.45 10.49
C ILE C 146 25.54 -44.15 11.44
N ASN C 147 25.09 -45.23 12.06
CA ASN C 147 25.85 -46.03 13.03
C ASN C 147 26.20 -47.36 12.36
N THR C 148 27.48 -47.56 12.02
CA THR C 148 27.89 -48.73 11.19
C THR C 148 28.21 -49.96 12.04
N GLN C 149 27.78 -51.10 11.54
CA GLN C 149 28.15 -52.45 12.02
C GLN C 149 29.23 -53.06 11.10
N LYS C 150 29.40 -52.53 9.89
CA LYS C 150 30.45 -52.97 8.95
C LYS C 150 30.97 -51.74 8.20
N ASP C 151 32.15 -51.88 7.61
CA ASP C 151 32.71 -50.84 6.72
C ASP C 151 31.68 -50.58 5.63
N THR C 152 31.38 -49.33 5.34
CA THR C 152 30.45 -49.07 4.24
C THR C 152 30.74 -47.72 3.60
N GLU C 153 30.29 -47.58 2.38
CA GLU C 153 30.37 -46.29 1.67
C GLU C 153 28.94 -45.82 1.47
N ILE C 154 28.61 -44.61 1.92
CA ILE C 154 27.26 -44.06 1.67
C ILE C 154 27.34 -43.11 0.48
N ASN C 155 26.31 -43.14 -0.35
CA ASN C 155 26.01 -42.05 -1.30
C ASN C 155 24.76 -41.35 -0.77
N VAL C 156 24.85 -40.03 -0.64
CA VAL C 156 23.73 -39.20 -0.12
C VAL C 156 23.34 -38.20 -1.20
N GLU C 157 22.06 -38.15 -1.55
CA GLU C 157 21.55 -37.18 -2.52
C GLU C 157 20.41 -36.40 -1.87
N ASN C 158 20.45 -35.08 -1.96
CA ASN C 158 19.29 -34.21 -1.61
C ASN C 158 18.70 -33.73 -2.93
N LEU C 159 17.42 -33.99 -3.11
CA LEU C 159 16.70 -33.69 -4.37
C LEU C 159 15.85 -32.44 -4.15
N LEU C 160 15.89 -31.49 -5.08
CA LEU C 160 14.91 -30.38 -5.12
C LEU C 160 14.08 -30.56 -6.38
N GLU C 161 12.93 -31.19 -6.20
CA GLU C 161 11.98 -31.45 -7.28
C GLU C 161 10.95 -30.31 -7.24
N THR C 162 10.79 -29.61 -8.35
CA THR C 162 9.73 -28.58 -8.47
C THR C 162 8.42 -29.32 -8.54
N PRO C 163 7.50 -29.09 -7.59
CA PRO C 163 6.18 -29.73 -7.67
C PRO C 163 5.42 -29.14 -8.84
N SER C 164 4.47 -29.91 -9.35
CA SER C 164 3.70 -29.57 -10.57
C SER C 164 2.73 -28.43 -10.26
N SER C 165 2.62 -28.01 -8.99
CA SER C 165 1.86 -26.80 -8.60
C SER C 165 2.61 -25.52 -9.00
N LEU C 166 3.89 -25.62 -9.27
CA LEU C 166 4.78 -24.47 -9.57
C LEU C 166 5.25 -24.55 -11.02
N ASN C 167 5.66 -23.39 -11.54
CA ASN C 167 6.01 -23.27 -12.96
C ASN C 167 7.24 -22.37 -13.09
N ASN C 168 7.85 -22.39 -14.26
CA ASN C 168 8.94 -21.46 -14.63
C ASN C 168 10.12 -21.57 -13.66
N GLN C 169 10.40 -22.78 -13.21
CA GLN C 169 11.47 -23.03 -12.25
C GLN C 169 12.85 -22.78 -12.85
N GLN C 170 13.74 -22.42 -11.96
CA GLN C 170 15.20 -22.34 -12.20
C GLN C 170 15.89 -23.10 -11.09
N ASN C 171 16.95 -23.83 -11.48
CA ASN C 171 17.73 -24.73 -10.62
C ASN C 171 19.19 -24.30 -10.59
N TYR C 172 19.62 -23.80 -9.44
CA TYR C 172 20.97 -23.23 -9.23
C TYR C 172 21.79 -24.04 -8.23
N PHE C 173 23.09 -23.86 -8.28
CA PHE C 173 24.02 -24.45 -7.31
C PHE C 173 25.27 -23.60 -7.24
N GLN C 174 25.75 -23.28 -6.05
CA GLN C 174 27.03 -22.55 -5.95
C GLN C 174 27.72 -22.88 -4.63
N ASN C 175 28.99 -22.55 -4.57
CA ASN C 175 29.81 -22.67 -3.35
C ASN C 175 29.96 -21.27 -2.76
N ILE C 176 29.57 -21.11 -1.51
CA ILE C 176 29.84 -19.90 -0.69
C ILE C 176 31.08 -20.23 0.15
N THR C 177 32.19 -19.53 -0.09
CA THR C 177 33.50 -19.91 0.51
C THR C 177 34.14 -18.74 1.26
N ASN C 178 34.94 -19.07 2.26
CA ASN C 178 35.98 -18.18 2.82
C ASN C 178 37.08 -19.13 3.31
N THR C 179 38.10 -18.62 4.00
CA THR C 179 39.24 -19.46 4.45
C THR C 179 38.73 -20.59 5.36
N HIS C 180 37.57 -20.42 6.03
CA HIS C 180 37.05 -21.36 7.06
C HIS C 180 35.98 -22.32 6.51
N VAL C 181 35.19 -21.93 5.51
CA VAL C 181 33.99 -22.75 5.10
C VAL C 181 33.89 -22.87 3.57
N ASN C 182 33.23 -23.95 3.18
CA ASN C 182 32.64 -24.16 1.84
C ASN C 182 31.20 -24.60 2.08
N ILE C 183 30.27 -23.67 1.86
CA ILE C 183 28.81 -23.89 2.04
C ILE C 183 28.22 -24.09 0.66
N PRO C 184 27.91 -25.35 0.28
CA PRO C 184 27.34 -25.57 -1.05
C PRO C 184 25.83 -25.34 -0.96
N LEU C 185 25.29 -24.45 -1.79
CA LEU C 185 23.86 -24.08 -1.80
C LEU C 185 23.20 -24.68 -3.03
N LEU C 186 22.15 -25.46 -2.78
CA LEU C 186 21.25 -25.99 -3.81
C LEU C 186 19.99 -25.13 -3.75
N THR C 187 19.73 -24.35 -4.79
CA THR C 187 18.64 -23.36 -4.76
C THR C 187 17.71 -23.63 -5.93
N SER C 188 16.41 -23.45 -5.69
CA SER C 188 15.40 -23.40 -6.76
C SER C 188 14.52 -22.16 -6.55
N VAL C 189 14.12 -21.56 -7.64
CA VAL C 189 13.15 -20.45 -7.65
C VAL C 189 12.06 -20.83 -8.62
N ALA C 190 10.79 -20.62 -8.25
CA ALA C 190 9.67 -20.97 -9.14
C ALA C 190 8.48 -20.09 -8.79
N PHE C 191 7.43 -20.23 -9.57
CA PHE C 191 6.21 -19.39 -9.46
C PHE C 191 5.01 -20.26 -9.16
N THR C 192 4.09 -19.68 -8.41
CA THR C 192 2.72 -20.25 -8.22
C THR C 192 1.94 -20.15 -9.53
N PRO C 193 0.82 -20.88 -9.69
CA PRO C 193 0.20 -21.05 -11.01
C PRO C 193 -0.07 -19.79 -11.85
N THR C 194 -0.54 -18.69 -11.24
CA THR C 194 -0.86 -17.46 -12.02
C THR C 194 0.33 -16.50 -12.02
N GLY C 195 1.46 -16.88 -11.41
CA GLY C 195 2.60 -15.97 -11.31
C GLY C 195 2.48 -15.05 -10.11
N ARG C 196 1.45 -15.22 -9.26
CA ARG C 196 1.14 -14.32 -8.11
C ARG C 196 2.30 -14.25 -7.11
N SER C 197 2.99 -15.37 -6.90
N SER C 197 2.95 -15.39 -6.83
CA SER C 197 4.02 -15.51 -5.84
CA SER C 197 4.06 -15.46 -5.86
C SER C 197 5.27 -16.20 -6.37
C SER C 197 5.27 -16.12 -6.49
N LYS C 198 6.44 -15.60 -6.12
CA LYS C 198 7.74 -16.20 -6.41
C LYS C 198 8.20 -16.93 -5.16
N ILE C 199 8.53 -18.22 -5.29
CA ILE C 199 9.02 -19.08 -4.19
C ILE C 199 10.50 -19.33 -4.43
N ALA C 200 11.26 -19.23 -3.38
CA ALA C 200 12.67 -19.66 -3.36
C ALA C 200 12.93 -20.64 -2.25
N VAL C 201 13.76 -21.62 -2.55
CA VAL C 201 14.20 -22.67 -1.58
C VAL C 201 15.72 -22.79 -1.74
N SER C 202 16.45 -22.81 -0.62
CA SER C 202 17.92 -22.96 -0.65
C SER C 202 18.34 -23.94 0.44
N ASN C 203 19.06 -24.98 0.05
CA ASN C 203 19.48 -26.06 0.95
C ASN C 203 21.00 -26.14 1.03
N THR C 204 21.51 -26.64 2.15
CA THR C 204 22.96 -26.91 2.29
C THR C 204 23.12 -28.13 3.18
N PHE C 205 24.25 -28.81 3.04
CA PHE C 205 24.70 -29.85 3.99
C PHE C 205 25.64 -29.24 5.03
N LEU C 206 25.45 -29.64 6.30
CA LEU C 206 26.38 -29.34 7.40
C LEU C 206 27.12 -30.61 7.81
N PHE C 207 28.43 -30.51 7.93
CA PHE C 207 29.33 -31.59 8.37
C PHE C 207 30.09 -31.18 9.64
N ASP C 208 30.46 -32.17 10.43
CA ASP C 208 31.26 -31.93 11.66
C ASP C 208 32.74 -31.78 11.31
N GLU C 209 33.25 -32.41 10.24
CA GLU C 209 34.72 -32.62 10.01
C GLU C 209 35.44 -31.38 9.45
N GLY C 210 34.76 -30.35 8.98
CA GLY C 210 35.47 -29.10 8.60
C GLY C 210 35.87 -29.08 7.13
N LYS C 211 36.24 -27.91 6.63
CA LYS C 211 36.29 -27.58 5.17
C LYS C 211 37.17 -28.58 4.41
N LYS C 212 38.38 -28.87 4.92
CA LYS C 212 39.39 -29.68 4.19
C LYS C 212 38.91 -31.13 4.10
N LEU C 213 38.29 -31.68 5.14
CA LEU C 213 37.93 -33.12 5.20
C LEU C 213 36.48 -33.37 4.76
N GLN C 214 35.63 -32.34 4.66
CA GLN C 214 34.20 -32.58 4.27
C GLN C 214 34.12 -33.17 2.86
N PRO C 215 33.08 -33.96 2.57
CA PRO C 215 32.92 -34.57 1.26
C PRO C 215 32.77 -33.51 0.15
N GLU C 216 33.33 -33.79 -1.01
CA GLU C 216 33.08 -32.98 -2.23
C GLU C 216 31.58 -33.10 -2.57
N ILE C 217 30.93 -31.97 -2.89
CA ILE C 217 29.48 -31.95 -3.21
C ILE C 217 29.32 -31.81 -4.72
N LEU C 218 28.69 -32.81 -5.33
CA LEU C 218 28.41 -32.82 -6.77
C LEU C 218 27.01 -32.24 -6.98
N HIS C 219 26.80 -31.66 -8.16
CA HIS C 219 25.46 -31.14 -8.55
C HIS C 219 25.04 -31.75 -9.87
N ARG C 220 23.82 -32.25 -9.95
CA ARG C 220 23.26 -32.80 -11.20
C ARG C 220 21.94 -32.08 -11.50
N MET C 221 21.72 -31.80 -12.78
CA MET C 221 20.50 -31.13 -13.30
C MET C 221 19.96 -31.98 -14.43
N ASN C 222 19.53 -33.19 -14.14
CA ASN C 222 19.27 -34.12 -15.27
C ASN C 222 17.82 -34.01 -15.75
N ASP C 223 16.92 -33.42 -14.97
CA ASP C 223 15.49 -33.33 -15.32
C ASP C 223 15.07 -31.86 -15.45
N ALA C 224 13.94 -31.59 -16.08
CA ALA C 224 13.39 -30.23 -16.21
C ALA C 224 12.96 -29.76 -14.81
N ASP C 225 12.49 -30.69 -13.96
CA ASP C 225 11.80 -30.36 -12.70
C ASP C 225 12.56 -30.93 -11.51
N MET C 226 13.84 -31.26 -11.65
CA MET C 226 14.59 -31.75 -10.49
C MET C 226 16.08 -31.56 -10.74
N HIS C 227 16.72 -31.10 -9.69
CA HIS C 227 18.20 -31.14 -9.55
C HIS C 227 18.55 -31.62 -8.16
N ALA C 228 19.81 -31.95 -7.96
CA ALA C 228 20.22 -32.66 -6.74
C ALA C 228 21.66 -32.34 -6.42
N MET C 229 21.96 -32.34 -5.14
CA MET C 229 23.35 -32.29 -4.69
C MET C 229 23.64 -33.61 -3.97
N SER C 230 24.86 -34.05 -4.06
CA SER C 230 25.21 -35.41 -3.58
C SER C 230 26.67 -35.45 -3.12
N PHE C 231 26.95 -36.47 -2.34
CA PHE C 231 28.32 -36.80 -1.92
C PHE C 231 28.40 -38.29 -1.58
N ASP C 232 29.63 -38.74 -1.53
CA ASP C 232 30.00 -40.08 -1.04
C ASP C 232 30.79 -39.93 0.26
N LYS C 233 30.68 -40.92 1.16
CA LYS C 233 31.51 -40.92 2.39
C LYS C 233 31.80 -42.36 2.78
N LYS C 234 33.06 -42.71 2.89
CA LYS C 234 33.49 -44.00 3.47
C LYS C 234 33.41 -43.93 4.98
N ILE C 235 32.75 -44.89 5.61
CA ILE C 235 32.63 -44.94 7.09
C ILE C 235 33.14 -46.31 7.53
N LYS C 236 34.10 -46.34 8.43
CA LYS C 236 34.63 -47.62 8.95
C LYS C 236 33.58 -48.24 9.89
N ALA C 237 33.59 -49.55 10.04
CA ALA C 237 32.72 -50.26 10.98
C ALA C 237 32.83 -49.66 12.37
N GLY C 238 31.74 -49.60 13.10
CA GLY C 238 31.73 -49.19 14.52
C GLY C 238 31.92 -47.70 14.70
N LYS C 239 31.53 -46.90 13.72
CA LYS C 239 31.63 -45.43 13.81
C LYS C 239 30.22 -44.85 13.65
N THR C 240 30.07 -43.62 14.14
CA THR C 240 28.86 -42.79 13.89
C THR C 240 29.28 -41.67 12.96
N TYR C 241 28.59 -41.54 11.83
CA TYR C 241 28.77 -40.41 10.91
C TYR C 241 27.46 -39.63 10.89
N SER C 242 27.55 -38.32 11.10
CA SER C 242 26.40 -37.42 11.22
C SER C 242 26.53 -36.34 10.16
N PHE C 243 25.43 -35.99 9.52
CA PHE C 243 25.40 -34.78 8.67
C PHE C 243 24.01 -34.19 8.82
N ALA C 244 23.87 -32.90 8.54
CA ALA C 244 22.56 -32.26 8.59
C ALA C 244 22.27 -31.63 7.23
N LEU C 245 20.99 -31.50 6.95
CA LEU C 245 20.48 -30.75 5.79
C LEU C 245 19.71 -29.56 6.34
N ILE C 246 20.08 -28.36 5.94
CA ILE C 246 19.35 -27.13 6.33
C ILE C 246 18.70 -26.59 5.06
N GLY C 247 17.43 -26.22 5.16
CA GLY C 247 16.73 -25.59 4.03
C GLY C 247 16.00 -24.36 4.49
N SER C 248 15.94 -23.35 3.62
CA SER C 248 15.10 -22.15 3.84
C SER C 248 14.12 -22.05 2.70
N LEU C 249 12.88 -21.71 3.02
CA LEU C 249 11.76 -21.68 2.07
C LEU C 249 10.97 -20.39 2.30
N ILE C 250 10.90 -19.51 1.32
CA ILE C 250 10.34 -18.15 1.53
C ILE C 250 9.76 -17.70 0.19
N SER C 251 8.87 -16.74 0.19
CA SER C 251 8.18 -16.29 -1.03
C SER C 251 8.12 -14.77 -1.06
N SER C 252 7.74 -14.24 -2.20
CA SER C 252 7.45 -12.81 -2.42
C SER C 252 6.29 -12.33 -1.54
N ASP C 253 5.47 -13.22 -0.99
CA ASP C 253 4.43 -12.84 0.00
C ASP C 253 5.07 -12.42 1.31
N HIS C 254 6.30 -12.88 1.58
CA HIS C 254 6.98 -12.69 2.87
C HIS C 254 8.12 -11.66 2.78
N ILE C 255 8.72 -11.51 1.62
CA ILE C 255 9.94 -10.68 1.46
C ILE C 255 10.02 -10.26 0.00
N ASN C 256 10.62 -9.11 -0.32
CA ASN C 256 10.60 -8.62 -1.72
C ASN C 256 11.49 -9.49 -2.61
N ASP C 257 12.59 -10.02 -2.07
CA ASP C 257 13.62 -10.72 -2.88
C ASP C 257 13.82 -12.10 -2.28
N PRO C 258 12.87 -13.03 -2.49
CA PRO C 258 13.02 -14.34 -1.87
C PRO C 258 14.25 -15.14 -2.30
N TYR C 259 14.67 -15.00 -3.55
CA TYR C 259 15.85 -15.74 -4.08
C TYR C 259 17.05 -15.44 -3.19
N ASN C 260 17.40 -14.17 -3.08
CA ASN C 260 18.61 -13.80 -2.30
C ASN C 260 18.36 -14.09 -0.82
N GLU C 261 17.15 -13.83 -0.32
CA GLU C 261 16.92 -14.00 1.14
C GLU C 261 16.98 -15.49 1.50
N ALA C 262 16.54 -16.41 0.64
CA ALA C 262 16.62 -17.86 0.92
C ALA C 262 18.10 -18.23 1.10
N GLU C 263 18.97 -17.77 0.20
CA GLU C 263 20.41 -18.09 0.28
C GLU C 263 21.01 -17.47 1.53
N ARG C 264 20.69 -16.21 1.81
CA ARG C 264 21.15 -15.53 3.05
C ARG C 264 20.77 -16.35 4.27
N LEU C 265 19.52 -16.80 4.33
CA LEU C 265 18.99 -17.52 5.52
C LEU C 265 19.72 -18.85 5.68
N THR C 266 19.94 -19.55 4.58
CA THR C 266 20.63 -20.86 4.64
C THR C 266 22.09 -20.67 5.05
N ILE C 267 22.77 -19.66 4.53
CA ILE C 267 24.17 -19.37 4.96
C ILE C 267 24.16 -19.06 6.46
N TYR C 268 23.26 -18.20 6.88
CA TYR C 268 23.15 -17.79 8.32
C TYR C 268 22.98 -19.04 9.18
N ALA C 269 21.98 -19.87 8.84
CA ALA C 269 21.65 -21.07 9.64
C ALA C 269 22.85 -22.02 9.66
N ALA C 270 23.51 -22.20 8.52
CA ALA C 270 24.72 -23.06 8.42
C ALA C 270 25.80 -22.56 9.38
N LEU C 271 26.01 -21.24 9.48
CA LEU C 271 27.08 -20.66 10.34
C LEU C 271 26.65 -20.71 11.80
N GLU C 272 25.34 -20.61 12.10
CA GLU C 272 24.84 -20.91 13.47
C GLU C 272 25.21 -22.34 13.86
N GLY C 273 24.98 -23.31 12.98
CA GLY C 273 25.26 -24.73 13.27
C GLY C 273 24.10 -25.44 13.97
N LYS C 274 24.09 -26.74 13.88
CA LYS C 274 23.02 -27.66 14.37
C LYS C 274 22.77 -27.43 15.87
N SER C 275 23.81 -27.39 16.69
CA SER C 275 23.69 -27.26 18.18
C SER C 275 22.97 -25.97 18.59
N ARG C 276 23.42 -24.80 18.11
CA ARG C 276 22.78 -23.49 18.39
C ARG C 276 21.36 -23.51 17.85
N LEU C 277 21.13 -24.01 16.63
CA LEU C 277 19.76 -24.01 16.06
C LEU C 277 18.83 -24.85 16.94
N LEU C 278 19.24 -26.06 17.31
CA LEU C 278 18.36 -26.98 18.08
C LEU C 278 18.15 -26.46 19.50
N ASN C 279 19.16 -25.79 20.08
CA ASN C 279 19.04 -25.21 21.44
C ASN C 279 17.96 -24.10 21.45
N ARG C 280 17.99 -23.16 20.48
N ARG C 280 17.97 -23.20 20.46
CA ARG C 280 16.97 -22.08 20.36
CA ARG C 280 16.98 -22.10 20.36
C ARG C 280 15.60 -22.75 20.13
C ARG C 280 15.60 -22.70 20.07
N HIS C 281 15.55 -23.73 19.22
CA HIS C 281 14.31 -24.47 18.89
C HIS C 281 13.70 -25.03 20.18
N MET C 282 14.54 -25.72 20.97
N MET C 282 14.52 -25.71 20.99
CA MET C 282 14.14 -26.36 22.25
CA MET C 282 14.06 -26.37 22.25
C MET C 282 13.60 -25.31 23.22
C MET C 282 13.60 -25.30 23.25
N GLN C 283 14.30 -24.18 23.33
CA GLN C 283 13.94 -23.09 24.28
C GLN C 283 12.53 -22.59 23.97
N GLU C 284 12.20 -22.41 22.69
CA GLU C 284 10.89 -21.86 22.28
C GLU C 284 9.82 -22.92 22.52
N TRP C 285 10.10 -24.19 22.25
CA TRP C 285 9.11 -25.27 22.48
C TRP C 285 8.86 -25.43 23.99
N ASN C 286 9.92 -25.34 24.79
CA ASN C 286 9.83 -25.45 26.27
C ASN C 286 8.86 -24.38 26.79
N SER C 287 8.95 -23.17 26.25
N SER C 287 8.96 -23.16 26.24
CA SER C 287 8.08 -22.02 26.61
CA SER C 287 8.10 -22.00 26.59
C SER C 287 6.63 -22.35 26.25
C SER C 287 6.64 -22.30 26.23
N LEU C 288 6.39 -22.85 25.04
CA LEU C 288 5.01 -23.22 24.65
C LEU C 288 4.45 -24.24 25.64
N TRP C 289 5.25 -25.21 26.09
CA TRP C 289 4.72 -26.29 26.95
C TRP C 289 4.63 -25.88 28.44
N GLN C 290 4.93 -24.62 28.77
N GLN C 290 4.97 -24.62 28.76
CA GLN C 290 4.67 -24.07 30.13
CA GLN C 290 4.69 -24.04 30.10
C GLN C 290 3.16 -23.86 30.31
C GLN C 290 3.18 -24.05 30.32
N SER C 291 2.40 -23.96 29.23
CA SER C 291 0.92 -24.15 29.26
C SER C 291 0.59 -25.56 28.77
N ASP C 292 0.04 -26.39 29.65
CA ASP C 292 -0.05 -27.85 29.43
C ASP C 292 -1.32 -28.39 30.12
N ILE C 293 -1.76 -29.57 29.72
CA ILE C 293 -2.90 -30.29 30.32
C ILE C 293 -2.41 -31.69 30.69
N GLN C 294 -2.46 -32.00 31.98
CA GLN C 294 -1.97 -33.28 32.55
C GLN C 294 -3.19 -34.06 33.06
N VAL C 295 -3.39 -35.28 32.56
CA VAL C 295 -4.48 -36.20 32.99
C VAL C 295 -3.87 -37.42 33.69
N GLU C 296 -4.27 -37.69 34.93
CA GLU C 296 -3.90 -38.93 35.66
C GLU C 296 -5.04 -39.94 35.48
N GLY C 297 -4.73 -41.18 35.11
CA GLY C 297 -5.71 -42.27 35.10
C GLY C 297 -6.19 -42.66 33.71
N ASP C 298 -5.65 -42.04 32.66
CA ASP C 298 -6.14 -42.26 31.28
C ASP C 298 -5.01 -41.91 30.33
N PRO C 299 -4.03 -42.83 30.15
CA PRO C 299 -2.89 -42.54 29.30
C PRO C 299 -3.31 -42.17 27.87
N GLN C 300 -4.39 -42.76 27.34
CA GLN C 300 -4.80 -42.46 25.94
C GLN C 300 -5.32 -41.03 25.87
N ALA C 301 -6.11 -40.59 26.84
CA ALA C 301 -6.61 -39.20 26.91
C ALA C 301 -5.43 -38.22 27.04
N GLN C 302 -4.45 -38.55 27.89
CA GLN C 302 -3.26 -37.68 28.10
C GLN C 302 -2.57 -37.50 26.75
N GLN C 303 -2.36 -38.59 26.00
CA GLN C 303 -1.65 -38.49 24.71
C GLN C 303 -2.49 -37.70 23.69
N ASP C 304 -3.79 -38.01 23.60
CA ASP C 304 -4.71 -37.37 22.65
C ASP C 304 -4.73 -35.86 22.89
N ILE C 305 -4.82 -35.45 24.15
CA ILE C 305 -4.93 -34.02 24.51
C ILE C 305 -3.59 -33.33 24.22
N ARG C 306 -2.49 -33.98 24.51
CA ARG C 306 -1.14 -33.46 24.15
C ARG C 306 -1.08 -33.28 22.63
N SER C 307 -1.61 -34.23 21.86
CA SER C 307 -1.59 -34.13 20.37
C SER C 307 -2.40 -32.89 19.96
N MET C 308 -3.54 -32.65 20.59
CA MET C 308 -4.38 -31.47 20.28
C MET C 308 -3.60 -30.18 20.56
N LEU C 309 -3.03 -30.04 21.75
CA LEU C 309 -2.19 -28.86 22.10
C LEU C 309 -1.03 -28.73 21.12
N TYR C 310 -0.36 -29.84 20.82
CA TYR C 310 0.84 -29.85 19.95
C TYR C 310 0.45 -29.29 18.57
N HIS C 311 -0.70 -29.68 18.03
CA HIS C 311 -1.13 -29.24 16.67
C HIS C 311 -1.51 -27.77 16.71
N LEU C 312 -2.21 -27.31 17.75
CA LEU C 312 -2.54 -25.86 17.82
C LEU C 312 -1.25 -25.05 17.97
N TYR C 313 -0.31 -25.50 18.82
CA TYR C 313 0.97 -24.79 19.01
C TYR C 313 1.78 -24.78 17.71
N SER C 314 1.74 -25.87 16.95
CA SER C 314 2.50 -25.98 15.67
C SER C 314 1.89 -25.12 14.57
N PHE C 315 0.57 -24.91 14.61
CA PHE C 315 -0.21 -24.27 13.52
C PHE C 315 -0.50 -22.81 13.84
N THR C 316 0.17 -22.23 14.83
CA THR C 316 -0.01 -20.81 15.19
C THR C 316 1.36 -20.22 15.43
N ARG C 317 1.46 -18.91 15.56
CA ARG C 317 2.76 -18.25 15.82
C ARG C 317 2.52 -16.93 16.52
N LYS C 318 3.05 -16.78 17.73
CA LYS C 318 3.00 -15.49 18.47
C LYS C 318 3.67 -14.41 17.63
N SER C 319 3.30 -13.16 17.89
CA SER C 319 3.98 -11.95 17.35
C SER C 319 3.86 -11.88 15.83
N THR C 320 2.73 -12.32 15.28
CA THR C 320 2.46 -12.28 13.82
C THR C 320 1.03 -11.77 13.59
N SER C 321 0.60 -11.79 12.33
CA SER C 321 -0.79 -11.54 11.88
C SER C 321 -1.30 -12.80 11.18
N LEU C 322 -0.74 -13.95 11.55
CA LEU C 322 -1.13 -15.28 10.98
C LEU C 322 -2.32 -15.83 11.75
N SER C 323 -3.21 -16.44 11.02
CA SER C 323 -4.36 -17.19 11.58
C SER C 323 -4.42 -18.55 10.90
N PRO C 324 -4.75 -19.61 11.65
CA PRO C 324 -4.83 -20.95 11.08
C PRO C 324 -6.07 -21.20 10.23
N SER C 325 -5.90 -22.02 9.19
CA SER C 325 -7.01 -22.63 8.45
C SER C 325 -7.57 -23.75 9.31
N PRO C 326 -8.72 -24.32 8.94
CA PRO C 326 -9.28 -25.45 9.68
C PRO C 326 -8.33 -26.65 9.76
N MET C 327 -7.37 -26.74 8.82
CA MET C 327 -6.38 -27.83 8.75
C MET C 327 -4.98 -27.31 9.09
N GLY C 328 -4.87 -26.10 9.60
CA GLY C 328 -3.57 -25.51 9.96
C GLY C 328 -2.57 -25.65 8.82
N LEU C 329 -1.39 -26.20 9.11
CA LEU C 329 -0.34 -26.42 8.06
C LEU C 329 -0.17 -27.92 7.79
N SER C 330 -1.25 -28.70 7.94
CA SER C 330 -1.24 -30.16 7.68
C SER C 330 -1.47 -30.47 6.19
N GLY C 331 -1.69 -29.45 5.37
CA GLY C 331 -2.01 -29.64 3.95
C GLY C 331 -2.91 -28.53 3.46
N LEU C 332 -3.62 -28.77 2.37
N LEU C 332 -3.65 -28.80 2.39
CA LEU C 332 -4.44 -27.77 1.65
CA LEU C 332 -4.42 -27.82 1.63
C LEU C 332 -5.91 -27.85 2.05
C LEU C 332 -5.87 -27.75 2.12
N GLY C 333 -6.23 -28.44 3.22
CA GLY C 333 -7.62 -28.48 3.68
C GLY C 333 -8.27 -27.10 3.61
N TYR C 334 -9.46 -27.01 3.01
CA TYR C 334 -10.24 -25.76 2.84
C TYR C 334 -9.35 -24.64 2.30
N ASN C 335 -8.37 -25.02 1.46
CA ASN C 335 -7.58 -24.06 0.64
C ASN C 335 -6.68 -23.18 1.53
N GLY C 336 -6.52 -23.53 2.80
CA GLY C 336 -5.75 -22.72 3.75
C GLY C 336 -6.51 -21.46 4.17
N HIS C 337 -7.81 -21.36 3.85
CA HIS C 337 -8.60 -20.15 4.19
C HIS C 337 -8.84 -20.09 5.71
N VAL C 338 -9.05 -18.89 6.17
CA VAL C 338 -9.39 -18.60 7.59
C VAL C 338 -10.91 -18.42 7.66
N PHE C 339 -11.49 -19.12 8.63
CA PHE C 339 -12.93 -19.17 8.94
C PHE C 339 -13.14 -18.80 10.41
N TRP C 340 -14.41 -18.72 10.80
CA TRP C 340 -14.81 -18.60 12.22
C TRP C 340 -14.27 -19.79 13.03
N ASP C 341 -13.85 -20.85 12.37
CA ASP C 341 -13.08 -21.96 12.97
C ASP C 341 -11.96 -21.40 13.84
N THR C 342 -11.35 -20.27 13.45
CA THR C 342 -10.37 -19.66 14.35
C THR C 342 -11.11 -19.01 15.51
N GLU C 343 -11.93 -18.00 15.24
CA GLU C 343 -12.47 -17.13 16.31
C GLU C 343 -13.17 -17.97 17.39
N ILE C 344 -13.99 -18.93 17.00
CA ILE C 344 -14.89 -19.64 17.97
C ILE C 344 -14.27 -20.99 18.40
N TRP C 345 -13.38 -21.62 17.63
CA TRP C 345 -12.97 -23.02 17.90
C TRP C 345 -11.50 -23.08 18.34
N MET C 346 -10.56 -22.48 17.60
CA MET C 346 -9.11 -22.58 17.94
C MET C 346 -8.67 -21.43 18.85
N PHE C 347 -9.30 -20.27 18.73
CA PHE C 347 -8.90 -19.05 19.47
C PHE C 347 -9.14 -19.21 20.97
N PRO C 348 -10.32 -19.63 21.47
CA PRO C 348 -10.56 -19.64 22.93
C PRO C 348 -9.55 -20.44 23.73
N PRO C 349 -9.19 -21.69 23.40
CA PRO C 349 -8.20 -22.41 24.20
C PRO C 349 -6.83 -21.73 24.14
N MET C 350 -6.48 -21.13 23.00
CA MET C 350 -5.17 -20.43 22.88
C MET C 350 -5.21 -19.13 23.69
N LEU C 351 -6.34 -18.44 23.77
CA LEU C 351 -6.44 -17.19 24.56
C LEU C 351 -6.14 -17.49 26.03
N LEU C 352 -6.63 -18.62 26.53
CA LEU C 352 -6.46 -18.98 27.97
C LEU C 352 -5.04 -19.46 28.23
N LEU C 353 -4.42 -20.19 27.29
CA LEU C 353 -3.10 -20.84 27.52
C LEU C 353 -1.95 -19.92 27.11
N HIS C 354 -2.11 -19.18 26.02
CA HIS C 354 -1.05 -18.33 25.42
C HIS C 354 -1.71 -17.15 24.74
N PRO C 355 -2.12 -16.11 25.49
CA PRO C 355 -2.82 -14.98 24.88
C PRO C 355 -2.09 -14.37 23.67
N GLU C 356 -0.77 -14.48 23.61
CA GLU C 356 0.03 -13.89 22.49
C GLU C 356 -0.28 -14.67 21.20
N ILE C 357 -0.69 -15.94 21.27
CA ILE C 357 -1.17 -16.66 20.06
C ILE C 357 -2.54 -16.09 19.65
N ALA C 358 -3.43 -15.91 20.61
CA ALA C 358 -4.76 -15.31 20.39
C ALA C 358 -4.54 -13.92 19.77
N LYS C 359 -3.50 -13.20 20.20
CA LYS C 359 -3.26 -11.82 19.71
C LYS C 359 -2.97 -11.88 18.21
N SER C 360 -2.18 -12.85 17.77
CA SER C 360 -1.85 -13.08 16.32
C SER C 360 -3.13 -13.36 15.53
N MET C 361 -3.98 -14.25 16.04
CA MET C 361 -5.24 -14.62 15.38
C MET C 361 -6.11 -13.39 15.15
N ILE C 362 -6.28 -12.54 16.16
CA ILE C 362 -7.17 -11.36 16.01
C ILE C 362 -6.43 -10.28 15.20
N GLU C 363 -5.10 -10.24 15.26
CA GLU C 363 -4.29 -9.29 14.44
C GLU C 363 -4.57 -9.57 12.95
N TYR C 364 -4.70 -10.83 12.59
CA TYR C 364 -5.07 -11.25 11.21
C TYR C 364 -6.31 -10.47 10.75
N ARG C 365 -7.34 -10.44 11.59
CA ARG C 365 -8.61 -9.74 11.29
C ARG C 365 -8.40 -8.24 11.32
N TYR C 366 -7.68 -7.72 12.32
CA TYR C 366 -7.50 -6.25 12.42
C TYR C 366 -6.90 -5.72 11.11
N GLN C 367 -5.88 -6.41 10.60
N GLN C 367 -5.90 -6.41 10.58
CA GLN C 367 -5.13 -6.02 9.38
CA GLN C 367 -5.15 -5.95 9.36
C GLN C 367 -6.05 -6.06 8.15
C GLN C 367 -5.99 -6.17 8.11
N ARG C 368 -7.14 -6.83 8.24
CA ARG C 368 -8.09 -7.07 7.13
C ARG C 368 -9.41 -6.34 7.35
N LEU C 369 -9.42 -5.34 8.25
CA LEU C 369 -10.64 -4.56 8.53
C LEU C 369 -11.05 -3.79 7.27
N ASP C 370 -10.12 -3.22 6.52
CA ASP C 370 -10.48 -2.43 5.30
C ASP C 370 -11.10 -3.35 4.25
N ALA C 371 -10.64 -4.58 4.10
CA ALA C 371 -11.27 -5.52 3.15
C ALA C 371 -12.70 -5.86 3.60
N ALA C 372 -12.94 -5.93 4.92
CA ALA C 372 -14.29 -6.22 5.47
C ALA C 372 -15.19 -5.00 5.22
N ARG C 373 -14.65 -3.79 5.33
CA ARG C 373 -15.44 -2.58 5.01
C ARG C 373 -15.80 -2.62 3.52
N LYS C 374 -14.87 -3.03 2.67
CA LYS C 374 -15.12 -3.12 1.21
C LYS C 374 -16.21 -4.17 0.93
N LYS C 375 -16.16 -5.32 1.60
CA LYS C 375 -17.18 -6.36 1.39
C LYS C 375 -18.55 -5.80 1.77
N ALA C 376 -18.66 -5.13 2.91
CA ALA C 376 -19.96 -4.62 3.37
C ALA C 376 -20.52 -3.68 2.31
N ALA C 377 -19.69 -2.82 1.74
CA ALA C 377 -20.16 -1.83 0.75
C ALA C 377 -20.65 -2.55 -0.51
N ILE C 378 -19.94 -3.57 -0.95
CA ILE C 378 -20.31 -4.33 -2.18
C ILE C 378 -21.68 -5.01 -1.97
N TYR C 379 -21.97 -5.47 -0.76
CA TYR C 379 -23.20 -6.23 -0.44
C TYR C 379 -24.26 -5.30 0.17
N GLY C 380 -24.04 -3.99 0.20
CA GLY C 380 -25.11 -3.01 0.50
C GLY C 380 -25.29 -2.79 2.00
N TYR C 381 -24.23 -2.97 2.79
CA TYR C 381 -24.26 -2.76 4.25
C TYR C 381 -23.27 -1.71 4.67
N ASP C 382 -23.39 -1.30 5.94
N ASP C 382 -23.38 -1.32 5.93
CA ASP C 382 -22.49 -0.35 6.63
CA ASP C 382 -22.45 -0.36 6.59
C ASP C 382 -21.37 -1.13 7.33
C ASP C 382 -21.36 -1.14 7.33
N GLY C 383 -20.33 -0.43 7.75
CA GLY C 383 -19.30 -0.97 8.67
C GLY C 383 -18.45 -2.04 8.01
N ALA C 384 -18.10 -3.06 8.78
CA ALA C 384 -17.18 -4.16 8.37
C ALA C 384 -17.97 -5.47 8.35
N MET C 385 -17.98 -6.09 7.18
CA MET C 385 -18.61 -7.40 6.97
C MET C 385 -17.45 -8.36 6.69
N PHE C 386 -17.01 -9.07 7.71
CA PHE C 386 -15.89 -10.04 7.52
C PHE C 386 -16.35 -11.15 6.59
N PRO C 387 -15.43 -11.67 5.76
CA PRO C 387 -15.77 -12.70 4.79
C PRO C 387 -15.96 -14.05 5.49
N TRP C 388 -16.76 -14.90 4.86
CA TRP C 388 -16.95 -16.30 5.31
C TRP C 388 -15.59 -16.99 5.27
N GLU C 389 -14.85 -16.79 4.17
CA GLU C 389 -13.48 -17.37 4.02
C GLU C 389 -12.52 -16.25 3.66
N SER C 390 -11.40 -16.20 4.38
CA SER C 390 -10.38 -15.14 4.21
C SER C 390 -9.04 -15.77 3.85
N ALA C 391 -8.23 -15.03 3.10
CA ALA C 391 -6.86 -15.49 2.79
C ALA C 391 -5.92 -14.30 2.84
N ASP C 392 -5.26 -13.94 1.74
CA ASP C 392 -4.25 -12.85 1.79
C ASP C 392 -4.92 -11.50 2.01
N SER C 393 -5.85 -11.08 1.16
CA SER C 393 -6.35 -9.69 1.13
C SER C 393 -7.31 -9.40 2.29
N GLY C 394 -8.03 -10.40 2.79
CA GLY C 394 -9.21 -10.23 3.66
C GLY C 394 -10.52 -10.04 2.89
N ALA C 395 -10.49 -10.11 1.56
CA ALA C 395 -11.70 -10.16 0.72
C ALA C 395 -12.32 -11.56 0.83
N GLU C 396 -13.55 -11.67 0.40
CA GLU C 396 -14.27 -12.95 0.35
C GLU C 396 -13.57 -13.95 -0.60
N GLU C 397 -13.25 -15.13 -0.11
CA GLU C 397 -12.56 -16.19 -0.87
C GLU C 397 -13.37 -17.49 -0.93
N THR C 398 -14.61 -17.54 -0.47
CA THR C 398 -15.44 -18.76 -0.53
C THR C 398 -15.68 -19.14 -1.98
N PRO C 399 -15.55 -20.42 -2.34
CA PRO C 399 -15.93 -20.89 -3.68
C PRO C 399 -17.37 -20.46 -3.99
N VAL C 400 -17.62 -20.01 -5.21
CA VAL C 400 -18.92 -19.33 -5.51
C VAL C 400 -20.05 -20.36 -5.48
N ASN C 401 -19.73 -21.65 -5.64
CA ASN C 401 -20.75 -22.72 -5.65
C ASN C 401 -21.24 -22.95 -4.23
N ALA C 402 -20.59 -22.43 -3.20
CA ALA C 402 -21.02 -22.61 -1.79
C ALA C 402 -21.77 -21.35 -1.34
N LEU C 403 -23.05 -21.51 -0.95
CA LEU C 403 -23.88 -20.33 -0.59
C LEU C 403 -23.39 -19.68 0.71
N THR C 404 -22.53 -20.37 1.46
CA THR C 404 -21.94 -19.82 2.71
C THR C 404 -21.29 -18.45 2.42
N GLY C 405 -20.63 -18.32 1.28
CA GLY C 405 -19.79 -17.12 1.02
C GLY C 405 -20.63 -15.87 0.97
N ALA C 406 -21.77 -15.94 0.31
CA ALA C 406 -22.68 -14.80 0.13
C ALA C 406 -23.61 -14.65 1.35
N PHE C 407 -23.94 -15.74 2.07
CA PHE C 407 -25.11 -15.76 2.98
C PHE C 407 -24.80 -16.12 4.43
N GLU C 408 -23.67 -16.71 4.75
CA GLU C 408 -23.41 -17.11 6.16
C GLU C 408 -22.74 -15.96 6.89
N HIS C 409 -23.51 -15.08 7.48
CA HIS C 409 -23.04 -13.75 7.94
C HIS C 409 -22.58 -13.74 9.38
N HIS C 410 -22.77 -14.83 10.13
CA HIS C 410 -22.42 -14.80 11.58
C HIS C 410 -20.91 -14.57 11.80
N VAL C 411 -20.07 -14.84 10.80
CA VAL C 411 -18.60 -14.66 10.92
C VAL C 411 -18.27 -13.24 11.42
N THR C 412 -19.04 -12.22 11.01
CA THR C 412 -18.78 -10.84 11.47
C THR C 412 -18.94 -10.78 12.99
N GLY C 413 -20.00 -11.37 13.52
CA GLY C 413 -20.22 -11.42 14.98
C GLY C 413 -19.12 -12.22 15.67
N ASP C 414 -18.68 -13.31 15.06
CA ASP C 414 -17.65 -14.20 15.62
C ASP C 414 -16.34 -13.42 15.80
N VAL C 415 -15.99 -12.59 14.82
CA VAL C 415 -14.74 -11.79 14.91
C VAL C 415 -14.88 -10.78 16.05
N ALA C 416 -16.03 -10.13 16.16
CA ALA C 416 -16.32 -9.17 17.27
C ALA C 416 -16.20 -9.88 18.63
N ILE C 417 -16.79 -11.07 18.77
CA ILE C 417 -16.74 -11.83 20.05
C ILE C 417 -15.28 -12.10 20.43
N ALA C 418 -14.47 -12.63 19.51
CA ALA C 418 -13.04 -12.93 19.79
C ALA C 418 -12.32 -11.64 20.19
N ALA C 419 -12.59 -10.52 19.51
CA ALA C 419 -11.94 -9.21 19.79
C ALA C 419 -12.24 -8.82 21.24
N TRP C 420 -13.50 -8.91 21.62
CA TRP C 420 -13.95 -8.52 23.00
C TRP C 420 -13.34 -9.50 24.01
N GLN C 421 -13.35 -10.81 23.72
CA GLN C 421 -12.73 -11.80 24.65
C GLN C 421 -11.23 -11.50 24.81
N TYR C 422 -10.52 -11.14 23.75
CA TYR C 422 -9.08 -10.80 23.86
C TYR C 422 -8.91 -9.73 24.95
N TYR C 423 -9.71 -8.68 24.90
CA TYR C 423 -9.64 -7.59 25.90
C TYR C 423 -10.01 -8.12 27.28
N LEU C 424 -11.10 -8.89 27.40
CA LEU C 424 -11.54 -9.42 28.73
C LEU C 424 -10.39 -10.19 29.38
N VAL C 425 -9.66 -10.99 28.61
CA VAL C 425 -8.64 -11.91 29.22
C VAL C 425 -7.35 -11.14 29.50
N THR C 426 -6.90 -10.22 28.63
CA THR C 426 -5.60 -9.52 28.79
C THR C 426 -5.76 -8.22 29.59
N GLY C 427 -6.91 -7.56 29.49
CA GLY C 427 -7.15 -6.21 30.03
C GLY C 427 -6.31 -5.14 29.35
N ASP C 428 -5.81 -5.37 28.14
CA ASP C 428 -4.96 -4.43 27.38
C ASP C 428 -5.85 -3.34 26.77
N LYS C 429 -6.00 -2.22 27.47
CA LYS C 429 -6.87 -1.10 27.06
C LYS C 429 -6.26 -0.37 25.86
N GLU C 430 -4.94 -0.34 25.75
CA GLU C 430 -4.22 0.26 24.59
C GLU C 430 -4.55 -0.54 23.32
N TRP C 431 -4.54 -1.87 23.41
CA TRP C 431 -4.98 -2.74 22.29
C TRP C 431 -6.48 -2.50 22.02
N LEU C 432 -7.30 -2.34 23.06
CA LEU C 432 -8.74 -2.09 22.84
C LEU C 432 -8.90 -0.79 22.04
N LYS C 433 -8.15 0.25 22.39
CA LYS C 433 -8.26 1.57 21.73
C LYS C 433 -7.78 1.44 20.28
N GLU C 434 -6.62 0.80 20.06
CA GLU C 434 -5.96 0.82 18.72
C GLU C 434 -6.62 -0.20 17.77
N LYS C 435 -7.12 -1.33 18.27
CA LYS C 435 -7.51 -2.49 17.40
C LYS C 435 -8.87 -3.09 17.75
N GLY C 436 -9.16 -3.36 19.03
CA GLY C 436 -10.44 -3.94 19.42
C GLY C 436 -11.61 -3.05 19.02
N TRP C 437 -11.55 -1.77 19.39
CA TRP C 437 -12.66 -0.82 19.12
C TRP C 437 -12.87 -0.64 17.61
N PRO C 438 -11.82 -0.41 16.78
CA PRO C 438 -12.03 -0.35 15.33
C PRO C 438 -12.83 -1.58 14.85
N ILE C 439 -12.45 -2.76 15.32
CA ILE C 439 -13.21 -4.00 14.95
C ILE C 439 -14.64 -3.93 15.50
N LEU C 440 -14.81 -3.68 16.79
CA LEU C 440 -16.15 -3.79 17.41
C LEU C 440 -17.07 -2.70 16.85
N LYS C 441 -16.57 -1.50 16.65
CA LYS C 441 -17.40 -0.39 16.13
C LYS C 441 -17.87 -0.74 14.70
N ALA C 442 -16.95 -1.16 13.83
CA ALA C 442 -17.29 -1.41 12.40
C ALA C 442 -18.25 -2.61 12.31
N THR C 443 -18.02 -3.68 13.07
CA THR C 443 -18.90 -4.87 13.04
C THR C 443 -20.26 -4.53 13.63
N ALA C 444 -20.34 -3.69 14.67
CA ALA C 444 -21.65 -3.28 15.17
C ALA C 444 -22.40 -2.46 14.11
N GLU C 445 -21.70 -1.56 13.42
CA GLU C 445 -22.31 -0.74 12.35
C GLU C 445 -22.87 -1.67 11.28
N PHE C 446 -22.19 -2.77 10.99
CA PHE C 446 -22.69 -3.78 10.02
C PHE C 446 -24.03 -4.33 10.54
N TRP C 447 -24.08 -4.84 11.76
CA TRP C 447 -25.32 -5.47 12.28
C TRP C 447 -26.45 -4.43 12.33
N ALA C 448 -26.16 -3.20 12.72
CA ALA C 448 -27.21 -2.15 12.76
C ALA C 448 -27.82 -1.97 11.36
N SER C 449 -27.04 -2.14 10.29
CA SER C 449 -27.50 -2.01 8.87
C SER C 449 -28.09 -3.31 8.36
N ARG C 450 -27.81 -4.45 9.01
CA ARG C 450 -28.19 -5.80 8.54
C ARG C 450 -29.58 -6.18 9.04
N VAL C 451 -29.98 -5.72 10.24
CA VAL C 451 -31.29 -6.06 10.82
C VAL C 451 -32.39 -5.31 10.06
N GLU C 452 -33.60 -5.85 10.11
CA GLU C 452 -34.87 -5.23 9.64
C GLU C 452 -35.84 -5.16 10.81
N LYS C 453 -36.40 -3.99 11.07
CA LYS C 453 -37.43 -3.83 12.14
C LYS C 453 -38.78 -4.29 11.57
N ASN C 454 -39.54 -5.08 12.32
CA ASN C 454 -40.86 -5.56 11.86
C ASN C 454 -41.95 -4.72 12.54
N ASP C 455 -43.21 -4.98 12.17
CA ASP C 455 -44.42 -4.28 12.68
C ASP C 455 -44.48 -4.34 14.21
N LYS C 456 -44.02 -5.43 14.81
CA LYS C 456 -44.09 -5.68 16.28
C LYS C 456 -42.93 -4.97 17.01
N GLY C 457 -42.05 -4.29 16.28
CA GLY C 457 -40.86 -3.58 16.82
C GLY C 457 -39.71 -4.52 17.13
N GLU C 458 -39.76 -5.77 16.67
CA GLU C 458 -38.66 -6.75 16.83
C GLU C 458 -37.68 -6.52 15.68
N TYR C 459 -36.43 -6.96 15.85
CA TYR C 459 -35.41 -6.90 14.77
C TYR C 459 -35.14 -8.30 14.25
N GLU C 460 -35.21 -8.42 12.94
CA GLU C 460 -35.04 -9.70 12.22
C GLU C 460 -33.74 -9.63 11.40
N ILE C 461 -33.14 -10.79 11.21
CA ILE C 461 -32.00 -10.98 10.27
C ILE C 461 -32.45 -12.04 9.28
N LYS C 462 -32.88 -11.61 8.10
CA LYS C 462 -33.52 -12.47 7.10
C LYS C 462 -32.51 -12.94 6.06
N ASN C 463 -32.74 -14.14 5.55
CA ASN C 463 -32.05 -14.71 4.37
C ASN C 463 -30.56 -14.88 4.66
N VAL C 464 -30.25 -15.87 5.50
CA VAL C 464 -28.87 -16.28 5.81
C VAL C 464 -28.74 -17.79 5.60
N VAL C 465 -27.49 -18.22 5.58
CA VAL C 465 -27.11 -19.63 5.81
C VAL C 465 -26.82 -19.76 7.29
N ALA C 466 -27.42 -20.77 7.93
CA ALA C 466 -27.27 -20.94 9.39
C ALA C 466 -25.89 -21.53 9.71
N ALA C 467 -25.45 -21.40 10.96
CA ALA C 467 -24.30 -22.19 11.48
C ALA C 467 -24.53 -23.67 11.11
N ASP C 468 -25.76 -24.15 11.28
CA ASP C 468 -26.20 -25.41 10.63
C ASP C 468 -26.28 -25.16 9.13
N GLU C 469 -25.18 -25.39 8.40
CA GLU C 469 -25.07 -24.95 6.99
C GLU C 469 -25.99 -25.75 6.07
N TRP C 470 -26.67 -26.78 6.56
CA TRP C 470 -27.71 -27.47 5.75
C TRP C 470 -28.96 -26.61 5.60
N ALA C 471 -29.12 -25.60 6.45
CA ALA C 471 -30.26 -24.64 6.44
C ALA C 471 -29.81 -23.40 5.68
N GLU C 472 -30.23 -23.29 4.43
CA GLU C 472 -29.74 -22.22 3.53
C GLU C 472 -30.89 -21.28 3.16
N ASN C 473 -30.64 -19.98 3.20
CA ASN C 473 -31.61 -18.94 2.76
C ASN C 473 -32.84 -19.07 3.65
N ILE C 474 -32.59 -19.09 4.95
CA ILE C 474 -33.65 -19.08 5.99
C ILE C 474 -33.55 -17.80 6.83
N ASP C 475 -34.51 -17.61 7.74
CA ASP C 475 -34.64 -16.34 8.49
C ASP C 475 -34.43 -16.54 9.98
N ASN C 476 -33.81 -15.56 10.65
CA ASN C 476 -33.67 -15.52 12.13
C ASN C 476 -33.02 -16.82 12.64
N ASN C 477 -31.93 -17.22 12.04
CA ASN C 477 -31.08 -18.31 12.56
C ASN C 477 -30.73 -17.97 14.02
N ALA C 478 -30.94 -18.90 14.94
CA ALA C 478 -30.58 -18.74 16.37
C ALA C 478 -29.13 -18.28 16.54
N TYR C 479 -28.16 -19.01 16.01
CA TYR C 479 -26.74 -18.68 16.27
C TYR C 479 -26.42 -17.29 15.69
N THR C 480 -26.79 -17.07 14.44
CA THR C 480 -26.53 -15.79 13.74
C THR C 480 -27.10 -14.63 14.57
N ASN C 481 -28.37 -14.73 14.95
CA ASN C 481 -29.03 -13.66 15.72
C ASN C 481 -28.29 -13.47 17.05
N GLY C 482 -27.88 -14.55 17.71
CA GLY C 482 -27.12 -14.47 18.97
C GLY C 482 -25.81 -13.73 18.76
N THR C 483 -25.10 -13.98 17.67
CA THR C 483 -23.79 -13.32 17.47
C THR C 483 -24.01 -11.83 17.23
N ALA C 484 -25.09 -11.45 16.55
CA ALA C 484 -25.46 -10.04 16.30
C ALA C 484 -25.71 -9.34 17.64
N ILE C 485 -26.48 -10.00 18.51
CA ILE C 485 -26.77 -9.47 19.88
C ILE C 485 -25.43 -9.24 20.58
N ARG C 486 -24.58 -10.26 20.67
CA ARG C 486 -23.29 -10.15 21.39
C ARG C 486 -22.42 -9.06 20.77
N ASN C 487 -22.36 -8.99 19.44
CA ASN C 487 -21.52 -7.98 18.76
C ASN C 487 -21.98 -6.57 19.16
N LEU C 488 -23.28 -6.32 19.12
CA LEU C 488 -23.85 -4.99 19.46
C LEU C 488 -23.64 -4.69 20.95
N GLN C 489 -23.85 -5.68 21.82
CA GLN C 489 -23.64 -5.50 23.30
C GLN C 489 -22.17 -5.22 23.58
N TYR C 490 -21.25 -5.99 22.99
CA TYR C 490 -19.80 -5.91 23.33
C TYR C 490 -19.27 -4.59 22.78
N ALA C 491 -19.73 -4.15 21.61
CA ALA C 491 -19.30 -2.87 21.01
C ALA C 491 -19.73 -1.73 21.95
N SER C 492 -20.95 -1.83 22.47
CA SER C 492 -21.48 -0.82 23.42
C SER C 492 -20.60 -0.80 24.67
N LYS C 493 -20.29 -1.97 25.24
CA LYS C 493 -19.43 -2.08 26.44
C LYS C 493 -18.06 -1.49 26.15
N CYS C 494 -17.49 -1.79 24.98
CA CYS C 494 -16.15 -1.30 24.59
C CYS C 494 -16.13 0.23 24.56
N ALA C 495 -17.16 0.84 23.95
CA ALA C 495 -17.32 2.31 23.86
C ALA C 495 -17.22 2.90 25.26
N THR C 496 -17.97 2.32 26.21
CA THR C 496 -17.96 2.74 27.64
C THR C 496 -16.54 2.65 28.23
N VAL C 497 -15.86 1.52 28.08
CA VAL C 497 -14.47 1.36 28.60
C VAL C 497 -13.61 2.52 28.08
N LEU C 498 -13.82 2.97 26.84
CA LEU C 498 -12.97 4.01 26.20
C LEU C 498 -13.55 5.42 26.39
N GLY C 499 -14.68 5.57 27.08
CA GLY C 499 -15.24 6.91 27.39
C GLY C 499 -16.01 7.50 26.23
N VAL C 500 -16.47 6.67 25.30
CA VAL C 500 -17.28 7.06 24.11
C VAL C 500 -18.72 6.59 24.36
N ILE C 501 -19.69 7.36 23.88
CA ILE C 501 -21.15 7.01 23.90
C ILE C 501 -21.43 6.23 22.63
N ALA C 502 -21.73 4.94 22.75
CA ALA C 502 -22.10 4.10 21.59
C ALA C 502 -23.47 4.55 21.10
N PRO C 503 -23.76 4.47 19.78
CA PRO C 503 -25.12 4.73 19.28
C PRO C 503 -26.15 3.97 20.12
N LYS C 504 -27.16 4.67 20.66
CA LYS C 504 -28.18 4.02 21.53
C LYS C 504 -28.90 2.90 20.74
N GLU C 505 -28.95 3.03 19.41
CA GLU C 505 -29.58 2.06 18.47
C GLU C 505 -28.97 0.67 18.70
N TRP C 506 -27.68 0.56 19.03
CA TRP C 506 -27.03 -0.77 19.17
C TRP C 506 -27.71 -1.57 20.29
N THR C 507 -27.94 -0.93 21.45
CA THR C 507 -28.58 -1.61 22.59
C THR C 507 -30.06 -1.90 22.26
N LEU C 508 -30.77 -0.94 21.66
CA LEU C 508 -32.20 -1.08 21.28
C LEU C 508 -32.35 -2.29 20.35
N ILE C 509 -31.45 -2.41 19.36
CA ILE C 509 -31.49 -3.55 18.42
C ILE C 509 -31.13 -4.83 19.19
N ALA C 510 -30.04 -4.83 19.94
CA ALA C 510 -29.56 -6.04 20.64
C ALA C 510 -30.70 -6.62 21.48
N ASP C 511 -31.42 -5.74 22.18
CA ASP C 511 -32.46 -6.17 23.15
C ASP C 511 -33.70 -6.72 22.44
N LYS C 512 -33.87 -6.48 21.13
CA LYS C 512 -35.12 -6.87 20.43
C LYS C 512 -34.83 -7.79 19.24
N ILE C 513 -33.58 -8.21 19.00
CA ILE C 513 -33.31 -9.24 17.96
C ILE C 513 -34.06 -10.51 18.32
N LEU C 514 -34.81 -11.09 17.38
CA LEU C 514 -35.68 -12.28 17.60
C LEU C 514 -34.85 -13.54 17.90
N ILE C 515 -35.14 -14.20 19.02
CA ILE C 515 -34.75 -15.61 19.25
C ILE C 515 -36.01 -16.32 19.72
N SER C 516 -36.53 -17.24 18.91
CA SER C 516 -37.88 -17.83 19.10
C SER C 516 -37.77 -19.22 19.71
N LYS C 517 -38.86 -19.64 20.34
CA LYS C 517 -39.01 -21.00 20.91
C LYS C 517 -40.11 -21.72 20.15
N MET C 518 -39.98 -23.03 20.02
CA MET C 518 -41.05 -23.91 19.51
C MET C 518 -42.02 -24.19 20.67
N SER C 519 -43.12 -24.86 20.39
CA SER C 519 -44.22 -25.03 21.38
C SER C 519 -43.73 -25.88 22.57
N ASN C 520 -42.71 -26.71 22.41
CA ASN C 520 -42.09 -27.51 23.51
C ASN C 520 -41.06 -26.70 24.31
N GLY C 521 -40.93 -25.40 24.03
CA GLY C 521 -40.04 -24.49 24.78
C GLY C 521 -38.59 -24.59 24.31
N VAL C 522 -38.33 -25.35 23.24
CA VAL C 522 -36.96 -25.55 22.69
C VAL C 522 -36.65 -24.37 21.75
N THR C 523 -35.44 -23.85 21.87
CA THR C 523 -34.93 -22.76 21.02
C THR C 523 -35.05 -23.21 19.57
N ARG C 524 -35.72 -22.43 18.72
CA ARG C 524 -35.95 -22.77 17.31
C ARG C 524 -34.71 -22.38 16.49
N GLU C 525 -34.20 -23.29 15.66
CA GLU C 525 -32.92 -23.01 14.95
C GLU C 525 -33.09 -21.86 13.95
N HIS C 526 -34.24 -21.78 13.30
CA HIS C 526 -34.62 -20.73 12.33
C HIS C 526 -36.12 -20.79 12.06
N ASP C 527 -36.64 -19.81 11.31
CA ASP C 527 -38.10 -19.59 11.20
C ASP C 527 -38.80 -20.75 10.45
N SER C 528 -38.05 -21.56 9.71
CA SER C 528 -38.53 -22.72 8.90
C SER C 528 -38.20 -24.05 9.61
N TYR C 529 -37.71 -24.01 10.84
CA TYR C 529 -37.18 -25.20 11.52
C TYR C 529 -38.30 -25.88 12.33
N THR C 530 -38.47 -27.19 12.12
CA THR C 530 -39.36 -28.06 12.95
C THR C 530 -38.53 -29.19 13.56
N ASP C 531 -38.08 -30.13 12.74
CA ASP C 531 -37.36 -31.32 13.27
C ASP C 531 -36.31 -31.82 12.27
N GLN C 532 -35.81 -30.95 11.39
CA GLN C 532 -34.84 -31.36 10.36
C GLN C 532 -33.55 -31.82 11.05
N ASN C 533 -32.87 -32.78 10.45
CA ASN C 533 -31.47 -33.06 10.82
C ASN C 533 -30.67 -31.78 10.55
N ILE C 534 -29.61 -31.60 11.33
CA ILE C 534 -28.74 -30.39 11.29
C ILE C 534 -27.31 -30.86 11.13
N LYS C 535 -26.50 -30.01 10.50
CA LYS C 535 -25.11 -30.38 10.17
C LYS C 535 -24.26 -30.38 11.42
N GLN C 536 -24.53 -29.42 12.30
CA GLN C 536 -23.69 -29.15 13.48
C GLN C 536 -24.44 -28.26 14.44
N ALA C 537 -23.86 -28.09 15.63
CA ALA C 537 -24.44 -27.28 16.72
C ALA C 537 -24.74 -25.85 16.23
N ASP C 538 -25.90 -25.33 16.63
CA ASP C 538 -26.41 -24.01 16.21
C ASP C 538 -27.15 -23.43 17.41
N ALA C 539 -28.37 -23.89 17.70
CA ALA C 539 -29.13 -23.41 18.87
C ALA C 539 -28.35 -23.68 20.17
N ASN C 540 -27.66 -24.80 20.27
CA ASN C 540 -26.90 -25.16 21.50
C ASN C 540 -25.74 -24.17 21.69
N LEU C 541 -25.25 -23.50 20.63
CA LEU C 541 -24.14 -22.52 20.77
C LEU C 541 -24.61 -21.27 21.52
N LEU C 542 -25.91 -21.02 21.61
CA LEU C 542 -26.47 -19.91 22.44
C LEU C 542 -26.19 -20.16 23.92
N ALA C 543 -26.03 -21.42 24.33
CA ALA C 543 -25.65 -21.79 25.71
C ALA C 543 -24.14 -21.61 25.85
N TYR C 544 -23.35 -22.28 25.02
CA TYR C 544 -21.88 -22.06 24.99
C TYR C 544 -21.49 -22.07 23.53
N PRO C 545 -20.73 -21.07 23.02
CA PRO C 545 -20.07 -20.06 23.83
C PRO C 545 -20.80 -18.76 24.17
N LEU C 546 -21.99 -18.50 23.61
CA LEU C 546 -22.56 -17.15 23.65
C LEU C 546 -23.04 -16.82 25.06
N LYS C 547 -23.47 -17.84 25.81
CA LYS C 547 -24.02 -17.70 27.18
C LYS C 547 -25.24 -16.76 27.17
N LEU C 548 -25.98 -16.70 26.06
CA LEU C 548 -27.29 -16.00 26.01
C LEU C 548 -28.33 -16.87 26.74
N ILE C 549 -28.12 -18.19 26.76
CA ILE C 549 -28.99 -19.14 27.50
C ILE C 549 -28.18 -19.69 28.68
N THR C 550 -28.58 -19.32 29.91
CA THR C 550 -27.87 -19.66 31.17
C THR C 550 -28.77 -20.54 32.06
N ASP C 551 -30.08 -20.50 31.84
CA ASP C 551 -31.06 -21.33 32.58
C ASP C 551 -30.78 -22.81 32.33
N LYS C 552 -30.51 -23.58 33.39
CA LYS C 552 -30.03 -24.98 33.24
C LYS C 552 -31.13 -25.85 32.61
N GLU C 553 -32.42 -25.58 32.89
CA GLU C 553 -33.54 -26.35 32.30
C GLU C 553 -33.64 -26.05 30.80
N GLN C 554 -33.39 -24.80 30.40
CA GLN C 554 -33.42 -24.41 28.96
C GLN C 554 -32.23 -25.05 28.25
N ILE C 555 -31.04 -25.04 28.85
CA ILE C 555 -29.83 -25.70 28.26
C ILE C 555 -30.17 -27.17 28.00
N GLU C 556 -30.74 -27.82 29.03
CA GLU C 556 -31.05 -29.26 28.98
C GLU C 556 -32.13 -29.53 27.92
N ARG C 557 -33.19 -28.72 27.82
CA ARG C 557 -34.29 -28.93 26.84
C ARG C 557 -33.71 -28.85 25.43
N ASP C 558 -32.79 -27.92 25.23
CA ASP C 558 -32.17 -27.69 23.91
C ASP C 558 -31.23 -28.86 23.57
N LEU C 559 -30.46 -29.35 24.54
CA LEU C 559 -29.61 -30.54 24.34
C LEU C 559 -30.50 -31.74 23.99
N LYS C 560 -31.56 -31.99 24.76
CA LYS C 560 -32.40 -33.18 24.52
C LYS C 560 -32.96 -33.13 23.11
N TYR C 561 -33.38 -31.96 22.63
CA TYR C 561 -34.07 -31.88 21.32
C TYR C 561 -33.05 -32.02 20.18
N TYR C 562 -31.89 -31.38 20.30
CA TYR C 562 -30.97 -31.27 19.14
C TYR C 562 -29.89 -32.34 19.15
N GLN C 563 -29.58 -32.99 20.27
CA GLN C 563 -28.35 -33.82 20.33
C GLN C 563 -28.45 -35.00 19.34
N THR C 564 -29.64 -35.51 19.02
CA THR C 564 -29.81 -36.60 18.03
C THR C 564 -30.12 -36.07 16.63
N LYS C 565 -30.08 -34.75 16.41
CA LYS C 565 -30.36 -34.15 15.09
C LYS C 565 -29.12 -34.18 14.19
N ILE C 566 -27.94 -34.46 14.75
CA ILE C 566 -26.68 -34.48 13.96
C ILE C 566 -26.43 -35.90 13.50
N PRO C 567 -26.52 -36.15 12.18
CA PRO C 567 -26.23 -37.49 11.68
C PRO C 567 -24.80 -37.95 11.93
N GLN C 568 -24.58 -39.25 11.86
CA GLN C 568 -23.25 -39.85 12.05
C GLN C 568 -22.36 -39.48 10.88
N SER C 569 -22.88 -39.47 9.65
CA SER C 569 -22.07 -39.24 8.43
C SER C 569 -22.06 -37.77 8.00
N ASP C 570 -20.89 -37.31 7.54
CA ASP C 570 -20.73 -36.04 6.78
C ASP C 570 -21.05 -34.84 7.67
N THR C 571 -20.80 -34.97 8.96
CA THR C 571 -21.02 -33.92 9.98
C THR C 571 -19.69 -33.61 10.64
N PRO C 572 -19.25 -32.34 10.60
CA PRO C 572 -17.89 -32.00 11.02
C PRO C 572 -17.78 -31.94 12.55
N ALA C 573 -16.54 -31.89 13.05
CA ALA C 573 -16.22 -31.94 14.49
C ALA C 573 -16.37 -30.53 15.08
N MET C 574 -17.62 -30.05 15.08
CA MET C 574 -18.01 -28.71 15.56
C MET C 574 -19.33 -28.84 16.34
N THR C 575 -19.48 -29.93 17.10
CA THR C 575 -20.77 -30.22 17.78
C THR C 575 -20.50 -30.89 19.13
N GLN C 576 -19.98 -32.10 19.09
CA GLN C 576 -19.99 -33.00 20.28
C GLN C 576 -19.10 -32.42 21.39
N ALA C 577 -18.07 -31.63 21.06
CA ALA C 577 -17.23 -30.98 22.07
C ALA C 577 -18.08 -29.99 22.88
N ILE C 578 -19.00 -29.29 22.21
CA ILE C 578 -19.94 -28.32 22.85
C ILE C 578 -20.91 -29.11 23.74
N PHE C 579 -21.49 -30.18 23.21
CA PHE C 579 -22.35 -31.09 24.02
C PHE C 579 -21.58 -31.49 25.30
N SER C 580 -20.34 -31.96 25.17
CA SER C 580 -19.49 -32.39 26.32
C SER C 580 -19.40 -31.26 27.33
N LEU C 581 -19.02 -30.08 26.87
CA LEU C 581 -18.75 -28.91 27.74
C LEU C 581 -20.04 -28.58 28.49
N LEU C 582 -21.17 -28.55 27.78
CA LEU C 582 -22.47 -28.20 28.40
C LEU C 582 -22.86 -29.25 29.44
N TYR C 583 -22.68 -30.54 29.16
CA TYR C 583 -22.95 -31.61 30.16
C TYR C 583 -21.98 -31.51 31.34
N SER C 584 -20.72 -31.11 31.13
CA SER C 584 -19.79 -30.80 32.25
C SER C 584 -20.36 -29.66 33.11
N ARG C 585 -20.82 -28.58 32.49
CA ARG C 585 -21.44 -27.42 33.17
C ARG C 585 -22.69 -27.88 33.94
N LEU C 586 -23.42 -28.88 33.42
CA LEU C 586 -24.63 -29.46 34.08
C LEU C 586 -24.23 -30.54 35.12
N GLU C 587 -22.93 -30.79 35.27
CA GLU C 587 -22.33 -31.73 36.26
C GLU C 587 -22.82 -33.15 35.98
N ASP C 588 -22.90 -33.52 34.71
CA ASP C 588 -23.27 -34.89 34.25
C ASP C 588 -22.03 -35.54 33.64
N SER C 589 -21.27 -36.26 34.47
CA SER C 589 -19.96 -36.84 34.12
C SER C 589 -20.13 -37.86 32.99
N ASP C 590 -21.15 -38.72 33.04
CA ASP C 590 -21.31 -39.82 32.05
C ASP C 590 -21.59 -39.21 30.67
N GLN C 591 -22.53 -38.27 30.58
CA GLN C 591 -22.85 -37.62 29.28
C GLN C 591 -21.65 -36.80 28.83
N ALA C 592 -21.01 -36.03 29.72
CA ALA C 592 -19.87 -35.16 29.32
C ALA C 592 -18.76 -36.02 28.71
N TYR C 593 -18.49 -37.17 29.31
CA TYR C 593 -17.37 -38.05 28.85
C TYR C 593 -17.78 -38.76 27.56
N HIS C 594 -19.03 -39.19 27.43
CA HIS C 594 -19.55 -39.82 26.18
C HIS C 594 -19.27 -38.88 24.99
N TRP C 595 -19.65 -37.63 25.15
CA TRP C 595 -19.60 -36.63 24.06
C TRP C 595 -18.14 -36.24 23.79
N PHE C 596 -17.31 -36.15 24.82
CA PHE C 596 -15.85 -35.87 24.68
C PHE C 596 -15.23 -36.92 23.74
N LYS C 597 -15.44 -38.21 24.02
CA LYS C 597 -14.90 -39.28 23.14
C LYS C 597 -15.53 -39.20 21.76
N ASP C 598 -16.83 -39.00 21.68
CA ASP C 598 -17.54 -39.00 20.36
C ASP C 598 -17.05 -37.84 19.49
N ALA C 599 -16.57 -36.77 20.11
CA ALA C 599 -16.14 -35.54 19.40
C ALA C 599 -14.94 -35.81 18.49
N TYR C 600 -14.07 -36.76 18.81
CA TYR C 600 -12.81 -36.92 18.02
C TYR C 600 -12.47 -38.41 17.77
N GLN C 601 -12.77 -39.33 18.68
CA GLN C 601 -12.27 -40.73 18.54
C GLN C 601 -12.81 -41.37 17.26
N PRO C 602 -14.07 -41.15 16.82
CA PRO C 602 -14.54 -41.73 15.56
C PRO C 602 -13.98 -41.07 14.30
N ASN C 603 -13.18 -40.02 14.49
CA ASN C 603 -12.61 -39.20 13.38
C ASN C 603 -11.11 -39.47 13.20
N LEU C 604 -10.54 -40.45 13.90
CA LEU C 604 -9.07 -40.62 13.90
C LEU C 604 -8.60 -41.40 12.67
N ASN C 605 -7.36 -41.13 12.27
CA ASN C 605 -6.68 -41.81 11.16
C ASN C 605 -5.37 -42.36 11.67
N PRO C 606 -4.98 -43.59 11.25
CA PRO C 606 -3.72 -44.18 11.68
C PRO C 606 -2.53 -43.66 10.87
N PRO C 607 -1.29 -43.85 11.36
CA PRO C 607 -1.02 -44.55 12.61
C PRO C 607 -0.81 -43.61 13.81
N PHE C 608 -1.00 -42.31 13.63
CA PHE C 608 -0.67 -41.30 14.68
C PHE C 608 -1.92 -40.68 15.33
N ARG C 609 -3.12 -41.22 15.11
CA ARG C 609 -4.37 -40.68 15.69
C ARG C 609 -4.52 -39.20 15.32
N VAL C 610 -4.24 -38.86 14.07
CA VAL C 610 -4.61 -37.53 13.53
C VAL C 610 -6.13 -37.47 13.41
N ILE C 611 -6.70 -36.25 13.44
CA ILE C 611 -8.17 -36.05 13.45
C ILE C 611 -8.63 -35.58 12.06
N SER C 612 -9.57 -36.32 11.47
CA SER C 612 -10.33 -35.93 10.26
C SER C 612 -11.56 -35.07 10.62
N GLU C 613 -12.07 -34.37 9.62
CA GLU C 613 -13.15 -33.40 9.80
C GLU C 613 -14.43 -34.10 10.31
N CYS C 614 -14.75 -35.24 9.71
CA CYS C 614 -16.00 -35.99 9.99
C CYS C 614 -15.68 -37.41 10.48
N LYS C 615 -16.68 -38.05 11.06
CA LYS C 615 -16.59 -39.47 11.47
C LYS C 615 -16.21 -40.31 10.25
N GLY C 616 -15.16 -41.14 10.38
CA GLY C 616 -14.72 -42.05 9.31
C GLY C 616 -14.10 -41.28 8.16
N GLY C 617 -13.83 -40.00 8.37
CA GLY C 617 -13.25 -39.13 7.32
C GLY C 617 -11.78 -39.45 7.09
N THR C 618 -11.21 -38.91 6.01
CA THR C 618 -9.82 -39.18 5.59
C THR C 618 -9.15 -37.87 5.13
N ASN C 619 -9.43 -36.77 5.82
CA ASN C 619 -8.84 -35.45 5.47
C ASN C 619 -8.23 -34.76 6.67
N PRO C 620 -7.32 -35.41 7.42
CA PRO C 620 -6.70 -34.75 8.58
C PRO C 620 -5.75 -33.65 8.09
N TYR C 621 -5.31 -32.78 8.98
CA TYR C 621 -5.62 -32.71 10.40
C TYR C 621 -6.58 -31.54 10.62
N PHE C 622 -7.78 -31.82 11.15
CA PHE C 622 -8.85 -30.82 11.40
C PHE C 622 -8.60 -30.14 12.75
N SER C 623 -7.73 -29.13 12.73
N SER C 623 -7.76 -29.11 12.76
CA SER C 623 -7.34 -28.30 13.89
CA SER C 623 -7.38 -28.40 14.01
C SER C 623 -8.58 -27.70 14.56
C SER C 623 -8.59 -27.64 14.59
N THR C 624 -9.62 -27.36 13.78
CA THR C 624 -10.91 -26.83 14.31
C THR C 624 -11.46 -27.83 15.34
N GLY C 625 -11.42 -29.11 15.01
CA GLY C 625 -11.98 -30.16 15.90
C GLY C 625 -11.16 -30.27 17.17
N ALA C 626 -9.84 -30.21 17.06
CA ALA C 626 -8.95 -30.17 18.24
C ALA C 626 -9.26 -28.94 19.10
N GLY C 627 -9.46 -27.75 18.50
CA GLY C 627 -9.78 -26.55 19.29
C GLY C 627 -11.07 -26.76 20.07
N GLY C 628 -12.10 -27.34 19.44
CA GLY C 628 -13.37 -27.62 20.13
C GLY C 628 -13.14 -28.55 21.30
N VAL C 629 -12.40 -29.63 21.09
CA VAL C 629 -12.20 -30.64 22.17
C VAL C 629 -11.41 -30.00 23.31
N LEU C 630 -10.41 -29.17 23.00
CA LEU C 630 -9.62 -28.50 24.06
C LEU C 630 -10.54 -27.60 24.88
N GLN C 631 -11.59 -27.00 24.28
CA GLN C 631 -12.55 -26.23 25.10
C GLN C 631 -13.34 -27.20 25.98
N ALA C 632 -13.78 -28.34 25.44
CA ALA C 632 -14.48 -29.36 26.26
C ALA C 632 -13.62 -29.70 27.49
N VAL C 633 -12.29 -29.76 27.33
CA VAL C 633 -11.36 -30.13 28.45
C VAL C 633 -11.14 -28.93 29.40
N ILE C 634 -10.79 -27.76 28.87
CA ILE C 634 -10.39 -26.59 29.70
C ILE C 634 -11.64 -25.94 30.28
N MET C 635 -12.64 -25.63 29.45
CA MET C 635 -13.84 -24.87 29.90
C MET C 635 -14.87 -25.86 30.46
N GLY C 636 -14.87 -27.11 29.98
CA GLY C 636 -15.85 -28.12 30.41
C GLY C 636 -15.33 -28.83 31.64
N PHE C 637 -14.41 -29.77 31.47
CA PHE C 637 -13.90 -30.57 32.61
C PHE C 637 -13.19 -29.66 33.63
N GLY C 638 -12.47 -28.64 33.17
CA GLY C 638 -11.72 -27.73 34.05
C GLY C 638 -12.58 -26.63 34.66
N GLY C 639 -13.79 -26.41 34.12
CA GLY C 639 -14.72 -25.37 34.57
C GLY C 639 -14.22 -23.96 34.32
N LEU C 640 -13.22 -23.76 33.45
CA LEU C 640 -12.65 -22.41 33.23
C LEU C 640 -13.53 -21.64 32.26
N ASP C 641 -13.61 -20.34 32.46
CA ASP C 641 -14.63 -19.50 31.78
C ASP C 641 -14.06 -18.08 31.68
N ILE C 642 -14.36 -17.41 30.58
CA ILE C 642 -14.03 -15.97 30.43
C ILE C 642 -15.11 -15.20 31.19
N ASP C 643 -14.70 -14.50 32.24
CA ASP C 643 -15.60 -13.67 33.09
C ASP C 643 -16.01 -12.43 32.29
N ALA C 644 -17.32 -12.17 32.18
CA ALA C 644 -17.89 -11.02 31.42
C ALA C 644 -17.31 -9.71 31.93
N ALA C 645 -16.88 -9.68 33.20
CA ALA C 645 -16.31 -8.49 33.86
C ALA C 645 -14.79 -8.45 33.72
N GLY C 646 -14.16 -9.46 33.09
CA GLY C 646 -12.70 -9.52 32.90
C GLY C 646 -12.05 -10.70 33.60
N GLY C 647 -11.00 -11.24 32.97
CA GLY C 647 -10.16 -12.35 33.47
C GLY C 647 -10.83 -13.71 33.30
N ILE C 648 -10.28 -14.70 33.99
CA ILE C 648 -10.69 -16.12 33.95
C ILE C 648 -11.32 -16.47 35.30
N LYS C 649 -12.49 -17.10 35.30
CA LYS C 649 -13.14 -17.59 36.54
C LYS C 649 -13.30 -19.11 36.39
N GLN C 650 -13.66 -19.79 37.47
CA GLN C 650 -13.90 -21.24 37.42
C GLN C 650 -15.33 -21.47 37.92
N VAL C 651 -16.15 -22.16 37.11
CA VAL C 651 -17.54 -22.57 37.47
C VAL C 651 -17.55 -24.09 37.78
N LYS C 652 -18.66 -24.59 38.30
CA LYS C 652 -18.83 -26.01 38.66
C LYS C 652 -18.56 -26.89 37.43
N SER C 653 -17.88 -28.02 37.64
CA SER C 653 -17.58 -29.01 36.57
C SER C 653 -17.54 -30.41 37.17
N VAL C 654 -17.41 -31.40 36.31
CA VAL C 654 -17.13 -32.80 36.71
C VAL C 654 -15.98 -33.31 35.85
N LEU C 655 -15.33 -34.40 36.27
CA LEU C 655 -14.36 -35.14 35.45
C LEU C 655 -14.99 -36.43 34.97
N PRO C 656 -14.49 -37.03 33.87
CA PRO C 656 -14.79 -38.43 33.59
C PRO C 656 -14.47 -39.28 34.84
N LYS C 657 -15.29 -40.29 35.08
CA LYS C 657 -15.16 -41.22 36.24
C LYS C 657 -13.72 -41.74 36.35
N ASN C 658 -13.07 -42.03 35.21
CA ASN C 658 -11.77 -42.74 35.13
C ASN C 658 -10.59 -41.75 35.23
N TRP C 659 -10.84 -40.44 35.20
CA TRP C 659 -9.78 -39.41 35.42
C TRP C 659 -9.61 -39.16 36.92
N LYS C 660 -8.41 -39.40 37.44
CA LYS C 660 -8.12 -39.21 38.89
C LYS C 660 -7.73 -37.75 39.12
N LYS C 661 -7.15 -37.08 38.12
CA LYS C 661 -6.72 -35.68 38.29
C LYS C 661 -6.56 -35.04 36.91
N LEU C 662 -7.00 -33.79 36.82
CA LEU C 662 -6.83 -32.93 35.63
C LEU C 662 -6.09 -31.67 36.09
N THR C 663 -4.91 -31.39 35.51
CA THR C 663 -4.07 -30.24 35.87
C THR C 663 -3.87 -29.37 34.62
N ILE C 664 -4.31 -28.13 34.68
CA ILE C 664 -4.21 -27.16 33.57
C ILE C 664 -3.27 -26.04 34.02
N THR C 665 -2.15 -25.84 33.33
CA THR C 665 -1.14 -24.84 33.70
C THR C 665 -1.12 -23.69 32.68
N GLY C 666 -0.65 -22.53 33.14
CA GLY C 666 -0.36 -21.35 32.31
C GLY C 666 -1.63 -20.59 31.91
N ILE C 667 -2.66 -20.56 32.76
CA ILE C 667 -4.00 -20.00 32.41
C ILE C 667 -4.07 -18.52 32.77
N GLY C 668 -4.47 -17.67 31.81
CA GLY C 668 -4.73 -16.24 32.07
C GLY C 668 -3.43 -15.47 32.20
N ILE C 669 -3.48 -14.16 32.42
CA ILE C 669 -2.21 -13.36 32.43
C ILE C 669 -1.48 -13.58 33.76
N GLU C 670 -2.13 -14.20 34.76
CA GLU C 670 -1.49 -14.62 36.04
C GLU C 670 -0.84 -16.01 35.89
N LYS C 671 -1.00 -16.68 34.73
CA LYS C 671 -0.37 -17.99 34.50
C LYS C 671 -0.74 -18.93 35.65
N LYS C 672 -2.02 -19.06 35.94
CA LYS C 672 -2.54 -19.81 37.10
C LYS C 672 -2.55 -21.31 36.73
N THR C 673 -2.27 -22.18 37.71
CA THR C 673 -2.47 -23.64 37.60
C THR C 673 -3.79 -24.01 38.28
N PHE C 674 -4.62 -24.81 37.61
CA PHE C 674 -5.89 -25.34 38.13
C PHE C 674 -5.79 -26.86 38.24
N VAL C 675 -6.10 -27.40 39.42
CA VAL C 675 -6.11 -28.86 39.68
C VAL C 675 -7.54 -29.26 40.03
N LEU C 676 -8.04 -30.32 39.41
CA LEU C 676 -9.39 -30.88 39.63
C LEU C 676 -9.25 -32.36 39.92
N THR C 677 -9.97 -32.84 40.94
CA THR C 677 -10.04 -34.26 41.36
C THR C 677 -11.52 -34.58 41.58
N HIS C 678 -11.86 -35.85 41.77
CA HIS C 678 -13.23 -36.27 42.20
C HIS C 678 -13.47 -35.86 43.66
#